data_7JKH
# 
_entry.id   7JKH 
# 
_audit_conform.dict_name       mmcif_pdbx.dic 
_audit_conform.dict_version    5.380 
_audit_conform.dict_location   http://mmcif.pdb.org/dictionaries/ascii/mmcif_pdbx.dic 
# 
loop_
_database_2.database_id 
_database_2.database_code 
_database_2.pdbx_database_accession 
_database_2.pdbx_DOI 
PDB   7JKH         pdb_00007jkh 10.2210/pdb7jkh/pdb 
WWPDB D_1000250900 ?            ?                   
# 
_pdbx_database_status.status_code                     REL 
_pdbx_database_status.status_code_sf                  REL 
_pdbx_database_status.status_code_mr                  ? 
_pdbx_database_status.entry_id                        7JKH 
_pdbx_database_status.recvd_initial_deposition_date   2020-07-28 
_pdbx_database_status.SG_entry                        N 
_pdbx_database_status.deposit_site                    RCSB 
_pdbx_database_status.process_site                    RCSB 
_pdbx_database_status.status_code_cs                  ? 
_pdbx_database_status.status_code_nmr_data            ? 
_pdbx_database_status.methods_development_category    ? 
_pdbx_database_status.pdb_format_compatible           Y 
# 
loop_
_audit_author.name 
_audit_author.pdbx_ordinal 
_audit_author.identifier_ORCID 
'Simmons, C.R.'      1 0000-0002-2290-6132 
'MacCulloch, T.'     2 0000-0001-5875-3361 
'Stephanopoulos, N.' 3 0000-0001-7859-410X 
'Yan, H.'            4 0000-0001-7397-9852 
# 
_citation.abstract                  ? 
_citation.abstract_id_CAS           ? 
_citation.book_id_ISBN              ? 
_citation.book_publisher            ? 
_citation.book_publisher_city       ? 
_citation.book_title                ? 
_citation.coordinate_linkage        ? 
_citation.country                   UK 
_citation.database_id_Medline       ? 
_citation.details                   ? 
_citation.id                        primary 
_citation.journal_abbrev            'Nat Commun' 
_citation.journal_id_ASTM           ? 
_citation.journal_id_CSD            ? 
_citation.journal_id_ISSN           2041-1723 
_citation.journal_full              ? 
_citation.journal_issue             ? 
_citation.journal_volume            13 
_citation.language                  ? 
_citation.page_first                3112 
_citation.page_last                 3112 
_citation.title                     'The influence of Holliday junction sequence and dynamics on DNA crystal self-assembly.' 
_citation.year                      2022 
_citation.database_id_CSD           ? 
_citation.pdbx_database_id_DOI      10.1038/s41467-022-30779-6 
_citation.pdbx_database_id_PubMed   35662248 
_citation.unpublished_flag          ? 
# 
loop_
_citation_author.citation_id 
_citation_author.name 
_citation_author.ordinal 
_citation_author.identifier_ORCID 
primary 'Simmons, C.R.'      1  ?                   
primary 'MacCulloch, T.'     2  ?                   
primary 'Krepl, M.'          3  0000-0002-9833-4281 
primary 'Matthies, M.'       4  ?                   
primary 'Buchberger, A.'     5  ?                   
primary 'Crawford, I.'       6  ?                   
primary 'Sponer, J.'         7  0000-0001-6558-6186 
primary 'Sulc, P.'           8  0000-0003-1565-6769 
primary 'Stephanopoulos, N.' 9  0000-0001-7859-410X 
primary 'Yan, H.'            10 0000-0001-7397-9852 
# 
_cell.angle_alpha                  90.000 
_cell.angle_alpha_esd              ? 
_cell.angle_beta                   90.000 
_cell.angle_beta_esd               ? 
_cell.angle_gamma                  120.000 
_cell.angle_gamma_esd              ? 
_cell.entry_id                     7JKH 
_cell.details                      ? 
_cell.formula_units_Z              ? 
_cell.length_a                     113.260 
_cell.length_a_esd                 ? 
_cell.length_b                     113.260 
_cell.length_b_esd                 ? 
_cell.length_c                     49.896 
_cell.length_c_esd                 ? 
_cell.volume                       ? 
_cell.volume_esd                   ? 
_cell.Z_PDB                        9 
_cell.reciprocal_angle_alpha       ? 
_cell.reciprocal_angle_beta        ? 
_cell.reciprocal_angle_gamma       ? 
_cell.reciprocal_angle_alpha_esd   ? 
_cell.reciprocal_angle_beta_esd    ? 
_cell.reciprocal_angle_gamma_esd   ? 
_cell.reciprocal_length_a          ? 
_cell.reciprocal_length_b          ? 
_cell.reciprocal_length_c          ? 
_cell.reciprocal_length_a_esd      ? 
_cell.reciprocal_length_b_esd      ? 
_cell.reciprocal_length_c_esd      ? 
_cell.pdbx_unique_axis             ? 
# 
_symmetry.entry_id                         7JKH 
_symmetry.cell_setting                     ? 
_symmetry.Int_Tables_number                146 
_symmetry.space_group_name_Hall            ? 
_symmetry.space_group_name_H-M             'H 3' 
_symmetry.pdbx_full_space_group_name_H-M   ? 
# 
loop_
_entity.id 
_entity.type 
_entity.src_method 
_entity.pdbx_description 
_entity.formula_weight 
_entity.pdbx_number_of_molecules 
_entity.pdbx_ec 
_entity.pdbx_mutation 
_entity.pdbx_fragment 
_entity.details 
1 polymer     syn 
;DNA (5'-D(P*CP*CP*GP*TP*CP*G)-3')
;
1785.192 1 ? ? ? ? 
2 polymer     syn 
;DNA (5'-D(*GP*AP*AP*CP*GP*AP*CP*AP*CP*CP*GP*AP*CP*GP*GP*GP*GP*AP*CP*TP*C)-3')
;
6467.189 1 ? ? ? ? 
3 polymer     syn 
;DNA (5'-D(*TP*CP*GP*AP*GP*TP*CP*C)-3')
;
2402.592 1 ? ? ? ? 
4 polymer     syn 
;DNA (5'-D(P*GP*TP*GP*TP*CP*GP*T)-3')
;
2144.420 1 ? ? ? ? 
5 non-polymer syn 'CACODYLATE ION'                                                                136.989  2 ? ? ? ? 
# 
loop_
_entity_poly.entity_id 
_entity_poly.type 
_entity_poly.nstd_linkage 
_entity_poly.nstd_monomer 
_entity_poly.pdbx_seq_one_letter_code 
_entity_poly.pdbx_seq_one_letter_code_can 
_entity_poly.pdbx_strand_id 
_entity_poly.pdbx_target_identifier 
1 polydeoxyribonucleotide no no '(DC)(DC)(DG)(DT)(DC)(DG)'                                                              CCGTCG A ? 
2 polydeoxyribonucleotide no no 
;(DG)(DA)(DA)(DC)(DG)(DA)(DC)(DA)(DC)(DC)(DG)(DA)(DC)(DG)(DG)(DG)(DG)(DA)(DC)(DT)
(DC)
;
GAACGACACCGACGGGGACTC B ? 
3 polydeoxyribonucleotide no no '(DT)(DC)(DG)(DA)(DG)(DT)(DC)(DC)'                                                      TCGAGTCC C 
? 
4 polydeoxyribonucleotide no no '(DG)(DT)(DG)(DT)(DC)(DG)(DT)'                                                          GTGTCGT D 
? 
# 
loop_
_entity_poly_seq.entity_id 
_entity_poly_seq.num 
_entity_poly_seq.mon_id 
_entity_poly_seq.hetero 
1 1  DC n 
1 2  DC n 
1 3  DG n 
1 4  DT n 
1 5  DC n 
1 6  DG n 
2 1  DG n 
2 2  DA n 
2 3  DA n 
2 4  DC n 
2 5  DG n 
2 6  DA n 
2 7  DC n 
2 8  DA n 
2 9  DC n 
2 10 DC n 
2 11 DG n 
2 12 DA n 
2 13 DC n 
2 14 DG n 
2 15 DG n 
2 16 DG n 
2 17 DG n 
2 18 DA n 
2 19 DC n 
2 20 DT n 
2 21 DC n 
3 1  DT n 
3 2  DC n 
3 3  DG n 
3 4  DA n 
3 5  DG n 
3 6  DT n 
3 7  DC n 
3 8  DC n 
4 1  DG n 
4 2  DT n 
4 3  DG n 
4 4  DT n 
4 5  DC n 
4 6  DG n 
4 7  DT n 
# 
loop_
_pdbx_entity_src_syn.entity_id 
_pdbx_entity_src_syn.pdbx_src_id 
_pdbx_entity_src_syn.pdbx_alt_source_flag 
_pdbx_entity_src_syn.pdbx_beg_seq_num 
_pdbx_entity_src_syn.pdbx_end_seq_num 
_pdbx_entity_src_syn.organism_scientific 
_pdbx_entity_src_syn.organism_common_name 
_pdbx_entity_src_syn.ncbi_taxonomy_id 
_pdbx_entity_src_syn.details 
1 1 sample 1 6  'synthetic construct' ? 32630 ? 
2 1 sample 1 21 'synthetic construct' ? 32630 ? 
3 1 sample 1 8  'synthetic construct' ? 32630 ? 
4 1 sample 1 7  'synthetic construct' ? 32630 ? 
# 
loop_
_struct_ref.id 
_struct_ref.db_name 
_struct_ref.db_code 
_struct_ref.pdbx_db_accession 
_struct_ref.pdbx_db_isoform 
_struct_ref.entity_id 
_struct_ref.pdbx_seq_one_letter_code 
_struct_ref.pdbx_align_begin 
1 PDB 7JKH 7JKH ? 1 ? 1 
2 PDB 7JKH 7JKH ? 2 ? 1 
3 PDB 7JKH 7JKH ? 3 ? 1 
4 PDB 7JKH 7JKH ? 4 ? 1 
# 
loop_
_struct_ref_seq.align_id 
_struct_ref_seq.ref_id 
_struct_ref_seq.pdbx_PDB_id_code 
_struct_ref_seq.pdbx_strand_id 
_struct_ref_seq.seq_align_beg 
_struct_ref_seq.pdbx_seq_align_beg_ins_code 
_struct_ref_seq.seq_align_end 
_struct_ref_seq.pdbx_seq_align_end_ins_code 
_struct_ref_seq.pdbx_db_accession 
_struct_ref_seq.db_align_beg 
_struct_ref_seq.pdbx_db_align_beg_ins_code 
_struct_ref_seq.db_align_end 
_struct_ref_seq.pdbx_db_align_end_ins_code 
_struct_ref_seq.pdbx_auth_seq_align_beg 
_struct_ref_seq.pdbx_auth_seq_align_end 
1 1 7JKH A 1 ? 6  ? 7JKH 1  ? 6  ? 1  6  
2 2 7JKH B 1 ? 21 ? 7JKH 7  ? 27 ? 7  27 
3 3 7JKH C 1 ? 8  ? 7JKH 28 ? 35 ? 28 35 
4 4 7JKH D 1 ? 7  ? 7JKH 36 ? 42 ? 36 42 
# 
loop_
_chem_comp.id 
_chem_comp.type 
_chem_comp.mon_nstd_flag 
_chem_comp.name 
_chem_comp.pdbx_synonyms 
_chem_comp.formula 
_chem_comp.formula_weight 
CAC non-polymer   . 'CACODYLATE ION'                     dimethylarsinate 'C2 H6 As O2 -1'  136.989 
DA  'DNA linking' y "2'-DEOXYADENOSINE-5'-MONOPHOSPHATE" ?                'C10 H14 N5 O6 P' 331.222 
DC  'DNA linking' y "2'-DEOXYCYTIDINE-5'-MONOPHOSPHATE"  ?                'C9 H14 N3 O7 P'  307.197 
DG  'DNA linking' y "2'-DEOXYGUANOSINE-5'-MONOPHOSPHATE" ?                'C10 H14 N5 O7 P' 347.221 
DT  'DNA linking' y "THYMIDINE-5'-MONOPHOSPHATE"         ?                'C10 H15 N2 O8 P' 322.208 
# 
_exptl.absorpt_coefficient_mu     ? 
_exptl.absorpt_correction_T_max   ? 
_exptl.absorpt_correction_T_min   ? 
_exptl.absorpt_correction_type    ? 
_exptl.absorpt_process_details    ? 
_exptl.entry_id                   7JKH 
_exptl.crystals_number            1 
_exptl.details                    ? 
_exptl.method                     'X-RAY DIFFRACTION' 
_exptl.method_details             ? 
# 
_exptl_crystal.colour                      ? 
_exptl_crystal.density_diffrn              ? 
_exptl_crystal.density_Matthews            4.81 
_exptl_crystal.density_method              ? 
_exptl_crystal.density_percent_sol         74.44 
_exptl_crystal.description                 ? 
_exptl_crystal.F_000                       ? 
_exptl_crystal.id                          1 
_exptl_crystal.preparation                 ? 
_exptl_crystal.size_max                    ? 
_exptl_crystal.size_mid                    ? 
_exptl_crystal.size_min                    ? 
_exptl_crystal.size_rad                    ? 
_exptl_crystal.colour_lustre               ? 
_exptl_crystal.colour_modifier             ? 
_exptl_crystal.colour_primary              ? 
_exptl_crystal.density_meas                ? 
_exptl_crystal.density_meas_esd            ? 
_exptl_crystal.density_meas_gt             ? 
_exptl_crystal.density_meas_lt             ? 
_exptl_crystal.density_meas_temp           ? 
_exptl_crystal.density_meas_temp_esd       ? 
_exptl_crystal.density_meas_temp_gt        ? 
_exptl_crystal.density_meas_temp_lt        ? 
_exptl_crystal.pdbx_crystal_image_url      ? 
_exptl_crystal.pdbx_crystal_image_format   ? 
_exptl_crystal.pdbx_mosaicity              ? 
_exptl_crystal.pdbx_mosaicity_esd          ? 
# 
_exptl_crystal_grow.apparatus       ? 
_exptl_crystal_grow.atmosphere      ? 
_exptl_crystal_grow.crystal_id      1 
_exptl_crystal_grow.details         ? 
_exptl_crystal_grow.method          'VAPOR DIFFUSION, SITTING DROP' 
_exptl_crystal_grow.method_ref      ? 
_exptl_crystal_grow.pH              ? 
_exptl_crystal_grow.pressure        ? 
_exptl_crystal_grow.pressure_esd    ? 
_exptl_crystal_grow.seeding         ? 
_exptl_crystal_grow.seeding_ref     ? 
_exptl_crystal_grow.temp            298 
_exptl_crystal_grow.temp_details    'temperature gradient generated from 60 to 25 C at 0.3 degrees per hour' 
_exptl_crystal_grow.temp_esd        ? 
_exptl_crystal_grow.time            ? 
_exptl_crystal_grow.pdbx_details    
;0.5 mL of 0.05 M Cacodylate pH 7.0 with 20 mM MgCl2, 1.0 mM spermine, 1.0 mM CoH18N6, and 15% ethanol was added to the reservoir with 2 uL added to the drop containing 4 uL of DNA stock
;
_exptl_crystal_grow.pdbx_pH_range   ? 
# 
_diffrn.ambient_environment              ? 
_diffrn.ambient_temp                     100 
_diffrn.ambient_temp_details             ? 
_diffrn.ambient_temp_esd                 ? 
_diffrn.crystal_id                       1 
_diffrn.crystal_support                  ? 
_diffrn.crystal_treatment                ? 
_diffrn.details                          ? 
_diffrn.id                               1 
_diffrn.ambient_pressure                 ? 
_diffrn.ambient_pressure_esd             ? 
_diffrn.ambient_pressure_gt              ? 
_diffrn.ambient_pressure_lt              ? 
_diffrn.ambient_temp_gt                  ? 
_diffrn.ambient_temp_lt                  ? 
_diffrn.pdbx_serial_crystal_experiment   N 
# 
_diffrn_detector.details                      ? 
_diffrn_detector.detector                     PIXEL 
_diffrn_detector.diffrn_id                    1 
_diffrn_detector.type                         'DECTRIS PILATUS3 6M' 
_diffrn_detector.area_resol_mean              ? 
_diffrn_detector.dtime                        ? 
_diffrn_detector.pdbx_frames_total            ? 
_diffrn_detector.pdbx_collection_time_total   ? 
_diffrn_detector.pdbx_collection_date         2018-08-15 
_diffrn_detector.pdbx_frequency               ? 
# 
_diffrn_radiation.collimation                      ? 
_diffrn_radiation.diffrn_id                        1 
_diffrn_radiation.filter_edge                      ? 
_diffrn_radiation.inhomogeneity                    ? 
_diffrn_radiation.monochromator                    ? 
_diffrn_radiation.polarisn_norm                    ? 
_diffrn_radiation.polarisn_ratio                   ? 
_diffrn_radiation.probe                            ? 
_diffrn_radiation.type                             ? 
_diffrn_radiation.xray_symbol                      ? 
_diffrn_radiation.wavelength_id                    1 
_diffrn_radiation.pdbx_monochromatic_or_laue_m_l   M 
_diffrn_radiation.pdbx_wavelength_list             ? 
_diffrn_radiation.pdbx_wavelength                  ? 
_diffrn_radiation.pdbx_diffrn_protocol             'SINGLE WAVELENGTH' 
_diffrn_radiation.pdbx_analyzer                    ? 
_diffrn_radiation.pdbx_scattering_type             x-ray 
# 
_diffrn_radiation_wavelength.id           1 
_diffrn_radiation_wavelength.wavelength   1 
_diffrn_radiation_wavelength.wt           1.0 
# 
_diffrn_source.current                     ? 
_diffrn_source.details                     ? 
_diffrn_source.diffrn_id                   1 
_diffrn_source.power                       ? 
_diffrn_source.size                        ? 
_diffrn_source.source                      SYNCHROTRON 
_diffrn_source.target                      ? 
_diffrn_source.type                        'ALS BEAMLINE 5.0.2' 
_diffrn_source.voltage                     ? 
_diffrn_source.take-off_angle              ? 
_diffrn_source.pdbx_wavelength_list        1 
_diffrn_source.pdbx_wavelength             ? 
_diffrn_source.pdbx_synchrotron_beamline   5.0.2 
_diffrn_source.pdbx_synchrotron_site       ALS 
# 
_reflns.B_iso_Wilson_estimate            88.920 
_reflns.entry_id                         7JKH 
_reflns.data_reduction_details           ? 
_reflns.data_reduction_method            ? 
_reflns.d_resolution_high                3.100 
_reflns.d_resolution_low                 50.000 
_reflns.details                          ? 
_reflns.limit_h_max                      ? 
_reflns.limit_h_min                      ? 
_reflns.limit_k_max                      ? 
_reflns.limit_k_min                      ? 
_reflns.limit_l_max                      ? 
_reflns.limit_l_min                      ? 
_reflns.number_all                       ? 
_reflns.number_obs                       3640 
_reflns.observed_criterion               ? 
_reflns.observed_criterion_F_max         ? 
_reflns.observed_criterion_F_min         ? 
_reflns.observed_criterion_I_max         ? 
_reflns.observed_criterion_I_min         ? 
_reflns.observed_criterion_sigma_F       ? 
_reflns.observed_criterion_sigma_I       ? 
_reflns.percent_possible_obs             84.700 
_reflns.R_free_details                   ? 
_reflns.Rmerge_F_all                     ? 
_reflns.Rmerge_F_obs                     ? 
_reflns.Friedel_coverage                 ? 
_reflns.number_gt                        ? 
_reflns.threshold_expression             ? 
_reflns.pdbx_redundancy                  9.100 
_reflns.pdbx_Rmerge_I_obs                0.060 
_reflns.pdbx_Rmerge_I_all                ? 
_reflns.pdbx_Rsym_value                  ? 
_reflns.pdbx_netI_over_av_sigmaI         ? 
_reflns.pdbx_netI_over_sigmaI            6.000 
_reflns.pdbx_res_netI_over_av_sigmaI_2   ? 
_reflns.pdbx_res_netI_over_sigmaI_2      ? 
_reflns.pdbx_chi_squared                 0.699 
_reflns.pdbx_scaling_rejects             ? 
_reflns.pdbx_d_res_high_opt              ? 
_reflns.pdbx_d_res_low_opt               ? 
_reflns.pdbx_d_res_opt_method            ? 
_reflns.phase_calculation_details        ? 
_reflns.pdbx_Rrim_I_all                  0.063 
_reflns.pdbx_Rpim_I_all                  0.020 
_reflns.pdbx_d_opt                       ? 
_reflns.pdbx_number_measured_all         33207 
_reflns.pdbx_diffrn_id                   1 
_reflns.pdbx_ordinal                     1 
_reflns.pdbx_CC_half                     ? 
_reflns.pdbx_CC_star                     ? 
_reflns.pdbx_R_split                     ? 
# 
loop_
_reflns_shell.d_res_high 
_reflns_shell.d_res_low 
_reflns_shell.meanI_over_sigI_all 
_reflns_shell.meanI_over_sigI_obs 
_reflns_shell.number_measured_all 
_reflns_shell.number_measured_obs 
_reflns_shell.number_possible 
_reflns_shell.number_unique_all 
_reflns_shell.number_unique_obs 
_reflns_shell.percent_possible_all 
_reflns_shell.percent_possible_obs 
_reflns_shell.Rmerge_F_all 
_reflns_shell.Rmerge_F_obs 
_reflns_shell.Rmerge_I_all 
_reflns_shell.Rmerge_I_obs 
_reflns_shell.meanI_over_sigI_gt 
_reflns_shell.meanI_over_uI_all 
_reflns_shell.meanI_over_uI_gt 
_reflns_shell.number_measured_gt 
_reflns_shell.number_unique_gt 
_reflns_shell.percent_possible_gt 
_reflns_shell.Rmerge_F_gt 
_reflns_shell.Rmerge_I_gt 
_reflns_shell.pdbx_redundancy 
_reflns_shell.pdbx_Rsym_value 
_reflns_shell.pdbx_chi_squared 
_reflns_shell.pdbx_netI_over_sigmaI_all 
_reflns_shell.pdbx_netI_over_sigmaI_obs 
_reflns_shell.pdbx_Rrim_I_all 
_reflns_shell.pdbx_Rpim_I_all 
_reflns_shell.pdbx_rejects 
_reflns_shell.pdbx_ordinal 
_reflns_shell.pdbx_diffrn_id 
_reflns_shell.pdbx_CC_half 
_reflns_shell.pdbx_CC_star 
_reflns_shell.pdbx_R_split 
3.100 3.150  ? ? ? ? ? ? 83  39.300  ? ? ? ? 0.486 ? ? ? ? ? ? ? ? 7.400  ? 0.487 ? ? 0.517 0.173 ? 1  1 0.902 ? ? 
3.150 3.210  ? ? ? ? ? ? 100 45.900  ? ? ? ? 0.223 ? ? ? ? ? ? ? ? 6.400  ? 0.690 ? ? 0.239 0.082 ? 2  1 0.980 ? ? 
3.210 3.270  ? ? ? ? ? ? 91  46.900  ? ? ? ? 0.451 ? ? ? ? ? ? ? ? 6.100  ? 0.512 ? ? 0.486 0.175 ? 3  1 0.947 ? ? 
3.270 3.340  ? ? ? ? ? ? 140 57.400  ? ? ? ? 0.296 ? ? ? ? ? ? ? ? 6.500  ? 0.503 ? ? 0.318 0.111 ? 4  1 0.985 ? ? 
3.340 3.410  ? ? ? ? ? ? 140 68.000  ? ? ? ? 0.324 ? ? ? ? ? ? ? ? 7.100  ? 0.523 ? ? 0.346 0.119 ? 5  1 0.975 ? ? 
3.410 3.490  ? ? ? ? ? ? 160 77.300  ? ? ? ? 0.256 ? ? ? ? ? ? ? ? 7.200  ? 0.582 ? ? 0.273 0.092 ? 6  1 0.979 ? ? 
3.490 3.580  ? ? ? ? ? ? 177 81.200  ? ? ? ? 0.329 ? ? ? ? ? ? ? ? 7.500  ? 0.519 ? ? 0.351 0.117 ? 7  1 0.971 ? ? 
3.580 3.680  ? ? ? ? ? ? 193 87.700  ? ? ? ? 0.522 ? ? ? ? ? ? ? ? 7.700  ? 0.544 ? ? 0.556 0.186 ? 8  1 0.928 ? ? 
3.680 3.780  ? ? ? ? ? ? 185 90.700  ? ? ? ? 0.705 ? ? ? ? ? ? ? ? 8.300  ? 0.458 ? ? 0.750 0.248 ? 9  1 0.843 ? ? 
3.780 3.910  ? ? ? ? ? ? 220 97.800  ? ? ? ? 0.641 ? ? ? ? ? ? ? ? 8.700  ? 0.447 ? ? 0.680 0.224 ? 10 1 0.888 ? ? 
3.910 4.040  ? ? ? ? ? ? 214 100.000 ? ? ? ? 0.682 ? ? ? ? ? ? ? ? 8.700  ? 0.835 ? ? 0.720 0.231 ? 11 1 0.942 ? ? 
4.040 4.210  ? ? ? ? ? ? 218 99.500  ? ? ? ? 0.319 ? ? ? ? ? ? ? ? 9.500  ? 0.479 ? ? 0.337 0.108 ? 12 1 0.973 ? ? 
4.210 4.400  ? ? ? ? ? ? 211 100.000 ? ? ? ? 0.273 ? ? ? ? ? ? ? ? 10.700 ? 0.492 ? ? 0.286 0.087 ? 13 1 0.980 ? ? 
4.400 4.630  ? ? ? ? ? ? 214 100.000 ? ? ? ? 0.297 ? ? ? ? ? ? ? ? 10.800 ? 0.462 ? ? 0.312 0.095 ? 14 1 0.979 ? ? 
4.630 4.920  ? ? ? ? ? ? 223 100.000 ? ? ? ? 0.158 ? ? ? ? ? ? ? ? 10.700 ? 0.572 ? ? 0.166 0.050 ? 15 1 0.994 ? ? 
4.920 5.300  ? ? ? ? ? ? 202 100.000 ? ? ? ? 0.098 ? ? ? ? ? ? ? ? 10.100 ? 0.707 ? ? 0.103 0.032 ? 16 1 0.996 ? ? 
5.300 5.830  ? ? ? ? ? ? 219 100.000 ? ? ? ? 0.077 ? ? ? ? ? ? ? ? 10.400 ? 0.896 ? ? 0.081 0.025 ? 17 1 0.998 ? ? 
5.830 6.670  ? ? ? ? ? ? 220 100.000 ? ? ? ? 0.063 ? ? ? ? ? ? ? ? 11.000 ? 0.997 ? ? 0.066 0.020 ? 18 1 0.998 ? ? 
6.670 8.400  ? ? ? ? ? ? 218 100.000 ? ? ? ? 0.050 ? ? ? ? ? ? ? ? 10.000 ? 1.167 ? ? 0.053 0.017 ? 19 1 0.998 ? ? 
8.400 50.000 ? ? ? ? ? ? 212 100.000 ? ? ? ? 0.037 ? ? ? ? ? ? ? ? 10.600 ? 1.259 ? ? 0.039 0.012 ? 20 1 0.999 ? ? 
# 
_refine.aniso_B[1][1]                            ? 
_refine.aniso_B[1][2]                            ? 
_refine.aniso_B[1][3]                            ? 
_refine.aniso_B[2][2]                            ? 
_refine.aniso_B[2][3]                            ? 
_refine.aniso_B[3][3]                            ? 
_refine.B_iso_max                                310.490 
_refine.B_iso_mean                               139.1730 
_refine.B_iso_min                                75.350 
_refine.correlation_coeff_Fo_to_Fc               ? 
_refine.correlation_coeff_Fo_to_Fc_free          ? 
_refine.details                                  ? 
_refine.diff_density_max                         ? 
_refine.diff_density_max_esd                     ? 
_refine.diff_density_min                         ? 
_refine.diff_density_min_esd                     ? 
_refine.diff_density_rms                         ? 
_refine.diff_density_rms_esd                     ? 
_refine.entry_id                                 7JKH 
_refine.pdbx_refine_id                           'X-RAY DIFFRACTION' 
_refine.ls_abs_structure_details                 ? 
_refine.ls_abs_structure_Flack                   ? 
_refine.ls_abs_structure_Flack_esd               ? 
_refine.ls_abs_structure_Rogers                  ? 
_refine.ls_abs_structure_Rogers_esd              ? 
_refine.ls_d_res_high                            3.1070 
_refine.ls_d_res_low                             44.4730 
_refine.ls_extinction_coef                       ? 
_refine.ls_extinction_coef_esd                   ? 
_refine.ls_extinction_expression                 ? 
_refine.ls_extinction_method                     ? 
_refine.ls_goodness_of_fit_all                   ? 
_refine.ls_goodness_of_fit_all_esd               ? 
_refine.ls_goodness_of_fit_obs                   ? 
_refine.ls_goodness_of_fit_obs_esd               ? 
_refine.ls_hydrogen_treatment                    ? 
_refine.ls_matrix_type                           ? 
_refine.ls_number_constraints                    ? 
_refine.ls_number_parameters                     ? 
_refine.ls_number_reflns_all                     ? 
_refine.ls_number_reflns_obs                     3631 
_refine.ls_number_reflns_R_free                  182 
_refine.ls_number_reflns_R_work                  3449 
_refine.ls_number_restraints                     ? 
_refine.ls_percent_reflns_obs                    84.5400 
_refine.ls_percent_reflns_R_free                 5.0100 
_refine.ls_R_factor_all                          ? 
_refine.ls_R_factor_obs                          0.2065 
_refine.ls_R_factor_R_free                       0.2148 
_refine.ls_R_factor_R_free_error                 ? 
_refine.ls_R_factor_R_free_error_details         ? 
_refine.ls_R_factor_R_work                       0.2060 
_refine.ls_R_Fsqd_factor_obs                     ? 
_refine.ls_R_I_factor_obs                        ? 
_refine.ls_redundancy_reflns_all                 ? 
_refine.ls_redundancy_reflns_obs                 ? 
_refine.ls_restrained_S_all                      ? 
_refine.ls_restrained_S_obs                      ? 
_refine.ls_shift_over_esd_max                    ? 
_refine.ls_shift_over_esd_mean                   ? 
_refine.ls_structure_factor_coef                 ? 
_refine.ls_weighting_details                     ? 
_refine.ls_weighting_scheme                      ? 
_refine.ls_wR_factor_all                         ? 
_refine.ls_wR_factor_obs                         ? 
_refine.ls_wR_factor_R_free                      ? 
_refine.ls_wR_factor_R_work                      ? 
_refine.occupancy_max                            ? 
_refine.occupancy_min                            ? 
_refine.solvent_model_details                    'FLAT BULK SOLVENT MODEL' 
_refine.solvent_model_param_bsol                 ? 
_refine.solvent_model_param_ksol                 ? 
_refine.pdbx_R_complete                          ? 
_refine.ls_R_factor_gt                           ? 
_refine.ls_goodness_of_fit_gt                    ? 
_refine.ls_goodness_of_fit_ref                   ? 
_refine.ls_shift_over_su_max                     ? 
_refine.ls_shift_over_su_max_lt                  ? 
_refine.ls_shift_over_su_mean                    ? 
_refine.ls_shift_over_su_mean_lt                 ? 
_refine.pdbx_ls_sigma_I                          ? 
_refine.pdbx_ls_sigma_F                          2.040 
_refine.pdbx_ls_sigma_Fsqd                       ? 
_refine.pdbx_data_cutoff_high_absF               ? 
_refine.pdbx_data_cutoff_high_rms_absF           ? 
_refine.pdbx_data_cutoff_low_absF                ? 
_refine.pdbx_isotropic_thermal_model             ? 
_refine.pdbx_ls_cross_valid_method               THROUGHOUT 
_refine.pdbx_method_to_determine_struct          'MOLECULAR REPLACEMENT' 
_refine.pdbx_starting_model                      5VY6 
_refine.pdbx_stereochemistry_target_values       ML 
_refine.pdbx_R_Free_selection_details            ? 
_refine.pdbx_stereochem_target_val_spec_case     ? 
_refine.pdbx_overall_ESU_R                       ? 
_refine.pdbx_overall_ESU_R_Free                  ? 
_refine.pdbx_solvent_vdw_probe_radii             1.1100 
_refine.pdbx_solvent_ion_probe_radii             ? 
_refine.pdbx_solvent_shrinkage_radii             0.9000 
_refine.pdbx_real_space_R                        ? 
_refine.pdbx_density_correlation                 ? 
_refine.pdbx_pd_number_of_powder_patterns        ? 
_refine.pdbx_pd_number_of_points                 ? 
_refine.pdbx_pd_meas_number_of_points            ? 
_refine.pdbx_pd_proc_ls_prof_R_factor            ? 
_refine.pdbx_pd_proc_ls_prof_wR_factor           ? 
_refine.pdbx_pd_Marquardt_correlation_coeff      ? 
_refine.pdbx_pd_Fsqrd_R_factor                   ? 
_refine.pdbx_pd_ls_matrix_band_width             ? 
_refine.pdbx_overall_phase_error                 28.5900 
_refine.pdbx_overall_SU_R_free_Cruickshank_DPI   ? 
_refine.pdbx_overall_SU_R_free_Blow_DPI          ? 
_refine.pdbx_overall_SU_R_Blow_DPI               ? 
_refine.pdbx_TLS_residual_ADP_flag               ? 
_refine.pdbx_diffrn_id                           1 
_refine.overall_SU_B                             ? 
_refine.overall_SU_ML                            0.2400 
_refine.overall_SU_R_Cruickshank_DPI             ? 
_refine.overall_SU_R_free                        ? 
_refine.overall_FOM_free_R_set                   ? 
_refine.overall_FOM_work_R_set                   ? 
_refine.pdbx_average_fsc_overall                 ? 
_refine.pdbx_average_fsc_work                    ? 
_refine.pdbx_average_fsc_free                    ? 
# 
_refine_hist.pdbx_refine_id                   'X-RAY DIFFRACTION' 
_refine_hist.cycle_id                         final 
_refine_hist.details                          ? 
_refine_hist.d_res_high                       3.1070 
_refine_hist.d_res_low                        44.4730 
_refine_hist.number_atoms_solvent             0 
_refine_hist.number_atoms_total               857 
_refine_hist.number_reflns_all                ? 
_refine_hist.number_reflns_obs                ? 
_refine_hist.number_reflns_R_free             ? 
_refine_hist.number_reflns_R_work             ? 
_refine_hist.R_factor_all                     ? 
_refine_hist.R_factor_obs                     ? 
_refine_hist.R_factor_R_free                  ? 
_refine_hist.R_factor_R_work                  ? 
_refine_hist.pdbx_number_residues_total       42 
_refine_hist.pdbx_B_iso_mean_ligand           298.58 
_refine_hist.pdbx_B_iso_mean_solvent          ? 
_refine_hist.pdbx_number_atoms_protein        0 
_refine_hist.pdbx_number_atoms_nucleic_acid   855 
_refine_hist.pdbx_number_atoms_ligand         2 
_refine_hist.pdbx_number_atoms_lipid          ? 
_refine_hist.pdbx_number_atoms_carb           ? 
_refine_hist.pdbx_pseudo_atom_details         ? 
# 
loop_
_refine_ls_restr.pdbx_refine_id 
_refine_ls_restr.criterion 
_refine_ls_restr.dev_ideal 
_refine_ls_restr.dev_ideal_target 
_refine_ls_restr.number 
_refine_ls_restr.rejects 
_refine_ls_restr.type 
_refine_ls_restr.weight 
_refine_ls_restr.pdbx_restraint_function 
'X-RAY DIFFRACTION' ? 0.006  ? 956  ? f_bond_d           ? ? 
'X-RAY DIFFRACTION' ? 0.864  ? 1467 ? f_angle_d          ? ? 
'X-RAY DIFFRACTION' ? 0.051  ? 166  ? f_chiral_restr     ? ? 
'X-RAY DIFFRACTION' ? 0.005  ? 42   ? f_plane_restr      ? ? 
'X-RAY DIFFRACTION' ? 32.426 ? 406  ? f_dihedral_angle_d ? ? 
# 
_refine_ls_shell.pdbx_refine_id                   'X-RAY DIFFRACTION' 
_refine_ls_shell.d_res_high                       3.1070 
_refine_ls_shell.d_res_low                        ? 
_refine_ls_shell.number_reflns_all                ? 
_refine_ls_shell.number_reflns_obs                ? 
_refine_ls_shell.number_reflns_R_free             182 
_refine_ls_shell.number_reflns_R_work             3449 
_refine_ls_shell.percent_reflns_obs               85.0000 
_refine_ls_shell.percent_reflns_R_free            ? 
_refine_ls_shell.R_factor_all                     ? 
_refine_ls_shell.R_factor_obs                     ? 
_refine_ls_shell.R_factor_R_free                  0.2148 
_refine_ls_shell.R_factor_R_free_error            0.0000 
_refine_ls_shell.R_factor_R_work                  0.2060 
_refine_ls_shell.redundancy_reflns_all            ? 
_refine_ls_shell.redundancy_reflns_obs            ? 
_refine_ls_shell.wR_factor_all                    ? 
_refine_ls_shell.wR_factor_obs                    ? 
_refine_ls_shell.wR_factor_R_free                 ? 
_refine_ls_shell.wR_factor_R_work                 ? 
_refine_ls_shell.pdbx_R_complete                  ? 
_refine_ls_shell.pdbx_total_number_of_bins_used   ? 
_refine_ls_shell.pdbx_phase_error                 ? 
_refine_ls_shell.pdbx_fsc_work                    ? 
_refine_ls_shell.pdbx_fsc_free                    ? 
# 
_struct.entry_id                     7JKH 
_struct.title                        
;Self-assembly of a 3D DNA crystal lattice (4x6 scramble duplex version) containing the J5 immobile Holliday junction with R3 symmetry
;
_struct.pdbx_model_details           ? 
_struct.pdbx_formula_weight          ? 
_struct.pdbx_formula_weight_method   ? 
_struct.pdbx_model_type_details      ? 
_struct.pdbx_CASP_flag               N 
# 
_struct_keywords.entry_id        7JKH 
_struct_keywords.text            
'Structural DNA nanotechnology, immobile Holliday junctions, 3D DNA self-assembly, designer DNA crystals, DNA' 
_struct_keywords.pdbx_keywords   DNA 
# 
loop_
_struct_asym.id 
_struct_asym.pdbx_blank_PDB_chainid_flag 
_struct_asym.pdbx_modified 
_struct_asym.entity_id 
_struct_asym.details 
A N N 1 ? 
B N N 2 ? 
C N N 3 ? 
D N N 4 ? 
E N N 5 ? 
F N N 5 ? 
# 
loop_
_struct_conn.id 
_struct_conn.conn_type_id 
_struct_conn.pdbx_leaving_atom_flag 
_struct_conn.pdbx_PDB_id 
_struct_conn.ptnr1_label_asym_id 
_struct_conn.ptnr1_label_comp_id 
_struct_conn.ptnr1_label_seq_id 
_struct_conn.ptnr1_label_atom_id 
_struct_conn.pdbx_ptnr1_label_alt_id 
_struct_conn.pdbx_ptnr1_PDB_ins_code 
_struct_conn.pdbx_ptnr1_standard_comp_id 
_struct_conn.ptnr1_symmetry 
_struct_conn.ptnr2_label_asym_id 
_struct_conn.ptnr2_label_comp_id 
_struct_conn.ptnr2_label_seq_id 
_struct_conn.ptnr2_label_atom_id 
_struct_conn.pdbx_ptnr2_label_alt_id 
_struct_conn.pdbx_ptnr2_PDB_ins_code 
_struct_conn.ptnr1_auth_asym_id 
_struct_conn.ptnr1_auth_comp_id 
_struct_conn.ptnr1_auth_seq_id 
_struct_conn.ptnr2_auth_asym_id 
_struct_conn.ptnr2_auth_comp_id 
_struct_conn.ptnr2_auth_seq_id 
_struct_conn.ptnr2_symmetry 
_struct_conn.pdbx_ptnr3_label_atom_id 
_struct_conn.pdbx_ptnr3_label_seq_id 
_struct_conn.pdbx_ptnr3_label_comp_id 
_struct_conn.pdbx_ptnr3_label_asym_id 
_struct_conn.pdbx_ptnr3_label_alt_id 
_struct_conn.pdbx_ptnr3_PDB_ins_code 
_struct_conn.details 
_struct_conn.pdbx_dist_value 
_struct_conn.pdbx_value_order 
_struct_conn.pdbx_role 
hydrog1  hydrog ? ? A DC 1  N3 ? ? ? 1_555 B DG 15 N1 ? ? A DC 1  B DG 21 1_555 ? ? ? ? ? ? WATSON-CRICK ? ? ? 
hydrog2  hydrog ? ? A DC 1  N4 ? ? ? 1_555 B DG 15 O6 ? ? A DC 1  B DG 21 1_555 ? ? ? ? ? ? WATSON-CRICK ? ? ? 
hydrog3  hydrog ? ? A DC 1  O2 ? ? ? 1_555 B DG 15 N2 ? ? A DC 1  B DG 21 1_555 ? ? ? ? ? ? WATSON-CRICK ? ? ? 
hydrog4  hydrog ? ? A DC 2  N3 ? ? ? 1_555 B DG 14 N1 ? ? A DC 2  B DG 20 1_555 ? ? ? ? ? ? WATSON-CRICK ? ? ? 
hydrog5  hydrog ? ? A DC 2  N4 ? ? ? 1_555 B DG 14 O6 ? ? A DC 2  B DG 20 1_555 ? ? ? ? ? ? WATSON-CRICK ? ? ? 
hydrog6  hydrog ? ? A DC 2  O2 ? ? ? 1_555 B DG 14 N2 ? ? A DC 2  B DG 20 1_555 ? ? ? ? ? ? WATSON-CRICK ? ? ? 
hydrog7  hydrog ? ? A DG 3  N1 ? ? ? 1_555 B DC 13 N3 ? ? A DG 3  B DC 19 1_555 ? ? ? ? ? ? WATSON-CRICK ? ? ? 
hydrog8  hydrog ? ? A DG 3  N2 ? ? ? 1_555 B DC 13 O2 ? ? A DG 3  B DC 19 1_555 ? ? ? ? ? ? WATSON-CRICK ? ? ? 
hydrog9  hydrog ? ? A DG 3  O6 ? ? ? 1_555 B DC 13 N4 ? ? A DG 3  B DC 19 1_555 ? ? ? ? ? ? WATSON-CRICK ? ? ? 
hydrog10 hydrog ? ? A DT 4  N3 ? ? ? 1_555 B DA 12 N1 ? ? A DT 4  B DA 18 1_555 ? ? ? ? ? ? WATSON-CRICK ? ? ? 
hydrog11 hydrog ? ? A DT 4  O4 ? ? ? 1_555 B DA 12 N6 ? ? A DT 4  B DA 18 1_555 ? ? ? ? ? ? WATSON-CRICK ? ? ? 
hydrog12 hydrog ? ? A DC 5  N3 ? ? ? 1_555 B DG 11 N1 ? ? A DC 5  B DG 17 1_555 ? ? ? ? ? ? WATSON-CRICK ? ? ? 
hydrog13 hydrog ? ? A DC 5  N4 ? ? ? 1_555 B DG 11 O6 ? ? A DC 5  B DG 17 1_555 ? ? ? ? ? ? WATSON-CRICK ? ? ? 
hydrog14 hydrog ? ? A DC 5  O2 ? ? ? 1_555 B DG 11 N2 ? ? A DC 5  B DG 17 1_555 ? ? ? ? ? ? WATSON-CRICK ? ? ? 
hydrog15 hydrog ? ? A DG 6  N2 ? ? ? 1_555 B DC 10 N3 ? ? A DG 6  B DC 16 1_555 ? ? ? ? ? ? 'DG-DC PAIR' ? ? ? 
hydrog16 hydrog ? ? B DA 2  N6 ? ? ? 1_555 D DT 7  O4 ? ? B DA 8  D DT 42 1_555 ? ? ? ? ? ? 'DA-DT PAIR' ? ? ? 
hydrog17 hydrog ? ? B DA 3  N1 ? ? ? 1_555 D DT 7  N3 ? ? B DA 9  D DT 42 1_555 ? ? ? ? ? ? WATSON-CRICK ? ? ? 
hydrog18 hydrog ? ? B DA 3  N6 ? ? ? 1_555 D DT 7  O4 ? ? B DA 9  D DT 42 1_555 ? ? ? ? ? ? WATSON-CRICK ? ? ? 
hydrog19 hydrog ? ? B DC 4  N3 ? ? ? 1_555 D DG 6  N1 ? ? B DC 10 D DG 41 1_555 ? ? ? ? ? ? WATSON-CRICK ? ? ? 
hydrog20 hydrog ? ? B DC 4  N4 ? ? ? 1_555 D DG 6  O6 ? ? B DC 10 D DG 41 1_555 ? ? ? ? ? ? WATSON-CRICK ? ? ? 
hydrog21 hydrog ? ? B DC 4  O2 ? ? ? 1_555 D DG 6  N2 ? ? B DC 10 D DG 41 1_555 ? ? ? ? ? ? WATSON-CRICK ? ? ? 
hydrog22 hydrog ? ? B DG 5  N1 ? ? ? 1_555 D DC 5  N3 ? ? B DG 11 D DC 40 1_555 ? ? ? ? ? ? WATSON-CRICK ? ? ? 
hydrog23 hydrog ? ? B DG 5  N2 ? ? ? 1_555 D DC 5  O2 ? ? B DG 11 D DC 40 1_555 ? ? ? ? ? ? WATSON-CRICK ? ? ? 
hydrog24 hydrog ? ? B DG 5  O6 ? ? ? 1_555 D DC 5  N4 ? ? B DG 11 D DC 40 1_555 ? ? ? ? ? ? WATSON-CRICK ? ? ? 
hydrog25 hydrog ? ? B DA 6  N1 ? ? ? 1_555 D DT 4  N3 ? ? B DA 12 D DT 39 1_555 ? ? ? ? ? ? WATSON-CRICK ? ? ? 
hydrog26 hydrog ? ? B DA 6  N6 ? ? ? 1_555 D DT 4  O4 ? ? B DA 12 D DT 39 1_555 ? ? ? ? ? ? WATSON-CRICK ? ? ? 
hydrog27 hydrog ? ? B DC 7  N3 ? ? ? 1_555 D DG 3  N1 ? ? B DC 13 D DG 38 1_555 ? ? ? ? ? ? WATSON-CRICK ? ? ? 
hydrog28 hydrog ? ? B DC 7  N4 ? ? ? 1_555 D DG 3  O6 ? ? B DC 13 D DG 38 1_555 ? ? ? ? ? ? WATSON-CRICK ? ? ? 
hydrog29 hydrog ? ? B DC 7  O2 ? ? ? 1_555 D DG 3  N2 ? ? B DC 13 D DG 38 1_555 ? ? ? ? ? ? WATSON-CRICK ? ? ? 
hydrog30 hydrog ? ? B DA 8  N1 ? ? ? 1_555 D DT 2  N3 ? ? B DA 14 D DT 37 1_555 ? ? ? ? ? ? WATSON-CRICK ? ? ? 
hydrog31 hydrog ? ? B DA 8  N6 ? ? ? 1_555 D DT 2  O4 ? ? B DA 14 D DT 37 1_555 ? ? ? ? ? ? WATSON-CRICK ? ? ? 
hydrog32 hydrog ? ? B DC 9  N3 ? ? ? 1_555 D DG 1  N1 ? ? B DC 15 D DG 36 1_555 ? ? ? ? ? ? WATSON-CRICK ? ? ? 
hydrog33 hydrog ? ? B DC 9  N4 ? ? ? 1_555 D DG 1  O6 ? ? B DC 15 D DG 36 1_555 ? ? ? ? ? ? WATSON-CRICK ? ? ? 
hydrog34 hydrog ? ? B DC 9  O2 ? ? ? 1_555 D DG 1  N2 ? ? B DC 15 D DG 36 1_555 ? ? ? ? ? ? WATSON-CRICK ? ? ? 
hydrog35 hydrog ? ? B DG 15 O6 ? ? ? 1_555 C DC 8  N4 ? ? B DG 21 C DC 35 1_555 ? ? ? ? ? ? 'DG-DC PAIR' ? ? ? 
hydrog36 hydrog ? ? B DG 16 N1 ? ? ? 1_555 C DC 8  N3 ? ? B DG 22 C DC 35 1_555 ? ? ? ? ? ? WATSON-CRICK ? ? ? 
hydrog37 hydrog ? ? B DG 16 N2 ? ? ? 1_555 C DC 8  O2 ? ? B DG 22 C DC 35 1_555 ? ? ? ? ? ? WATSON-CRICK ? ? ? 
hydrog38 hydrog ? ? B DG 16 O6 ? ? ? 1_555 C DC 8  N4 ? ? B DG 22 C DC 35 1_555 ? ? ? ? ? ? WATSON-CRICK ? ? ? 
hydrog39 hydrog ? ? B DG 17 N1 ? ? ? 1_555 C DC 7  N3 ? ? B DG 23 C DC 34 1_555 ? ? ? ? ? ? WATSON-CRICK ? ? ? 
hydrog40 hydrog ? ? B DG 17 N2 ? ? ? 1_555 C DC 7  O2 ? ? B DG 23 C DC 34 1_555 ? ? ? ? ? ? WATSON-CRICK ? ? ? 
hydrog41 hydrog ? ? B DG 17 O6 ? ? ? 1_555 C DC 7  N4 ? ? B DG 23 C DC 34 1_555 ? ? ? ? ? ? WATSON-CRICK ? ? ? 
hydrog42 hydrog ? ? B DA 18 N1 ? ? ? 1_555 C DT 6  N3 ? ? B DA 24 C DT 33 1_555 ? ? ? ? ? ? WATSON-CRICK ? ? ? 
hydrog43 hydrog ? ? B DA 18 N6 ? ? ? 1_555 C DT 6  O4 ? ? B DA 24 C DT 33 1_555 ? ? ? ? ? ? WATSON-CRICK ? ? ? 
hydrog44 hydrog ? ? B DC 19 N3 ? ? ? 1_555 C DG 5  N1 ? ? B DC 25 C DG 32 1_555 ? ? ? ? ? ? WATSON-CRICK ? ? ? 
hydrog45 hydrog ? ? B DC 19 N4 ? ? ? 1_555 C DG 5  O6 ? ? B DC 25 C DG 32 1_555 ? ? ? ? ? ? WATSON-CRICK ? ? ? 
hydrog46 hydrog ? ? B DC 19 O2 ? ? ? 1_555 C DG 5  N2 ? ? B DC 25 C DG 32 1_555 ? ? ? ? ? ? WATSON-CRICK ? ? ? 
hydrog47 hydrog ? ? B DT 20 N3 ? ? ? 1_555 C DA 4  N1 ? ? B DT 26 C DA 31 1_555 ? ? ? ? ? ? WATSON-CRICK ? ? ? 
hydrog48 hydrog ? ? B DT 20 O4 ? ? ? 1_555 C DA 4  N6 ? ? B DT 26 C DA 31 1_555 ? ? ? ? ? ? WATSON-CRICK ? ? ? 
hydrog49 hydrog ? ? B DC 21 N3 ? ? ? 1_555 C DG 3  N1 ? ? B DC 27 C DG 30 1_555 ? ? ? ? ? ? WATSON-CRICK ? ? ? 
hydrog50 hydrog ? ? B DC 21 N4 ? ? ? 1_555 C DG 3  O6 ? ? B DC 27 C DG 30 1_555 ? ? ? ? ? ? WATSON-CRICK ? ? ? 
hydrog51 hydrog ? ? B DC 21 O2 ? ? ? 1_555 C DG 3  N2 ? ? B DC 27 C DG 30 1_555 ? ? ? ? ? ? WATSON-CRICK ? ? ? 
# 
_struct_conn_type.id          hydrog 
_struct_conn_type.criteria    ? 
_struct_conn_type.reference   ? 
# 
_atom_sites.entry_id                    7JKH 
_atom_sites.Cartn_transf_matrix[1][1]   ? 
_atom_sites.Cartn_transf_matrix[1][2]   ? 
_atom_sites.Cartn_transf_matrix[1][3]   ? 
_atom_sites.Cartn_transf_matrix[2][1]   ? 
_atom_sites.Cartn_transf_matrix[2][2]   ? 
_atom_sites.Cartn_transf_matrix[2][3]   ? 
_atom_sites.Cartn_transf_matrix[3][1]   ? 
_atom_sites.Cartn_transf_matrix[3][2]   ? 
_atom_sites.Cartn_transf_matrix[3][3]   ? 
_atom_sites.Cartn_transf_vector[1]      ? 
_atom_sites.Cartn_transf_vector[2]      ? 
_atom_sites.Cartn_transf_vector[3]      ? 
_atom_sites.fract_transf_matrix[1][1]   -0.00160041 
_atom_sites.fract_transf_matrix[1][2]   0.01004908 
_atom_sites.fract_transf_matrix[1][3]   0.00062895 
_atom_sites.fract_transf_matrix[2][1]   -0.00149091 
_atom_sites.fract_transf_matrix[2][2]   0.00436556 
_atom_sites.fract_transf_matrix[2][3]   0.00909159 
_atom_sites.fract_transf_matrix[3][1]   0.01973133 
_atom_sites.fract_transf_matrix[3][2]   0.00303098 
_atom_sites.fract_transf_matrix[3][3]   0.00178029 
_atom_sites.fract_transf_vector[1]      -0.011573 
_atom_sites.fract_transf_vector[2]      0.250783 
_atom_sites.fract_transf_vector[3]      0.110298 
_atom_sites.solution_primary            ? 
_atom_sites.solution_secondary          ? 
_atom_sites.solution_hydrogens          ? 
_atom_sites.special_details             ? 
# 
loop_
_atom_type.symbol 
AS 
C  
H  
MG 
N  
O  
P  
# 
loop_
_atom_site.group_PDB 
_atom_site.id 
_atom_site.type_symbol 
_atom_site.label_atom_id 
_atom_site.label_alt_id 
_atom_site.label_comp_id 
_atom_site.label_asym_id 
_atom_site.label_entity_id 
_atom_site.label_seq_id 
_atom_site.pdbx_PDB_ins_code 
_atom_site.Cartn_x 
_atom_site.Cartn_y 
_atom_site.Cartn_z 
_atom_site.occupancy 
_atom_site.B_iso_or_equiv 
_atom_site.pdbx_formal_charge 
_atom_site.auth_seq_id 
_atom_site.auth_comp_id 
_atom_site.auth_asym_id 
_atom_site.auth_atom_id 
_atom_site.pdbx_PDB_model_num 
ATOM   1    P  P      . DC  A 1 1  ? -8.264  4.600   -1.148  1.00 142.01 ?  1   DC  A P      1 
ATOM   2    O  OP1    . DC  A 1 1  ? -9.743  4.574   -1.185  1.00 128.08 ?  1   DC  A OP1    1 
ATOM   3    O  OP2    . DC  A 1 1  ? -7.556  4.385   0.131   1.00 144.94 -1 1   DC  A OP2    1 
ATOM   4    O  "O5'"  . DC  A 1 1  ? -7.742  5.986   -1.735  1.00 101.39 ?  1   DC  A "O5'"  1 
ATOM   5    C  "C5'"  . DC  A 1 1  ? -8.359  6.541   -2.867  1.00 118.48 ?  1   DC  A "C5'"  1 
ATOM   6    C  "C4'"  . DC  A 1 1  ? -7.387  7.390   -3.664  1.00 128.08 ?  1   DC  A "C4'"  1 
ATOM   7    O  "O4'"  . DC  A 1 1  ? -6.954  8.526   -2.871  1.00 100.61 ?  1   DC  A "O4'"  1 
ATOM   8    C  "C3'"  . DC  A 1 1  ? -6.099  6.702   -4.065  1.00 119.75 ?  1   DC  A "C3'"  1 
ATOM   9    O  "O3'"  . DC  A 1 1  ? -6.286  5.925   -5.230  1.00 117.42 ?  1   DC  A "O3'"  1 
ATOM   10   C  "C2'"  . DC  A 1 1  ? -5.170  7.883   -4.290  1.00 107.54 ?  1   DC  A "C2'"  1 
ATOM   11   C  "C1'"  . DC  A 1 1  ? -5.615  8.871   -3.210  1.00 93.81  ?  1   DC  A "C1'"  1 
ATOM   12   N  N1     . DC  A 1 1  ? -4.777  8.832   -1.966  1.00 87.36  ?  1   DC  A N1     1 
ATOM   13   C  C2     . DC  A 1 1  ? -3.397  9.034   -2.053  1.00 97.89  ?  1   DC  A C2     1 
ATOM   14   O  O2     . DC  A 1 1  ? -2.884  9.235   -3.163  1.00 103.20 ?  1   DC  A O2     1 
ATOM   15   N  N3     . DC  A 1 1  ? -2.654  8.996   -0.917  1.00 87.11  ?  1   DC  A N3     1 
ATOM   16   C  C4     . DC  A 1 1  ? -3.241  8.776   0.258   1.00 94.44  ?  1   DC  A C4     1 
ATOM   17   N  N4     . DC  A 1 1  ? -2.463  8.742   1.344   1.00 98.67  ?  1   DC  A N4     1 
ATOM   18   C  C5     . DC  A 1 1  ? -4.645  8.572   0.372   1.00 95.09  ?  1   DC  A C5     1 
ATOM   19   C  C6     . DC  A 1 1  ? -5.370  8.610   -0.754  1.00 88.02  ?  1   DC  A C6     1 
ATOM   20   H  "H5'"  . DC  A 1 1  ? -9.105  7.093   -2.584  1.00 142.33 ?  1   DC  A "H5'"  1 
ATOM   21   H  "H5''" . DC  A 1 1  ? -8.690  5.825   -3.431  1.00 142.33 ?  1   DC  A "H5''" 1 
ATOM   22   H  "H4'"  . DC  A 1 1  ? -7.833  7.714   -4.461  1.00 153.84 ?  1   DC  A "H4'"  1 
ATOM   23   H  "H3'"  . DC  A 1 1  ? -5.773  6.149   -3.338  1.00 143.86 ?  1   DC  A "H3'"  1 
ATOM   24   H  "H2'"  . DC  A 1 1  ? -4.245  7.623   -4.156  1.00 129.21 ?  1   DC  A "H2'"  1 
ATOM   25   H  "H2''" . DC  A 1 1  ? -5.300  8.260   -5.174  1.00 129.21 ?  1   DC  A "H2''" 1 
ATOM   26   H  "H1'"  . DC  A 1 1  ? -5.600  9.770   -3.575  1.00 112.73 ?  1   DC  A "H1'"  1 
ATOM   27   H  H41    . DC  A 1 1  ? -2.810  8.604   2.119   1.00 118.55 ?  1   DC  A H41    1 
ATOM   28   H  H42    . DC  A 1 1  ? -1.614  8.858   1.269   1.00 118.55 ?  1   DC  A H42    1 
ATOM   29   H  H5     . DC  A 1 1  ? -5.043  8.415   1.196   1.00 114.26 ?  1   DC  A H5     1 
ATOM   30   H  H6     . DC  A 1 1  ? -6.290  8.477   -0.711  1.00 105.78 ?  1   DC  A H6     1 
ATOM   31   P  P      . DC  A 1 2  ? -5.693  4.437   -5.291  1.00 134.61 ?  2   DC  A P      1 
ATOM   32   O  OP1    . DC  A 1 2  ? -6.244  3.763   -6.489  1.00 155.17 ?  2   DC  A OP1    1 
ATOM   33   O  OP2    . DC  A 1 2  ? -5.878  3.830   -3.953  1.00 146.82 -1 2   DC  A OP2    1 
ATOM   34   O  "O5'"  . DC  A 1 2  ? -4.130  4.668   -5.514  1.00 117.44 ?  2   DC  A "O5'"  1 
ATOM   35   C  "C5'"  . DC  A 1 2  ? -3.681  5.354   -6.678  1.00 118.21 ?  2   DC  A "C5'"  1 
ATOM   36   C  "C4'"  . DC  A 1 2  ? -2.190  5.600   -6.604  1.00 124.70 ?  2   DC  A "C4'"  1 
ATOM   37   O  "O4'"  . DC  A 1 2  ? -1.899  6.396   -5.431  1.00 127.10 ?  2   DC  A "O4'"  1 
ATOM   38   C  "C3'"  . DC  A 1 2  ? -1.342  4.346   -6.458  1.00 139.63 ?  2   DC  A "C3'"  1 
ATOM   39   O  "O3'"  . DC  A 1 2  ? -0.975  3.829   -7.732  1.00 148.57 ?  2   DC  A "O3'"  1 
ATOM   40   C  "C2'"  . DC  A 1 2  ? -0.130  4.817   -5.661  1.00 133.94 ?  2   DC  A "C2'"  1 
ATOM   41   C  "C1'"  . DC  A 1 2  ? -0.630  6.048   -4.903  1.00 115.34 ?  2   DC  A "C1'"  1 
ATOM   42   N  N1     . DC  A 1 2  ? -0.771  5.830   -3.432  1.00 110.91 ?  2   DC  A N1     1 
ATOM   43   C  C2     . DC  A 1 2  ? 0.358   5.918   -2.609  1.00 109.15 ?  2   DC  A C2     1 
ATOM   44   O  O2     . DC  A 1 2  ? 1.457   6.167   -3.118  1.00 102.10 ?  2   DC  A O2     1 
ATOM   45   N  N3     . DC  A 1 2  ? 0.214   5.725   -1.272  1.00 113.18 ?  2   DC  A N3     1 
ATOM   46   C  C4     . DC  A 1 2  ? -0.991  5.460   -0.761  1.00 116.00 ?  2   DC  A C4     1 
ATOM   47   N  N4     . DC  A 1 2  ? -1.085  5.275   0.558   1.00 114.80 ?  2   DC  A N4     1 
ATOM   48   C  C5     . DC  A 1 2  ? -2.152  5.368   -1.585  1.00 105.55 ?  2   DC  A C5     1 
ATOM   49   C  C6     . DC  A 1 2  ? -1.999  5.560   -2.899  1.00 105.21 ?  2   DC  A C6     1 
ATOM   50   H  "H5'"  . DC  A 1 2  ? -4.142  6.204   -6.747  1.00 142.00 ?  2   DC  A "H5'"  1 
ATOM   51   H  "H5''" . DC  A 1 2  ? -3.878  4.817   -7.462  1.00 142.00 ?  2   DC  A "H5''" 1 
ATOM   52   H  "H4'"  . DC  A 1 2  ? -1.907  6.085   -7.394  1.00 149.80 ?  2   DC  A "H4'"  1 
ATOM   53   H  "H3'"  . DC  A 1 2  ? -1.828  3.675   -5.955  1.00 167.70 ?  2   DC  A "H3'"  1 
ATOM   54   H  "H2'"  . DC  A 1 2  ? 0.155   4.130   -5.040  1.00 160.89 ?  2   DC  A "H2'"  1 
ATOM   55   H  "H2''" . DC  A 1 2  ? 0.595   5.059   -6.258  1.00 160.89 ?  2   DC  A "H2''" 1 
ATOM   56   H  "H1'"  . DC  A 1 2  ? -0.014  6.782   -5.055  1.00 138.56 ?  2   DC  A "H1'"  1 
ATOM   57   H  H41    . DC  A 1 2  ? -1.848  5.104   0.915   1.00 137.91 ?  2   DC  A H41    1 
ATOM   58   H  H42    . DC  A 1 2  ? -0.382  5.329   1.050   1.00 137.91 ?  2   DC  A H42    1 
ATOM   59   H  H5     . DC  A 1 2  ? -2.987  5.184   -1.219  1.00 126.82 ?  2   DC  A H5     1 
ATOM   60   H  H6     . DC  A 1 2  ? -2.739  5.505   -3.459  1.00 126.41 ?  2   DC  A H6     1 
ATOM   61   P  P      . DG  A 1 3  ? -0.371  2.346   -7.851  1.00 145.95 ?  3   DG  A P      1 
ATOM   62   O  OP1    . DG  A 1 3  ? -0.019  2.123   -9.269  1.00 155.03 ?  3   DG  A OP1    1 
ATOM   63   O  OP2    . DG  A 1 3  ? -1.294  1.420   -7.155  1.00 138.65 -1 3   DG  A OP2    1 
ATOM   64   O  "O5'"  . DG  A 1 3  ? 0.979   2.407   -7.000  1.00 129.33 ?  3   DG  A "O5'"  1 
ATOM   65   C  "C5'"  . DG  A 1 3  ? 2.145   2.991   -7.555  1.00 134.24 ?  3   DG  A "C5'"  1 
ATOM   66   C  "C4'"  . DG  A 1 3  ? 3.266   3.015   -6.537  1.00 126.67 ?  3   DG  A "C4'"  1 
ATOM   67   O  "O4'"  . DG  A 1 3  ? 2.730   3.437   -5.249  1.00 118.03 ?  3   DG  A "O4'"  1 
ATOM   68   C  "C3'"  . DG  A 1 3  ? 3.941   1.659   -6.306  1.00 130.54 ?  3   DG  A "C3'"  1 
ATOM   69   O  "O3'"  . DG  A 1 3  ? 5.357   1.765   -6.420  1.00 144.30 ?  3   DG  A "O3'"  1 
ATOM   70   C  "C2'"  . DG  A 1 3  ? 3.505   1.259   -4.906  1.00 119.91 ?  3   DG  A "C2'"  1 
ATOM   71   C  "C1'"  . DG  A 1 3  ? 3.219   2.594   -4.235  1.00 110.81 ?  3   DG  A "C1'"  1 
ATOM   72   N  N9     . DG  A 1 3  ? 2.232   2.487   -3.168  1.00 113.63 ?  3   DG  A N9     1 
ATOM   73   C  C8     . DG  A 1 3  ? 0.886   2.260   -3.310  1.00 114.75 ?  3   DG  A C8     1 
ATOM   74   N  N7     . DG  A 1 3  ? 0.250   2.177   -2.176  1.00 114.68 ?  3   DG  A N7     1 
ATOM   75   C  C5     . DG  A 1 3  ? 1.241   2.349   -1.218  1.00 108.34 ?  3   DG  A C5     1 
ATOM   76   C  C6     . DG  A 1 3  ? 1.149   2.358   0.192   1.00 119.64 ?  3   DG  A C6     1 
ATOM   77   O  O6     . DG  A 1 3  ? 0.140   2.211   0.897   1.00 121.54 ?  3   DG  A O6     1 
ATOM   78   N  N1     . DG  A 1 3  ? 2.392   2.565   0.788   1.00 121.50 ?  3   DG  A N1     1 
ATOM   79   C  C2     . DG  A 1 3  ? 3.571   2.740   0.104   1.00 112.92 ?  3   DG  A C2     1 
ATOM   80   N  N2     . DG  A 1 3  ? 4.668   2.929   0.852   1.00 125.94 ?  3   DG  A N2     1 
ATOM   81   N  N3     . DG  A 1 3  ? 3.669   2.733   -1.221  1.00 99.13  ?  3   DG  A N3     1 
ATOM   82   C  C4     . DG  A 1 3  ? 2.467   2.533   -1.813  1.00 106.21 ?  3   DG  A C4     1 
ATOM   83   H  "H5'"  . DG  A 1 3  ? 1.946   3.900   -7.832  1.00 161.24 ?  3   DG  A "H5'"  1 
ATOM   84   H  "H5''" . DG  A 1 3  ? 2.424   2.476   -8.326  1.00 161.24 ?  3   DG  A "H5''" 1 
ATOM   85   H  "H4'"  . DG  A 1 3  ? 3.936   3.656   -6.822  1.00 152.16 ?  3   DG  A "H4'"  1 
ATOM   86   H  "H3'"  . DG  A 1 3  ? 3.608   1.014   -6.949  1.00 156.80 ?  3   DG  A "H3'"  1 
ATOM   87   H  "H2'"  . DG  A 1 3  ? 2.703   0.714   -4.940  1.00 144.04 ?  3   DG  A "H2'"  1 
ATOM   88   H  "H2''" . DG  A 1 3  ? 4.220   0.792   -4.446  1.00 144.04 ?  3   DG  A "H2''" 1 
ATOM   89   H  "H1'"  . DG  A 1 3  ? 4.043   2.961   -3.879  1.00 133.12 ?  3   DG  A "H1'"  1 
ATOM   90   H  H8     . DG  A 1 3  ? 0.467   2.179   -4.136  1.00 137.85 ?  3   DG  A H8     1 
ATOM   91   H  H1     . DG  A 1 3  ? 2.423   2.584   1.648   1.00 145.95 ?  3   DG  A H1     1 
ATOM   92   H  H21    . DG  A 1 3  ? 5.432   3.046   0.474   1.00 151.28 ?  3   DG  A H21    1 
ATOM   93   H  H22    . DG  A 1 3  ? 4.608   2.934   1.710   1.00 151.28 ?  3   DG  A H22    1 
ATOM   94   P  P      . DT  A 1 4  ? 6.253   0.447   -6.639  1.00 148.74 ?  4   DT  A P      1 
ATOM   95   O  OP1    . DT  A 1 4  ? 7.432   0.856   -7.430  1.00 129.05 ?  4   DT  A OP1    1 
ATOM   96   O  OP2    . DT  A 1 4  ? 5.385   -0.646  -7.140  1.00 131.82 -1 4   DT  A OP2    1 
ATOM   97   O  "O5'"  . DT  A 1 4  ? 6.753   0.072   -5.164  1.00 128.08 ?  4   DT  A "O5'"  1 
ATOM   98   C  "C5'"  . DT  A 1 4  ? 7.908   0.706   -4.639  1.00 122.63 ?  4   DT  A "C5'"  1 
ATOM   99   C  "C4'"  . DT  A 1 4  ? 7.995   0.552   -3.125  1.00 118.13 ?  4   DT  A "C4'"  1 
ATOM   100  O  "O4'"  . DT  A 1 4  ? 6.669   0.573   -2.536  1.00 124.55 ?  4   DT  A "O4'"  1 
ATOM   101  C  "C3'"  . DT  A 1 4  ? 8.636   -0.754  -2.636  1.00 112.14 ?  4   DT  A "C3'"  1 
ATOM   102  O  "O3'"  . DT  A 1 4  ? 9.886   -0.479  -2.009  1.00 115.56 ?  4   DT  A "O3'"  1 
ATOM   103  C  "C2'"  . DT  A 1 4  ? 7.605   -1.337  -1.653  1.00 114.02 ?  4   DT  A "C2'"  1 
ATOM   104  C  "C1'"  . DT  A 1 4  ? 6.750   -0.133  -1.324  1.00 121.39 ?  4   DT  A "C1'"  1 
ATOM   105  N  N1     . DT  A 1 4  ? 5.371   -0.453  -0.813  1.00 117.96 ?  4   DT  A N1     1 
ATOM   106  C  C2     . DT  A 1 4  ? 5.184   -0.621  0.542   1.00 120.61 ?  4   DT  A C2     1 
ATOM   107  O  O2     . DT  A 1 4  ? 6.086   -0.533  1.356   1.00 127.81 ?  4   DT  A O2     1 
ATOM   108  N  N3     . DT  A 1 4  ? 3.896   -0.903  0.917   1.00 118.35 ?  4   DT  A N3     1 
ATOM   109  C  C4     . DT  A 1 4  ? 2.797   -1.028  0.092   1.00 118.80 ?  4   DT  A C4     1 
ATOM   110  O  O4     . DT  A 1 4  ? 1.677   -1.285  0.524   1.00 115.36 ?  4   DT  A O4     1 
ATOM   111  C  C5     . DT  A 1 4  ? 3.055   -0.838  -1.316  1.00 125.02 ?  4   DT  A C5     1 
ATOM   112  C  C7     . DT  A 1 4  ? 1.933   -0.952  -2.306  1.00 130.93 ?  4   DT  A C7     1 
ATOM   113  C  C6     . DT  A 1 4  ? 4.317   -0.561  -1.700  1.00 121.59 ?  4   DT  A C6     1 
ATOM   114  H  "H5'"  . DT  A 1 4  ? 7.880   1.650   -4.860  1.00 147.30 ?  4   DT  A "H5'"  1 
ATOM   115  H  "H5''" . DT  A 1 4  ? 8.697   0.311   -5.041  1.00 147.30 ?  4   DT  A "H5''" 1 
ATOM   116  H  "H4'"  . DT  A 1 4  ? 8.502   1.298   -2.769  1.00 141.91 ?  4   DT  A "H4'"  1 
ATOM   117  H  "H3'"  . DT  A 1 4  ? 8.763   -1.361  -3.382  1.00 134.72 ?  4   DT  A "H3'"  1 
ATOM   118  H  "H2'"  . DT  A 1 4  ? 7.076   -2.028  -2.079  1.00 136.97 ?  4   DT  A "H2'"  1 
ATOM   119  H  "H2''" . DT  A 1 4  ? 8.043   -1.676  -0.857  1.00 136.97 ?  4   DT  A "H2''" 1 
ATOM   120  H  "H1'"  . DT  A 1 4  ? 7.211   0.415   -0.669  1.00 145.82 ?  4   DT  A "H1'"  1 
ATOM   121  H  H3     . DT  A 1 4  ? 3.757   -1.011  1.759   1.00 142.17 ?  4   DT  A H3     1 
ATOM   122  H  H71    . DT  A 1 4  ? 1.832   -0.112  -2.778  1.00 157.27 ?  4   DT  A H71    1 
ATOM   123  H  H72    . DT  A 1 4  ? 2.133   -1.658  -2.941  1.00 157.27 ?  4   DT  A H72    1 
ATOM   124  H  H73    . DT  A 1 4  ? 1.110   -1.162  -1.838  1.00 157.27 ?  4   DT  A H73    1 
ATOM   125  H  H6     . DT  A 1 4  ? 4.488   -0.441  -2.607  1.00 146.06 ?  4   DT  A H6     1 
ATOM   126  P  P      . DC  A 1 5  ? 10.872  -1.676  -1.588  1.00 140.96 ?  5   DC  A P      1 
ATOM   127  O  OP1    . DC  A 1 5  ? 12.196  -1.070  -1.324  1.00 144.32 ?  5   DC  A OP1    1 
ATOM   128  O  OP2    . DC  A 1 5  ? 10.716  -2.779  -2.565  1.00 140.50 -1 5   DC  A OP2    1 
ATOM   129  O  "O5'"  . DC  A 1 5  ? 10.285  -2.200  -0.200  1.00 101.72 ?  5   DC  A "O5'"  1 
ATOM   130  C  "C5'"  . DC  A 1 5  ? 10.832  -1.744  1.012   1.00 108.02 ?  5   DC  A "C5'"  1 
ATOM   131  C  "C4'"  . DC  A 1 5  ? 10.156  -2.410  2.189   1.00 111.12 ?  5   DC  A "C4'"  1 
ATOM   132  O  "O4'"  . DC  A 1 5  ? 8.721   -2.387  2.006   1.00 111.24 ?  5   DC  A "O4'"  1 
ATOM   133  C  "C3'"  . DC  A 1 5  ? 10.521  -3.879  2.430   1.00 109.42 ?  5   DC  A "C3'"  1 
ATOM   134  O  "O3'"  . DC  A 1 5  ? 11.045  -3.984  3.736   1.00 75.35  ?  5   DC  A "O3'"  1 
ATOM   135  C  "C2'"  . DC  A 1 5  ? 9.192   -4.635  2.245   1.00 107.27 ?  5   DC  A "C2'"  1 
ATOM   136  C  "C1'"  . DC  A 1 5  ? 8.182   -3.558  2.571   1.00 111.32 ?  5   DC  A "C1'"  1 
ATOM   137  N  N1     . DC  A 1 5  ? 6.807   -3.753  2.018   1.00 116.51 ?  5   DC  A N1     1 
ATOM   138  C  C2     . DC  A 1 5  ? 5.728   -3.884  2.900   1.00 114.32 ?  5   DC  A C2     1 
ATOM   139  O  O2     . DC  A 1 5  ? 5.943   -3.881  4.121   1.00 114.35 ?  5   DC  A O2     1 
ATOM   140  N  N3     . DC  A 1 5  ? 4.476   -4.024  2.394   1.00 108.67 ?  5   DC  A N3     1 
ATOM   141  C  C4     . DC  A 1 5  ? 4.284   -4.016  1.075   1.00 109.80 ?  5   DC  A C4     1 
ATOM   142  N  N4     . DC  A 1 5  ? 3.033   -4.171  0.620   1.00 108.12 ?  5   DC  A N4     1 
ATOM   143  C  C5     . DC  A 1 5  ? 5.370   -3.872  0.158   1.00 115.83 ?  5   DC  A C5     1 
ATOM   144  C  C6     . DC  A 1 5  ? 6.600   -3.733  0.673   1.00 116.00 ?  5   DC  A C6     1 
ATOM   145  H  "H5'"  . DC  A 1 5  ? 10.712  -0.784  1.075   1.00 129.78 ?  5   DC  A "H5'"  1 
ATOM   146  H  "H5''" . DC  A 1 5  ? 11.781  -1.949  1.030   1.00 129.78 ?  5   DC  A "H5''" 1 
ATOM   147  H  "H4'"  . DC  A 1 5  ? 10.371  -1.905  2.991   1.00 133.49 ?  5   DC  A "H4'"  1 
ATOM   148  H  "H3'"  . DC  A 1 5  ? 11.174  -4.175  1.776   1.00 131.46 ?  5   DC  A "H3'"  1 
ATOM   149  H  "H2'"  . DC  A 1 5  ? 9.091   -4.940  1.330   1.00 128.87 ?  5   DC  A "H2'"  1 
ATOM   150  H  "H2''" . DC  A 1 5  ? 9.124   -5.374  2.870   1.00 128.87 ?  5   DC  A "H2''" 1 
ATOM   151  H  "H1'"  . DC  A 1 5  ? 8.127   -3.452  3.533   1.00 133.73 ?  5   DC  A "H1'"  1 
ATOM   152  H  H41    . DC  A 1 5  ? 2.880   -4.169  -0.226  1.00 129.89 ?  5   DC  A H41    1 
ATOM   153  H  H42    . DC  A 1 5  ? 2.384   -4.271  1.175   1.00 129.89 ?  5   DC  A H42    1 
ATOM   154  H  H5     . DC  A 1 5  ? 5.229   -3.871  -0.761  1.00 139.15 ?  5   DC  A H5     1 
ATOM   155  H  H6     . DC  A 1 5  ? 7.326   -3.637  0.100   1.00 139.35 ?  5   DC  A H6     1 
ATOM   156  P  P      . DG  A 1 6  ? 11.806  -5.301  4.223   1.00 121.86 ?  6   DG  A P      1 
ATOM   157  O  OP1    . DG  A 1 6  ? 12.652  -4.905  5.375   1.00 122.14 ?  6   DG  A OP1    1 
ATOM   158  O  OP2    . DG  A 1 6  ? 12.375  -5.997  3.042   1.00 131.78 -1 6   DG  A OP2    1 
ATOM   159  O  "O5'"  . DG  A 1 6  ? 10.623  -6.208  4.756   1.00 93.75  ?  6   DG  A "O5'"  1 
ATOM   160  C  "C5'"  . DG  A 1 6  ? 9.595   -5.651  5.540   1.00 103.81 ?  6   DG  A "C5'"  1 
ATOM   161  C  "C4'"  . DG  A 1 6  ? 8.878   -6.743  6.290   1.00 123.61 ?  6   DG  A "C4'"  1 
ATOM   162  O  "O4'"  . DG  A 1 6  ? 7.458   -6.609  6.084   1.00 127.17 ?  6   DG  A "O4'"  1 
ATOM   163  C  "C3'"  . DG  A 1 6  ? 9.258   -8.152  5.849   1.00 98.11  ?  6   DG  A "C3'"  1 
ATOM   164  O  "O3'"  . DG  A 1 6  ? 10.225  -8.695  6.734   1.00 94.06  ?  6   DG  A "O3'"  1 
ATOM   165  C  "C2'"  . DG  A 1 6  ? 7.946   -8.908  5.873   1.00 103.68 ?  6   DG  A "C2'"  1 
ATOM   166  C  "C1'"  . DG  A 1 6  ? 6.906   -7.820  5.640   1.00 103.37 ?  6   DG  A "C1'"  1 
ATOM   167  N  N9     . DG  A 1 6  ? 6.524   -7.658  4.248   1.00 86.78  ?  6   DG  A N9     1 
ATOM   168  C  C8     . DG  A 1 6  ? 7.345   -7.675  3.143   1.00 93.13  ?  6   DG  A C8     1 
ATOM   169  N  N7     . DG  A 1 6  ? 6.702   -7.502  2.024   1.00 96.39  ?  6   DG  A N7     1 
ATOM   170  C  C5     . DG  A 1 6  ? 5.377   -7.355  2.417   1.00 98.03  ?  6   DG  A C5     1 
ATOM   171  C  C6     . DG  A 1 6  ? 4.219   -7.140  1.644   1.00 98.30  ?  6   DG  A C6     1 
ATOM   172  O  O6     . DG  A 1 6  ? 4.129   -7.026  0.416   1.00 117.99 ?  6   DG  A O6     1 
ATOM   173  N  N1     . DG  A 1 6  ? 3.079   -7.049  2.435   1.00 93.26  ?  6   DG  A N1     1 
ATOM   174  C  C2     . DG  A 1 6  ? 3.060   -7.156  3.805   1.00 100.67 ?  6   DG  A C2     1 
ATOM   175  N  N2     . DG  A 1 6  ? 1.861   -7.044  4.398   1.00 93.93  ?  6   DG  A N2     1 
ATOM   176  N  N3     . DG  A 1 6  ? 4.139   -7.361  4.542   1.00 100.43 ?  6   DG  A N3     1 
ATOM   177  C  C4     . DG  A 1 6  ? 5.256   -7.450  3.781   1.00 99.35  ?  6   DG  A C4     1 
ATOM   178  H  "H5'"  . DG  A 1 6  ? 8.965   -5.188  4.965   1.00 124.73 ?  6   DG  A "H5'"  1 
ATOM   179  H  "H5''" . DG  A 1 6  ? 9.976   -5.023  6.173   1.00 124.73 ?  6   DG  A "H5''" 1 
ATOM   180  H  "H4'"  . DG  A 1 6  ? 9.068   -6.649  7.236   1.00 148.49 ?  6   DG  A "H4'"  1 
ATOM   181  H  "H3'"  . DG  A 1 6  ? 9.611   -8.131  4.946   1.00 117.88 ?  6   DG  A "H3'"  1 
ATOM   182  H  "HO3'" . DG  A 1 6  ? 10.056  -9.399  7.158   1.00 113.03 ?  6   DG  A "HO3'" 1 
ATOM   183  H  "H2'"  . DG  A 1 6  ? 7.919   -9.565  5.161   1.00 124.57 ?  6   DG  A "H2'"  1 
ATOM   184  H  "H2''" . DG  A 1 6  ? 7.811   -9.330  6.736   1.00 124.57 ?  6   DG  A "H2''" 1 
ATOM   185  H  "H1'"  . DG  A 1 6  ? 6.116   -8.021  6.165   1.00 124.19 ?  6   DG  A "H1'"  1 
ATOM   186  H  H8     . DG  A 1 6  ? 8.265   -7.804  3.190   1.00 111.91 ?  6   DG  A H8     1 
ATOM   187  H  H1     . DG  A 1 6  ? 2.328   -6.917  2.037   1.00 112.07 ?  6   DG  A H1     1 
ATOM   188  H  H21    . DG  A 1 6  ? 1.797   -7.106  5.253   1.00 112.87 ?  6   DG  A H21    1 
ATOM   189  H  H22    . DG  A 1 6  ? 1.157   -6.912  3.923   1.00 112.87 ?  6   DG  A H22    1 
ATOM   190  O  "O5'"  . DG  B 2 1  ? -9.499  -34.220 3.116   1.00 177.94 ?  7   DG  B "O5'"  1 
ATOM   191  C  "C5'"  . DG  B 2 1  ? -9.059  -34.537 4.433   1.00 180.11 ?  7   DG  B "C5'"  1 
ATOM   192  C  "C4'"  . DG  B 2 1  ? -7.624  -35.026 4.413   1.00 174.57 ?  7   DG  B "C4'"  1 
ATOM   193  O  "O4'"  . DG  B 2 1  ? -7.379  -35.679 3.149   1.00 166.63 ?  7   DG  B "O4'"  1 
ATOM   194  C  "C3'"  . DG  B 2 1  ? -6.576  -33.924 4.563   1.00 182.10 ?  7   DG  B "C3'"  1 
ATOM   195  O  "O3'"  . DG  B 2 1  ? -5.884  -34.060 5.803   1.00 183.14 ?  7   DG  B "O3'"  1 
ATOM   196  C  "C2'"  . DG  B 2 1  ? -5.637  -34.075 3.361   1.00 163.53 ?  7   DG  B "C2'"  1 
ATOM   197  C  "C1'"  . DG  B 2 1  ? -6.134  -35.300 2.606   1.00 150.85 ?  7   DG  B "C1'"  1 
ATOM   198  N  N9     . DG  B 2 1  ? -6.322  -35.071 1.177   1.00 131.84 ?  7   DG  B N9     1 
ATOM   199  C  C8     . DG  B 2 1  ? -7.488  -34.705 0.547   1.00 128.46 ?  7   DG  B C8     1 
ATOM   200  N  N7     . DG  B 2 1  ? -7.363  -34.583 -0.745  1.00 124.80 ?  7   DG  B N7     1 
ATOM   201  C  C5     . DG  B 2 1  ? -6.030  -34.891 -0.987  1.00 123.26 ?  7   DG  B C5     1 
ATOM   202  C  C6     . DG  B 2 1  ? -5.313  -34.928 -2.203  1.00 121.49 ?  7   DG  B C6     1 
ATOM   203  O  O6     . DG  B 2 1  ? -5.730  -34.686 -3.345  1.00 124.10 ?  7   DG  B O6     1 
ATOM   204  N  N1     . DG  B 2 1  ? -3.978  -35.288 -2.007  1.00 117.89 ?  7   DG  B N1     1 
ATOM   205  C  C2     . DG  B 2 1  ? -3.412  -35.575 -0.782  1.00 122.84 ?  7   DG  B C2     1 
ATOM   206  N  N2     . DG  B 2 1  ? -2.111  -35.904 -0.792  1.00 120.13 ?  7   DG  B N2     1 
ATOM   207  N  N3     . DG  B 2 1  ? -4.075  -35.545 0.368   1.00 130.21 ?  7   DG  B N3     1 
ATOM   208  C  C4     . DG  B 2 1  ? -5.375  -35.195 0.187   1.00 131.64 ?  7   DG  B C4     1 
ATOM   209  H  "H5'"  . DG  B 2 1  ? -9.628  -35.232 4.802   1.00 216.28 ?  7   DG  B "H5'"  1 
ATOM   210  H  "H5''" . DG  B 2 1  ? -9.120  -33.746 4.990   1.00 216.28 ?  7   DG  B "H5''" 1 
ATOM   211  H  "H4'"  . DG  B 2 1  ? -7.503  -35.671 5.128   1.00 209.64 ?  7   DG  B "H4'"  1 
ATOM   212  H  "H3'"  . DG  B 2 1  ? -7.011  -33.057 4.528   1.00 218.67 ?  7   DG  B "H3'"  1 
ATOM   213  H  "H2'"  . DG  B 2 1  ? -5.687  -33.289 2.795   1.00 196.39 ?  7   DG  B "H2'"  1 
ATOM   214  H  "H2''" . DG  B 2 1  ? -4.726  -34.214 3.663   1.00 196.39 ?  7   DG  B "H2''" 1 
ATOM   215  H  "H1'"  . DG  B 2 1  ? -5.502  -36.025 2.729   1.00 181.18 ?  7   DG  B "H1'"  1 
ATOM   216  H  H8     . DG  B 2 1  ? -8.286  -34.557 0.999   1.00 154.30 ?  7   DG  B H8     1 
ATOM   217  H  H1     . DG  B 2 1  ? -3.472  -35.334 -2.700  1.00 141.62 ?  7   DG  B H1     1 
ATOM   218  H  H21    . DG  B 2 1  ? -1.710  -36.094 -0.055  1.00 144.31 ?  7   DG  B H21    1 
ATOM   219  H  H22    . DG  B 2 1  ? -1.678  -35.924 -1.534  1.00 144.31 ?  7   DG  B H22    1 
ATOM   220  H  "HO5'" . DG  B 2 1  ? -10.286 -33.954 2.988   1.00 213.68 ?  7   DG  B "HO5'" 1 
ATOM   221  P  P      . DA  B 2 2  ? -4.876  -32.911 6.297   1.00 181.28 ?  8   DA  B P      1 
ATOM   222  O  OP1    . DA  B 2 2  ? -4.538  -33.179 7.713   1.00 167.81 ?  8   DA  B OP1    1 
ATOM   223  O  OP2    . DA  B 2 2  ? -5.457  -31.603 5.918   1.00 177.75 -1 8   DA  B OP2    1 
ATOM   224  O  "O5'"  . DA  B 2 2  ? -3.572  -33.142 5.405   1.00 158.85 ?  8   DA  B "O5'"  1 
ATOM   225  C  "C5'"  . DA  B 2 2  ? -2.518  -32.200 5.443   1.00 161.38 ?  8   DA  B "C5'"  1 
ATOM   226  C  "C4'"  . DA  B 2 2  ? -1.234  -32.806 4.914   1.00 159.95 ?  8   DA  B "C4'"  1 
ATOM   227  O  "O4'"  . DA  B 2 2  ? -1.491  -33.467 3.650   1.00 148.69 ?  8   DA  B "O4'"  1 
ATOM   228  C  "C3'"  . DA  B 2 2  ? -0.131  -31.800 4.642   1.00 162.39 ?  8   DA  B "C3'"  1 
ATOM   229  O  "O3'"  . DA  B 2 2  ? 1.141   -32.342 4.957   1.00 168.83 ?  8   DA  B "O3'"  1 
ATOM   230  C  "C2'"  . DA  B 2 2  ? -0.275  -31.483 3.155   1.00 149.35 ?  8   DA  B "C2'"  1 
ATOM   231  C  "C1'"  . DA  B 2 2  ? -1.000  -32.695 2.568   1.00 136.09 ?  8   DA  B "C1'"  1 
ATOM   232  N  N9     . DA  B 2 2  ? -2.128  -32.341 1.701   1.00 139.31 ?  8   DA  B N9     1 
ATOM   233  C  C8     . DA  B 2 2  ? -3.383  -31.970 2.095   1.00 143.89 ?  8   DA  B C8     1 
ATOM   234  N  N7     . DA  B 2 2  ? -4.199  -31.711 1.103   1.00 138.14 ?  8   DA  B N7     1 
ATOM   235  C  C5     . DA  B 2 2  ? -3.426  -31.925 -0.025  1.00 130.80 ?  8   DA  B C5     1 
ATOM   236  C  C6     . DA  B 2 2  ? -3.708  -31.821 -1.399  1.00 131.10 ?  8   DA  B C6     1 
ATOM   237  N  N6     . DA  B 2 2  ? -4.902  -31.453 -1.878  1.00 133.42 ?  8   DA  B N6     1 
ATOM   238  N  N1     . DA  B 2 2  ? -2.713  -32.106 -2.265  1.00 128.33 ?  8   DA  B N1     1 
ATOM   239  C  C2     . DA  B 2 2  ? -1.521  -32.469 -1.779  1.00 123.61 ?  8   DA  B C2     1 
ATOM   240  N  N3     . DA  B 2 2  ? -1.137  -32.604 -0.512  1.00 126.57 ?  8   DA  B N3     1 
ATOM   241  C  C4     . DA  B 2 2  ? -2.145  -32.314 0.324   1.00 127.43 ?  8   DA  B C4     1 
ATOM   242  H  "H5'"  . DA  B 2 2  ? -2.381  -31.912 6.359   1.00 193.80 ?  8   DA  B "H5'"  1 
ATOM   243  H  "H5''" . DA  B 2 2  ? -2.757  -31.434 4.900   1.00 193.80 ?  8   DA  B "H5''" 1 
ATOM   244  H  "H4'"  . DA  B 2 2  ? -0.910  -33.462 5.552   1.00 192.09 ?  8   DA  B "H4'"  1 
ATOM   245  H  "H3'"  . DA  B 2 2  ? -0.284  -30.997 5.165   1.00 195.02 ?  8   DA  B "H3'"  1 
ATOM   246  H  "H2'"  . DA  B 2 2  ? -0.804  -30.680 3.031   1.00 179.37 ?  8   DA  B "H2'"  1 
ATOM   247  H  "H2''" . DA  B 2 2  ? 0.598   -31.381 2.745   1.00 179.37 ?  8   DA  B "H2''" 1 
ATOM   248  H  "H1'"  . DA  B 2 2  ? -0.367  -33.227 2.062   1.00 163.46 ?  8   DA  B "H1'"  1 
ATOM   249  H  H8     . DA  B 2 2  ? -3.636  -31.911 2.988   1.00 172.82 ?  8   DA  B H8     1 
ATOM   250  H  H61    . DA  B 2 2  ? -5.027  -31.399 -2.728  1.00 160.25 ?  8   DA  B H61    1 
ATOM   251  H  H62    . DA  B 2 2  ? -5.545  -31.269 -1.337  1.00 160.25 ?  8   DA  B H62    1 
ATOM   252  H  H2     . DA  B 2 2  ? -0.869  -32.653 -2.416  1.00 148.48 ?  8   DA  B H2     1 
ATOM   253  P  P      . DA  B 2 3  ? 2.435   -31.390 4.978   1.00 183.84 ?  9   DA  B P      1 
ATOM   254  O  OP1    . DA  B 2 3  ? 3.304   -31.851 6.083   1.00 175.77 ?  9   DA  B OP1    1 
ATOM   255  O  OP2    . DA  B 2 3  ? 1.968   -29.983 4.947   1.00 170.31 -1 9   DA  B OP2    1 
ATOM   256  O  "O5'"  . DA  B 2 3  ? 3.155   -31.695 3.583   1.00 165.78 ?  9   DA  B "O5'"  1 
ATOM   257  C  "C5'"  . DA  B 2 3  ? 4.415   -31.112 3.293   1.00 155.41 ?  9   DA  B "C5'"  1 
ATOM   258  C  "C4'"  . DA  B 2 3  ? 4.475   -30.633 1.854   1.00 140.90 ?  9   DA  B "C4'"  1 
ATOM   259  O  "O4'"  . DA  B 2 3  ? 3.223   -30.906 1.192   1.00 135.92 ?  9   DA  B "O4'"  1 
ATOM   260  C  "C3'"  . DA  B 2 3  ? 4.672   -29.134 1.696   1.00 143.03 ?  9   DA  B "C3'"  1 
ATOM   261  O  "O3'"  . DA  B 2 3  ? 6.070   -28.789 1.668   1.00 156.85 ?  9   DA  B "O3'"  1 
ATOM   262  C  "C2'"  . DA  B 2 3  ? 3.949   -28.800 0.384   1.00 140.07 ?  9   DA  B "C2'"  1 
ATOM   263  C  "C1'"  . DA  B 2 3  ? 3.090   -30.034 0.085   1.00 136.39 ?  9   DA  B "C1'"  1 
ATOM   264  N  N9     . DA  B 2 3  ? 1.672   -29.732 -0.107  1.00 131.08 ?  9   DA  B N9     1 
ATOM   265  C  C8     . DA  B 2 3  ? 0.738   -29.541 0.866   1.00 132.17 ?  9   DA  B C8     1 
ATOM   266  N  N7     . DA  B 2 3  ? -0.467  -29.288 0.411   1.00 117.90 ?  9   DA  B N7     1 
ATOM   267  C  C5     . DA  B 2 3  ? -0.313  -29.309 -0.962  1.00 124.26 ?  9   DA  B C5     1 
ATOM   268  C  C6     . DA  B 2 3  ? -1.222  -29.112 -2.022  1.00 133.89 ?  9   DA  B C6     1 
ATOM   269  N  N6     . DA  B 2 3  ? -2.519  -28.837 -1.838  1.00 128.38 ?  9   DA  B N6     1 
ATOM   270  N  N1     . DA  B 2 3  ? -0.745  -29.203 -3.280  1.00 128.01 ?  9   DA  B N1     1 
ATOM   271  C  C2     . DA  B 2 3  ? 0.555   -29.474 -3.459  1.00 131.01 ?  9   DA  B C2     1 
ATOM   272  N  N3     . DA  B 2 3  ? 1.506   -29.681 -2.544  1.00 129.60 ?  9   DA  B N3     1 
ATOM   273  C  C4     . DA  B 2 3  ? 1.001   -29.584 -1.304  1.00 123.58 ?  9   DA  B C4     1 
ATOM   274  H  "H5'"  . DA  B 2 3  ? 5.111   -31.772 3.438   1.00 186.64 ?  9   DA  B "H5'"  1 
ATOM   275  H  "H5''" . DA  B 2 3  ? 4.560   -30.358 3.885   1.00 186.64 ?  9   DA  B "H5''" 1 
ATOM   276  H  "H4'"  . DA  B 2 3  ? 5.189   -31.100 1.391   1.00 169.23 ?  9   DA  B "H4'"  1 
ATOM   277  H  "H3'"  . DA  B 2 3  ? 4.239   -28.672 2.430   1.00 171.78 ?  9   DA  B "H3'"  1 
ATOM   278  H  "H2'"  . DA  B 2 3  ? 3.387   -28.017 0.498   1.00 168.24 ?  9   DA  B "H2'"  1 
ATOM   279  H  "H2''" . DA  B 2 3  ? 4.592   -28.655 -0.329  1.00 168.24 ?  9   DA  B "H2''" 1 
ATOM   280  H  "H1'"  . DA  B 2 3  ? 3.433   -30.475 -0.709  1.00 163.82 ?  9   DA  B "H1'"  1 
ATOM   281  H  H8     . DA  B 2 3  ? 0.934   -29.594 1.774   1.00 158.75 ?  9   DA  B H8     1 
ATOM   282  H  H61    . DA  B 2 3  ? -3.035  -28.721 -2.515  1.00 154.21 ?  9   DA  B H61    1 
ATOM   283  H  H62    . DA  B 2 3  ? -2.837  -28.776 -1.040  1.00 154.21 ?  9   DA  B H62    1 
ATOM   284  H  H2     . DA  B 2 3  ? 0.834   -29.524 -4.344  1.00 157.37 ?  9   DA  B H2     1 
ATOM   285  P  P      . DC  B 2 4  ? 7.029   -29.265 0.467   1.00 166.03 ?  10  DC  B P      1 
ATOM   286  O  OP1    . DC  B 2 4  ? 6.423   -30.442 -0.192  1.00 156.86 -1 10  DC  B OP1    1 
ATOM   287  O  OP2    . DC  B 2 4  ? 8.395   -29.363 1.028   1.00 173.58 ?  10  DC  B OP2    1 
ATOM   288  O  "O5'"  . DC  B 2 4  ? 6.978   -28.059 -0.579  1.00 155.22 ?  10  DC  B "O5'"  1 
ATOM   289  C  "C5'"  . DC  B 2 4  ? 7.658   -28.174 -1.823  1.00 160.03 ?  10  DC  B "C5'"  1 
ATOM   290  C  "C4'"  . DC  B 2 4  ? 6.993   -27.328 -2.887  1.00 162.13 ?  10  DC  B "C4'"  1 
ATOM   291  O  "O4'"  . DC  B 2 4  ? 5.597   -27.687 -2.998  1.00 153.57 ?  10  DC  B "O4'"  1 
ATOM   292  C  "C3'"  . DC  B 2 4  ? 6.957   -25.841 -2.597  1.00 162.19 ?  10  DC  B "C3'"  1 
ATOM   293  O  "O3'"  . DC  B 2 4  ? 8.205   -25.167 -2.961  1.00 160.92 ?  10  DC  B "O3'"  1 
ATOM   294  C  "C2'"  . DC  B 2 4  ? 5.749   -25.365 -3.403  1.00 155.81 ?  10  DC  B "C2'"  1 
ATOM   295  C  "C1'"  . DC  B 2 4  ? 4.922   -26.631 -3.647  1.00 142.10 ?  10  DC  B "C1'"  1 
ATOM   296  N  N1     . DC  B 2 4  ? 3.533   -26.515 -3.116  1.00 142.66 ?  10  DC  B N1     1 
ATOM   297  C  C2     . DC  B 2 4  ? 2.461   -26.307 -3.996  1.00 131.42 ?  10  DC  B C2     1 
ATOM   298  O  O2     . DC  B 2 4  ? 2.675   -26.262 -5.216  1.00 121.49 ?  10  DC  B O2     1 
ATOM   299  N  N3     . DC  B 2 4  ? 1.212   -26.178 -3.484  1.00 120.46 ?  10  DC  B N3     1 
ATOM   300  C  C4     . DC  B 2 4  ? 1.025   -26.233 -2.161  1.00 123.57 ?  10  DC  B C4     1 
ATOM   301  N  N4     . DC  B 2 4  ? -0.222  -26.097 -1.697  1.00 123.68 ?  10  DC  B N4     1 
ATOM   302  C  C5     . DC  B 2 4  ? 2.105   -26.424 -1.257  1.00 131.66 ?  10  DC  B C5     1 
ATOM   303  C  C6     . DC  B 2 4  ? 3.330   -26.551 -1.773  1.00 138.06 ?  10  DC  B C6     1 
ATOM   304  H  "H5'"  . DC  B 2 4  ? 7.651   -29.102 -2.104  1.00 192.19 ?  10  DC  B "H5'"  1 
ATOM   305  H  "H5''" . DC  B 2 4  ? 8.576   -27.882 -1.711  1.00 192.19 ?  10  DC  B "H5''" 1 
ATOM   306  H  "H4'"  . DC  B 2 4  ? 7.433   -27.479 -3.739  1.00 194.71 ?  10  DC  B "H4'"  1 
ATOM   307  H  "H3'"  . DC  B 2 4  ? 6.784   -25.704 -1.652  1.00 194.78 ?  10  DC  B "H3'"  1 
ATOM   308  H  "H2'"  . DC  B 2 4  ? 5.235   -24.720 -2.892  1.00 187.12 ?  10  DC  B "H2'"  1 
ATOM   309  H  "H2''" . DC  B 2 4  ? 6.035   -24.980 -4.246  1.00 187.12 ?  10  DC  B "H2''" 1 
ATOM   310  H  "H1'"  . DC  B 2 4  ? 4.887   -26.812 -4.600  1.00 170.67 ?  10  DC  B "H1'"  1 
ATOM   311  H  H41    . DC  B 2 4  ? -0.372  -26.129 -0.851  1.00 148.57 ?  10  DC  B H41    1 
ATOM   312  H  H42    . DC  B 2 4  ? -0.874  -25.977 -2.245  1.00 148.57 ?  10  DC  B H42    1 
ATOM   313  H  H5     . DC  B 2 4  ? 1.964   -26.459 -0.338  1.00 158.15 ?  10  DC  B H5     1 
ATOM   314  H  H6     . DC  B 2 4  ? 4.056   -26.676 -1.204  1.00 165.83 ?  10  DC  B H6     1 
ATOM   315  P  P      . DG  B 2 5  ? 8.771   -25.107 -4.472  1.00 183.89 ?  11  DG  B P      1 
ATOM   316  O  OP1    . DG  B 2 5  ? 8.839   -26.463 -5.049  1.00 176.61 ?  11  DG  B OP1    1 
ATOM   317  O  OP2    . DG  B 2 5  ? 10.017  -24.313 -4.390  1.00 186.59 -1 11  DG  B OP2    1 
ATOM   318  O  "O5'"  . DG  B 2 5  ? 7.703   -24.234 -5.292  1.00 168.31 ?  11  DG  B "O5'"  1 
ATOM   319  C  "C5'"  . DG  B 2 5  ? 7.211   -24.710 -6.548  1.00 159.06 ?  11  DG  B "C5'"  1 
ATOM   320  C  "C4'"  . DG  B 2 5  ? 6.107   -23.814 -7.101  1.00 157.30 ?  11  DG  B "C4'"  1 
ATOM   321  O  "O4'"  . DG  B 2 5  ? 4.927   -23.917 -6.267  1.00 148.29 ?  11  DG  B "O4'"  1 
ATOM   322  C  "C3'"  . DG  B 2 5  ? 6.458   -22.326 -7.173  1.00 147.39 ?  11  DG  B "C3'"  1 
ATOM   323  O  "O3'"  . DG  B 2 5  ? 6.502   -21.895 -8.535  1.00 143.76 ?  11  DG  B "O3'"  1 
ATOM   324  C  "C2'"  . DG  B 2 5  ? 5.361   -21.615 -6.364  1.00 141.70 ?  11  DG  B "C2'"  1 
ATOM   325  C  "C1'"  . DG  B 2 5  ? 4.271   -22.669 -6.202  1.00 131.06 ?  11  DG  B "C1'"  1 
ATOM   326  N  N9     . DG  B 2 5  ? 3.552   -22.612 -4.928  1.00 125.24 ?  11  DG  B N9     1 
ATOM   327  C  C8     . DG  B 2 5  ? 4.106   -22.706 -3.684  1.00 129.90 ?  11  DG  B C8     1 
ATOM   328  N  N7     . DG  B 2 5  ? 3.237   -22.661 -2.713  1.00 126.81 ?  11  DG  B N7     1 
ATOM   329  C  C5     . DG  B 2 5  ? 2.018   -22.521 -3.357  1.00 124.50 ?  11  DG  B C5     1 
ATOM   330  C  C6     . DG  B 2 5  ? 0.717   -22.409 -2.819  1.00 116.60 ?  11  DG  B C6     1 
ATOM   331  O  O6     . DG  B 2 5  ? 0.379   -22.413 -1.625  1.00 112.38 ?  11  DG  B O6     1 
ATOM   332  N  N1     . DG  B 2 5  ? -0.247  -22.282 -3.823  1.00 115.36 ?  11  DG  B N1     1 
ATOM   333  C  C2     . DG  B 2 5  ? 0.027   -22.266 -5.177  1.00 119.81 ?  11  DG  B C2     1 
ATOM   334  N  N2     . DG  B 2 5  ? -1.031  -22.134 -5.994  1.00 132.61 ?  11  DG  B N2     1 
ATOM   335  N  N3     . DG  B 2 5  ? 1.248   -22.371 -5.693  1.00 116.13 ?  11  DG  B N3     1 
ATOM   336  C  C4     . DG  B 2 5  ? 2.190   -22.495 -4.726  1.00 120.46 ?  11  DG  B C4     1 
ATOM   337  H  "H5'"  . DG  B 2 5  ? 6.860   -25.607 -6.430  1.00 191.02 ?  11  DG  B "H5'"  1 
ATOM   338  H  "H5''" . DG  B 2 5  ? 7.943   -24.739 -7.184  1.00 191.02 ?  11  DG  B "H5''" 1 
ATOM   339  H  "H4'"  . DG  B 2 5  ? 5.881   -24.119 -7.994  1.00 188.92 ?  11  DG  B "H4'"  1 
ATOM   340  H  "H3'"  . DG  B 2 5  ? 7.320   -22.174 -6.754  1.00 177.02 ?  11  DG  B "H3'"  1 
ATOM   341  H  "H2'"  . DG  B 2 5  ? 5.701   -21.343 -5.497  1.00 170.19 ?  11  DG  B "H2'"  1 
ATOM   342  H  "H2''" . DG  B 2 5  ? 5.022   -20.849 -6.852  1.00 170.19 ?  11  DG  B "H2''" 1 
ATOM   343  H  "H1'"  . DG  B 2 5  ? 3.640   -22.597 -6.935  1.00 157.43 ?  11  DG  B "H1'"  1 
ATOM   344  H  H8     . DG  B 2 5  ? 5.020   -22.809 -3.542  1.00 156.04 ?  11  DG  B H8     1 
ATOM   345  H  H1     . DG  B 2 5  ? -1.068  -22.209 -3.581  1.00 138.58 ?  11  DG  B H1     1 
ATOM   346  H  H21    . DG  B 2 5  ? -0.916  -22.117 -6.846  1.00 159.29 ?  11  DG  B H21    1 
ATOM   347  H  H22    . DG  B 2 5  ? -1.822  -22.067 -5.665  1.00 159.29 ?  11  DG  B H22    1 
ATOM   348  P  P      . DA  B 2 6  ? 6.838   -20.368 -8.912  1.00 162.78 ?  12  DA  B P      1 
ATOM   349  O  OP1    . DA  B 2 6  ? 7.559   -20.385 -10.204 1.00 170.40 ?  12  DA  B OP1    1 
ATOM   350  O  OP2    . DA  B 2 6  ? 7.448   -19.709 -7.734  1.00 166.53 -1 12  DA  B OP2    1 
ATOM   351  O  "O5'"  . DA  B 2 6  ? 5.399   -19.720 -9.156  1.00 139.80 ?  12  DA  B "O5'"  1 
ATOM   352  C  "C5'"  . DA  B 2 6  ? 4.464   -20.378 -10.003 1.00 146.10 ?  12  DA  B "C5'"  1 
ATOM   353  C  "C4'"  . DA  B 2 6  ? 3.150   -19.625 -10.042 1.00 146.40 ?  12  DA  B "C4'"  1 
ATOM   354  O  "O4'"  . DA  B 2 6  ? 2.420   -19.876 -8.811  1.00 134.66 ?  12  DA  B "O4'"  1 
ATOM   355  C  "C3'"  . DA  B 2 6  ? 3.299   -18.112 -10.163 1.00 149.16 ?  12  DA  B "C3'"  1 
ATOM   356  O  "O3'"  . DA  B 2 6  ? 2.432   -17.599 -11.164 1.00 157.26 ?  12  DA  B "O3'"  1 
ATOM   357  C  "C2'"  . DA  B 2 6  ? 2.959   -17.587 -8.772  1.00 141.46 ?  12  DA  B "C2'"  1 
ATOM   358  C  "C1'"  . DA  B 2 6  ? 2.051   -18.663 -8.194  1.00 121.18 ?  12  DA  B "C1'"  1 
ATOM   359  N  N9     . DA  B 2 6  ? 2.179   -18.820 -6.747  1.00 125.19 ?  12  DA  B N9     1 
ATOM   360  C  C8     . DA  B 2 6  ? 3.338   -18.922 -6.034  1.00 118.55 ?  12  DA  B C8     1 
ATOM   361  N  N7     . DA  B 2 6  ? 3.160   -19.056 -4.743  1.00 116.72 ?  12  DA  B N7     1 
ATOM   362  C  C5     . DA  B 2 6  ? 1.784   -19.039 -4.598  1.00 116.96 ?  12  DA  B C5     1 
ATOM   363  C  C6     . DA  B 2 6  ? 0.950   -19.140 -3.471  1.00 107.45 ?  12  DA  B C6     1 
ATOM   364  N  N6     . DA  B 2 6  ? 1.415   -19.284 -2.229  1.00 107.30 ?  12  DA  B N6     1 
ATOM   365  N  N1     . DA  B 2 6  ? -0.382  -19.087 -3.672  1.00 106.46 ?  12  DA  B N1     1 
ATOM   366  C  C2     . DA  B 2 6  ? -0.837  -18.944 -4.922  1.00 112.96 ?  12  DA  B C2     1 
ATOM   367  N  N3     . DA  B 2 6  ? -0.154  -18.838 -6.059  1.00 117.68 ?  12  DA  B N3     1 
ATOM   368  C  C4     . DA  B 2 6  ? 1.163   -18.894 -5.824  1.00 122.58 ?  12  DA  B C4     1 
ATOM   369  H  "H5'"  . DA  B 2 6  ? 4.308   -21.275 -9.670  1.00 175.47 ?  12  DA  B "H5'"  1 
ATOM   370  H  "H5''" . DA  B 2 6  ? 4.828   -20.430 -10.901 1.00 175.47 ?  12  DA  B "H5''" 1 
ATOM   371  H  "H4'"  . DA  B 2 6  ? 2.626   -19.949 -10.790 1.00 175.83 ?  12  DA  B "H4'"  1 
ATOM   372  H  "H3'"  . DA  B 2 6  ? 4.217   -17.889 -10.380 1.00 179.14 ?  12  DA  B "H3'"  1 
ATOM   373  H  "H2'"  . DA  B 2 6  ? 3.761   -17.495 -8.237  1.00 169.91 ?  12  DA  B "H2'"  1 
ATOM   374  H  "H2''" . DA  B 2 6  ? 2.487   -16.740 -8.833  1.00 169.91 ?  12  DA  B "H2''" 1 
ATOM   375  H  "H1'"  . DA  B 2 6  ? 1.128   -18.458 -8.415  1.00 145.57 ?  12  DA  B "H1'"  1 
ATOM   376  H  H8     . DA  B 2 6  ? 4.180   -18.898 -6.429  1.00 142.41 ?  12  DA  B H8     1 
ATOM   377  H  H61    . DA  B 2 6  ? 0.866   -19.341 -1.568  1.00 128.91 ?  12  DA  B H61    1 
ATOM   378  H  H62    . DA  B 2 6  ? 2.263   -19.319 -2.087  1.00 128.91 ?  12  DA  B H62    1 
ATOM   379  H  H2     . DA  B 2 6  ? -1.763  -18.915 -5.008  1.00 135.70 ?  12  DA  B H2     1 
ATOM   380  P  P      . DC  B 2 7  ? 2.824   -16.257 -11.954 1.00 166.85 ?  13  DC  B P      1 
ATOM   381  O  OP1    . DC  B 2 7  ? 2.886   -16.568 -13.399 1.00 156.19 ?  13  DC  B OP1    1 
ATOM   382  O  OP2    . DC  B 2 7  ? 4.007   -15.672 -11.282 1.00 158.47 -1 13  DC  B OP2    1 
ATOM   383  O  "O5'"  . DC  B 2 7  ? 1.592   -15.282 -11.669 1.00 150.32 ?  13  DC  B "O5'"  1 
ATOM   384  C  "C5'"  . DC  B 2 7  ? 1.522   -14.592 -10.439 1.00 137.71 ?  13  DC  B "C5'"  1 
ATOM   385  C  "C4'"  . DC  B 2 7  ? 0.182   -14.797 -9.767  1.00 134.33 ?  13  DC  B "C4'"  1 
ATOM   386  O  "O4'"  . DC  B 2 7  ? 0.340   -15.703 -8.652  1.00 136.53 ?  13  DC  B "O4'"  1 
ATOM   387  C  "C3'"  . DC  B 2 7  ? -0.417  -13.532 -9.192  1.00 140.15 ?  13  DC  B "C3'"  1 
ATOM   388  O  "O3'"  . DC  B 2 7  ? -1.318  -12.954 -10.124 1.00 157.42 ?  13  DC  B "O3'"  1 
ATOM   389  C  "C2'"  . DC  B 2 7  ? -1.111  -13.975 -7.902  1.00 129.45 ?  13  DC  B "C2'"  1 
ATOM   390  C  "C1'"  . DC  B 2 7  ? -0.567  -15.376 -7.618  1.00 124.87 ?  13  DC  B "C1'"  1 
ATOM   391  N  N1     . DC  B 2 7  ? 0.148   -15.480 -6.301  1.00 115.73 ?  13  DC  B N1     1 
ATOM   392  C  C2     . DC  B 2 7  ? -0.586  -15.630 -5.118  1.00 115.53 ?  13  DC  B C2     1 
ATOM   393  O  O2     . DC  B 2 7  ? -1.825  -15.668 -5.175  1.00 115.38 ?  13  DC  B O2     1 
ATOM   394  N  N3     . DC  B 2 7  ? 0.084   -15.725 -3.937  1.00 113.70 ?  13  DC  B N3     1 
ATOM   395  C  C4     . DC  B 2 7  ? 1.416   -15.680 -3.921  1.00 109.11 ?  13  DC  B C4     1 
ATOM   396  N  N4     . DC  B 2 7  ? 2.034   -15.778 -2.740  1.00 96.54  ?  13  DC  B N4     1 
ATOM   397  C  C5     . DC  B 2 7  ? 2.178   -15.533 -5.116  1.00 105.44 ?  13  DC  B C5     1 
ATOM   398  C  C6     . DC  B 2 7  ? 1.508   -15.440 -6.270  1.00 113.05 ?  13  DC  B C6     1 
ATOM   399  H  "H5'"  . DC  B 2 7  ? 1.656   -13.644 -10.599 1.00 165.41 ?  13  DC  B "H5'"  1 
ATOM   400  H  "H5''" . DC  B 2 7  ? 2.224   -14.917 -9.853  1.00 165.41 ?  13  DC  B "H5''" 1 
ATOM   401  H  "H4'"  . DC  B 2 7  ? -0.439  -15.182 -10.405 1.00 161.35 ?  13  DC  B "H4'"  1 
ATOM   402  H  "H3'"  . DC  B 2 7  ? 0.290   -12.900 -8.984  1.00 168.34 ?  13  DC  B "H3'"  1 
ATOM   403  H  "H2'"  . DC  B 2 7  ? -0.886  -13.373 -7.175  1.00 155.49 ?  13  DC  B "H2'"  1 
ATOM   404  H  "H2''" . DC  B 2 7  ? -2.072  -14.007 -8.031  1.00 155.49 ?  13  DC  B "H2''" 1 
ATOM   405  H  "H1'"  . DC  B 2 7  ? -1.302  -16.010 -7.629  1.00 150.00 ?  13  DC  B "H1'"  1 
ATOM   406  H  H41    . DC  B 2 7  ? 2.893   -15.752 -2.700  1.00 116.01 ?  13  DC  B H41    1 
ATOM   407  H  H42    . DC  B 2 7  ? 1.572   -15.868 -2.020  1.00 116.01 ?  13  DC  B H42    1 
ATOM   408  H  H5     . DC  B 2 7  ? 3.107   -15.502 -5.095  1.00 126.69 ?  13  DC  B H5     1 
ATOM   409  H  H6     . DC  B 2 7  ? 1.980   -15.342 -7.065  1.00 135.82 ?  13  DC  B H6     1 
ATOM   410  P  P      . DA  B 2 8  ? -2.086  -11.592 -9.767  1.00 166.74 ?  14  DA  B P      1 
ATOM   411  O  OP1    . DA  B 2 8  ? -2.890  -11.234 -10.959 1.00 166.20 ?  14  DA  B OP1    1 
ATOM   412  O  OP2    . DA  B 2 8  ? -1.105  -10.634 -9.206  1.00 151.12 -1 14  DA  B OP2    1 
ATOM   413  O  "O5'"  . DA  B 2 8  ? -3.076  -12.026 -8.596  1.00 151.30 ?  14  DA  B "O5'"  1 
ATOM   414  C  "C5'"  . DA  B 2 8  ? -3.673  -11.056 -7.780  1.00 133.25 ?  14  DA  B "C5'"  1 
ATOM   415  C  "C4'"  . DA  B 2 8  ? -4.668  -11.703 -6.843  1.00 137.34 ?  14  DA  B "C4'"  1 
ATOM   416  O  "O4'"  . DA  B 2 8  ? -3.986  -12.707 -6.039  1.00 130.66 ?  14  DA  B "O4'"  1 
ATOM   417  C  "C3'"  . DA  B 2 8  ? -5.326  -10.737 -5.875  1.00 143.74 ?  14  DA  B "C3'"  1 
ATOM   418  O  "O3'"  . DA  B 2 8  ? -6.714  -10.982 -5.772  1.00 155.43 ?  14  DA  B "O3'"  1 
ATOM   419  C  "C2'"  . DA  B 2 8  ? -4.596  -10.959 -4.558  1.00 135.23 ?  14  DA  B "C2'"  1 
ATOM   420  C  "C1'"  . DA  B 2 8  ? -3.990  -12.351 -4.668  1.00 132.28 ?  14  DA  B "C1'"  1 
ATOM   421  N  N9     . DA  B 2 8  ? -2.615  -12.394 -4.167  1.00 123.67 ?  14  DA  B N9     1 
ATOM   422  C  C8     . DA  B 2 8  ? -1.471  -12.256 -4.899  1.00 119.25 ?  14  DA  B C8     1 
ATOM   423  N  N7     . DA  B 2 8  ? -0.372  -12.306 -4.188  1.00 107.84 ?  14  DA  B N7     1 
ATOM   424  C  C5     . DA  B 2 8  ? -0.824  -12.470 -2.894  1.00 109.65 ?  14  DA  B C5     1 
ATOM   425  C  C6     . DA  B 2 8  ? -0.148  -12.591 -1.667  1.00 114.55 ?  14  DA  B C6     1 
ATOM   426  N  N6     . DA  B 2 8  ? 1.183   -12.564 -1.558  1.00 111.08 ?  14  DA  B N6     1 
ATOM   427  N  N1     . DA  B 2 8  ? -0.893  -12.744 -0.553  1.00 112.09 ?  14  DA  B N1     1 
ATOM   428  C  C2     . DA  B 2 8  ? -2.227  -12.769 -0.674  1.00 116.96 ?  14  DA  B C2     1 
ATOM   429  N  N3     . DA  B 2 8  ? -2.976  -12.668 -1.773  1.00 123.90 ?  14  DA  B N3     1 
ATOM   430  C  C4     . DA  B 2 8  ? -2.206  -12.519 -2.859  1.00 117.25 ?  14  DA  B C4     1 
ATOM   431  H  "H5'"  . DA  B 2 8  ? -4.131  -10.406 -8.336  1.00 160.05 ?  14  DA  B "H5'"  1 
ATOM   432  H  "H5''" . DA  B 2 8  ? -2.988  -10.606 -7.261  1.00 160.05 ?  14  DA  B "H5''" 1 
ATOM   433  H  "H4'"  . DA  B 2 8  ? -5.357  -12.136 -7.369  1.00 164.97 ?  14  DA  B "H4'"  1 
ATOM   434  H  "H3'"  . DA  B 2 8  ? -5.180  -9.827  -6.177  1.00 172.64 ?  14  DA  B "H3'"  1 
ATOM   435  H  "H2'"  . DA  B 2 8  ? -3.898  -10.296 -4.444  1.00 162.42 ?  14  DA  B "H2'"  1 
ATOM   436  H  "H2''" . DA  B 2 8  ? -5.221  -10.923 -3.817  1.00 162.42 ?  14  DA  B "H2''" 1 
ATOM   437  H  "H1'"  . DA  B 2 8  ? -4.535  -12.982 -4.173  1.00 158.89 ?  14  DA  B "H1'"  1 
ATOM   438  H  H8     . DA  B 2 8  ? -1.472  -12.151 -5.823  1.00 143.26 ?  14  DA  B H8     1 
ATOM   439  H  H61    . DA  B 2 8  ? 1.553   -12.643 -0.786  1.00 133.45 ?  14  DA  B H61    1 
ATOM   440  H  H62    . DA  B 2 8  ? 1.670   -12.466 -2.260  1.00 133.45 ?  14  DA  B H62    1 
ATOM   441  H  H2     . DA  B 2 8  ? -2.697  -12.879 0.121   1.00 140.51 ?  14  DA  B H2     1 
ATOM   442  P  P      . DC  B 2 9  ? -7.665  -9.852  -5.143  1.00 159.48 ?  15  DC  B P      1 
ATOM   443  O  OP1    . DC  B 2 9  ? -9.058  -10.171 -5.525  1.00 161.13 ?  15  DC  B OP1    1 
ATOM   444  O  OP2    . DC  B 2 9  ? -7.086  -8.531  -5.483  1.00 154.76 -1 15  DC  B OP2    1 
ATOM   445  O  "O5'"  . DC  B 2 9  ? -7.497  -10.055 -3.567  1.00 165.70 ?  15  DC  B "O5'"  1 
ATOM   446  C  "C5'"  . DC  B 2 9  ? -7.338  -8.934  -2.722  1.00 155.26 ?  15  DC  B "C5'"  1 
ATOM   447  C  "C4'"  . DC  B 2 9  ? -6.797  -9.351  -1.367  1.00 155.50 ?  15  DC  B "C4'"  1 
ATOM   448  O  "O4'"  . DC  B 2 9  ? -5.531  -10.019 -1.534  1.00 147.47 ?  15  DC  B "O4'"  1 
ATOM   449  C  "C3'"  . DC  B 2 9  ? -6.520  -8.202  -0.418  1.00 155.16 ?  15  DC  B "C3'"  1 
ATOM   450  O  "O3'"  . DC  B 2 9  ? -7.669  -7.919  0.358   1.00 168.76 ?  15  DC  B "O3'"  1 
ATOM   451  C  "C2'"  . DC  B 2 9  ? -5.341  -8.689  0.431   1.00 144.72 ?  15  DC  B "C2'"  1 
ATOM   452  C  "C1'"  . DC  B 2 9  ? -4.741  -9.847  -0.370  1.00 146.76 ?  15  DC  B "C1'"  1 
ATOM   453  N  N1     . DC  B 2 9  ? -3.336  -9.607  -0.793  1.00 133.36 ?  15  DC  B N1     1 
ATOM   454  C  C2     . DC  B 2 9  ? -2.319  -9.527  0.167   1.00 128.08 ?  15  DC  B C2     1 
ATOM   455  O  O2     . DC  B 2 9  ? -2.609  -9.648  1.363   1.00 133.11 ?  15  DC  B O2     1 
ATOM   456  N  N3     . DC  B 2 9  ? -1.044  -9.310  -0.246  1.00 114.07 ?  15  DC  B N3     1 
ATOM   457  C  C4     . DC  B 2 9  ? -0.776  -9.183  -1.546  1.00 110.46 ?  15  DC  B C4     1 
ATOM   458  N  N4     . DC  B 2 9  ? 0.490   -8.973  -1.915  1.00 104.83 ?  15  DC  B N4     1 
ATOM   459  C  C5     . DC  B 2 9  ? -1.801  -9.267  -2.536  1.00 112.57 ?  15  DC  B C5     1 
ATOM   460  C  C6     . DC  B 2 9  ? -3.049  -9.476  -2.112  1.00 126.12 ?  15  DC  B C6     1 
ATOM   461  H  "H5'"  . DC  B 2 9  ? -8.197  -8.500  -2.602  1.00 186.47 ?  15  DC  B "H5'"  1 
ATOM   462  H  "H5''" . DC  B 2 9  ? -6.720  -8.310  -3.133  1.00 186.47 ?  15  DC  B "H5''" 1 
ATOM   463  H  "H4'"  . DC  B 2 9  ? -7.424  -9.962  -0.951  1.00 186.76 ?  15  DC  B "H4'"  1 
ATOM   464  H  "H3'"  . DC  B 2 9  ? -6.260  -7.415  -0.922  1.00 186.34 ?  15  DC  B "H3'"  1 
ATOM   465  H  "H2'"  . DC  B 2 9  ? -4.688  -7.980  0.540   1.00 173.82 ?  15  DC  B "H2'"  1 
ATOM   466  H  "H2''" . DC  B 2 9  ? -5.653  -9.001  1.294   1.00 173.82 ?  15  DC  B "H2''" 1 
ATOM   467  H  "H1'"  . DC  B 2 9  ? -4.778  -10.656 0.163   1.00 176.26 ?  15  DC  B "H1'"  1 
ATOM   468  H  H41    . DC  B 2 9  ? 0.689   -8.888  -2.747  1.00 125.94 ?  15  DC  B H41    1 
ATOM   469  H  H42    . DC  B 2 9  ? 1.108   -8.922  -1.319  1.00 125.94 ?  15  DC  B H42    1 
ATOM   470  H  H5     . DC  B 2 9  ? -1.607  -9.177  -3.441  1.00 135.23 ?  15  DC  B H5     1 
ATOM   471  H  H6     . DC  B 2 9  ? -3.737  -9.537  -2.735  1.00 151.50 ?  15  DC  B H6     1 
ATOM   472  P  P      . DC  B 2 10 ? -7.652  -6.715  1.418   1.00 192.05 ?  16  DC  B P      1 
ATOM   473  O  OP1    . DC  B 2 10 ? -9.015  -6.612  1.984   1.00 191.75 ?  16  DC  B OP1    1 
ATOM   474  O  OP2    . DC  B 2 10 ? -7.018  -5.536  0.781   1.00 186.75 -1 16  DC  B OP2    1 
ATOM   475  O  "O5'"  . DC  B 2 10 ? -6.658  -7.227  2.557   1.00 163.10 ?  16  DC  B "O5'"  1 
ATOM   476  C  "C5'"  . DC  B 2 10 ? -7.066  -8.229  3.478   1.00 151.33 ?  16  DC  B "C5'"  1 
ATOM   477  C  "C4'"  . DC  B 2 10 ? -6.305  -8.085  4.776   1.00 154.89 ?  16  DC  B "C4'"  1 
ATOM   478  O  "O4'"  . DC  B 2 10 ? -4.888  -8.301  4.529   1.00 139.57 ?  16  DC  B "O4'"  1 
ATOM   479  C  "C3'"  . DC  B 2 10 ? -6.399  -6.705  5.411   1.00 161.52 ?  16  DC  B "C3'"  1 
ATOM   480  O  "O3'"  . DC  B 2 10 ? -6.360  -6.805  6.831   1.00 167.88 ?  16  DC  B "O3'"  1 
ATOM   481  C  "C2'"  . DC  B 2 10 ? -5.182  -5.997  4.839   1.00 154.35 ?  16  DC  B "C2'"  1 
ATOM   482  C  "C1'"  . DC  B 2 10 ? -4.160  -7.120  4.834   1.00 142.42 ?  16  DC  B "C1'"  1 
ATOM   483  N  N1     . DC  B 2 10 ? -3.067  -6.964  3.835   1.00 135.83 ?  16  DC  B N1     1 
ATOM   484  C  C2     . DC  B 2 10 ? -1.731  -7.031  4.251   1.00 127.60 ?  16  DC  B C2     1 
ATOM   485  O  O2     . DC  B 2 10 ? -1.478  -7.208  5.453   1.00 122.46 ?  16  DC  B O2     1 
ATOM   486  N  N3     . DC  B 2 10 ? -0.752  -6.899  3.321   1.00 110.94 ?  16  DC  B N3     1 
ATOM   487  C  C4     . DC  B 2 10 ? -1.067  -6.713  2.038   1.00 118.34 ?  16  DC  B C4     1 
ATOM   488  N  N4     . DC  B 2 10 ? -0.072  -6.583  1.162   1.00 111.05 ?  16  DC  B N4     1 
ATOM   489  C  C5     . DC  B 2 10 ? -2.419  -6.641  1.600   1.00 131.93 ?  16  DC  B C5     1 
ATOM   490  C  C6     . DC  B 2 10 ? -3.375  -6.774  2.522   1.00 139.09 ?  16  DC  B C6     1 
ATOM   491  H  "H5'"  . DC  B 2 10 ? -6.891  -9.105  3.099   1.00 181.74 ?  16  DC  B "H5'"  1 
ATOM   492  H  "H5''" . DC  B 2 10 ? -8.016  -8.139  3.652   1.00 181.74 ?  16  DC  B "H5''" 1 
ATOM   493  H  "H4'"  . DC  B 2 10 ? -6.622  -8.750  5.408   1.00 186.02 ?  16  DC  B "H4'"  1 
ATOM   494  H  "H3'"  . DC  B 2 10 ? -7.212  -6.259  5.127   1.00 193.97 ?  16  DC  B "H3'"  1 
ATOM   495  H  "H2'"  . DC  B 2 10 ? -5.355  -5.681  3.939   1.00 185.38 ?  16  DC  B "H2'"  1 
ATOM   496  H  "H2''" . DC  B 2 10 ? -4.897  -5.273  5.418   1.00 185.38 ?  16  DC  B "H2''" 1 
ATOM   497  H  "H1'"  . DC  B 2 10 ? -3.773  -7.204  5.719   1.00 171.05 ?  16  DC  B "H1'"  1 
ATOM   498  H  H41    . DC  B 2 10 ? -0.246  -6.461  0.329   1.00 133.41 ?  16  DC  B H41    1 
ATOM   499  H  H42    . DC  B 2 10 ? 0.744   -6.620  1.430   1.00 133.41 ?  16  DC  B H42    1 
ATOM   500  H  H5     . DC  B 2 10 ? -2.629  -6.516  0.702   1.00 158.47 ?  16  DC  B H5     1 
ATOM   501  H  H6     . DC  B 2 10 ? -4.267  -6.738  2.261   1.00 167.06 ?  16  DC  B H6     1 
ATOM   502  P  P      . DG  B 2 11 ? -6.429  -5.484  7.739   1.00 183.52 ?  17  DG  B P      1 
ATOM   503  O  OP1    . DG  B 2 11 ? -7.534  -5.653  8.710   1.00 179.78 ?  17  DG  B OP1    1 
ATOM   504  O  OP2    . DG  B 2 11 ? -6.422  -4.323  6.820   1.00 166.03 -1 17  DG  B OP2    1 
ATOM   505  O  "O5'"  . DG  B 2 11 ? -5.037  -5.492  8.524   1.00 164.07 ?  17  DG  B "O5'"  1 
ATOM   506  C  "C5'"  . DG  B 2 11 ? -3.843  -5.168  7.837   1.00 145.03 ?  17  DG  B "C5'"  1 
ATOM   507  C  "C4'"  . DG  B 2 11 ? -2.813  -4.615  8.781   1.00 149.59 ?  17  DG  B "C4'"  1 
ATOM   508  O  "O4'"  . DG  B 2 11 ? -1.538  -4.549  8.104   1.00 142.87 ?  17  DG  B "O4'"  1 
ATOM   509  C  "C3'"  . DG  B 2 11 ? -3.099  -3.209  9.258   1.00 151.37 ?  17  DG  B "C3'"  1 
ATOM   510  O  "O3'"  . DG  B 2 11 ? -2.617  -3.026  10.587  1.00 152.63 ?  17  DG  B "O3'"  1 
ATOM   511  C  "C2'"  . DG  B 2 11 ? -2.389  -2.327  8.223   1.00 137.13 ?  17  DG  B "C2'"  1 
ATOM   512  C  "C1'"  . DG  B 2 11 ? -1.313  -3.241  7.622   1.00 130.90 ?  17  DG  B "C1'"  1 
ATOM   513  N  N9     . DG  B 2 11 ? -1.316  -3.277  6.159   1.00 123.12 ?  17  DG  B N9     1 
ATOM   514  C  C8     . DG  B 2 11 ? -2.408  -3.222  5.324   1.00 121.92 ?  17  DG  B C8     1 
ATOM   515  N  N7     . DG  B 2 11 ? -2.095  -3.273  4.054   1.00 117.61 ?  17  DG  B N7     1 
ATOM   516  C  C5     . DG  B 2 11 ? -0.709  -3.372  4.050   1.00 102.22 ?  17  DG  B C5     1 
ATOM   517  C  C6     . DG  B 2 11 ? 0.198   -3.464  2.967   1.00 106.66 ?  17  DG  B C6     1 
ATOM   518  O  O6     . DG  B 2 11 ? -0.053  -3.477  1.753   1.00 117.74 ?  17  DG  B O6     1 
ATOM   519  N  N1     . DG  B 2 11 ? 1.516   -3.548  3.406   1.00 106.30 ?  17  DG  B N1     1 
ATOM   520  C  C2     . DG  B 2 11 ? 1.907   -3.543  4.721   1.00 107.88 ?  17  DG  B C2     1 
ATOM   521  N  N2     . DG  B 2 11 ? 3.226   -3.633  4.947   1.00 108.90 ?  17  DG  B N2     1 
ATOM   522  N  N3     . DG  B 2 11 ? 1.070   -3.458  5.745   1.00 109.91 ?  17  DG  B N3     1 
ATOM   523  C  C4     . DG  B 2 11 ? -0.217  -3.376  5.337   1.00 114.46 ?  17  DG  B C4     1 
ATOM   524  H  "H5'"  . DG  B 2 11 ? -4.039  -4.507  7.155   1.00 174.19 ?  17  DG  B "H5'"  1 
ATOM   525  H  "H5''" . DG  B 2 11 ? -3.493  -5.967  7.413   1.00 174.19 ?  17  DG  B "H5''" 1 
ATOM   526  H  "H4'"  . DG  B 2 11 ? -2.736  -5.203  9.547   1.00 179.66 ?  17  DG  B "H4'"  1 
ATOM   527  H  "H3'"  . DG  B 2 11 ? -4.055  -3.042  9.230   1.00 181.80 ?  17  DG  B "H3'"  1 
ATOM   528  H  "H2'"  . DG  B 2 11 ? -3.012  -2.041  7.537   1.00 164.71 ?  17  DG  B "H2'"  1 
ATOM   529  H  "H2''" . DG  B 2 11 ? -1.981  -1.560  8.653   1.00 164.71 ?  17  DG  B "H2''" 1 
ATOM   530  H  "H1'"  . DG  B 2 11 ? -0.442  -2.941  7.926   1.00 157.24 ?  17  DG  B "H1'"  1 
ATOM   531  H  H8     . DG  B 2 11 ? -3.283  -3.153  5.632   1.00 146.46 ?  17  DG  B H8     1 
ATOM   532  H  H1     . DG  B 2 11 ? 2.132   -3.606  2.808   1.00 127.71 ?  17  DG  B H1     1 
ATOM   533  H  H21    . DG  B 2 11 ? 3.525   -3.635  5.753   1.00 130.83 ?  17  DG  B H21    1 
ATOM   534  H  H22    . DG  B 2 11 ? 3.772   -3.687  4.285   1.00 130.83 ?  17  DG  B H22    1 
ATOM   535  P  P      . DA  B 2 12 ? -2.387  -1.549  11.172  1.00 158.25 ?  18  DA  B P      1 
ATOM   536  O  OP1    . DA  B 2 12 ? -2.427  -1.615  12.650  1.00 169.80 ?  18  DA  B OP1    1 
ATOM   537  O  OP2    . DA  B 2 12 ? -3.302  -0.629  10.452  1.00 122.44 -1 18  DA  B OP2    1 
ATOM   538  O  "O5'"  . DA  B 2 12 ? -0.902  -1.216  10.707  1.00 140.03 ?  18  DA  B "O5'"  1 
ATOM   539  C  "C5'"  . DA  B 2 12 ? -0.380  0.062   10.911  1.00 133.60 ?  18  DA  B "C5'"  1 
ATOM   540  C  "C4'"  . DA  B 2 12 ? 1.130   0.014   10.970  1.00 122.95 ?  18  DA  B "C4'"  1 
ATOM   541  O  "O4'"  . DA  B 2 12 ? 1.633   -0.734  9.835   1.00 122.25 ?  18  DA  B "O4'"  1 
ATOM   542  C  "C3'"  . DA  B 2 12 ? 1.793   1.375   10.920  1.00 129.93 ?  18  DA  B "C3'"  1 
ATOM   543  O  "O3'"  . DA  B 2 12 ? 2.880   1.447   11.823  1.00 134.96 ?  18  DA  B "O3'"  1 
ATOM   544  C  "C2'"  . DA  B 2 12 ? 2.230   1.539   9.466   1.00 122.75 ?  18  DA  B "C2'"  1 
ATOM   545  C  "C1'"  . DA  B 2 12 ? 2.212   0.130   8.876   1.00 113.23 ?  18  DA  B "C1'"  1 
ATOM   546  N  N9     . DA  B 2 12 ? 1.437   0.043   7.642   1.00 109.24 ?  18  DA  B N9     1 
ATOM   547  C  C8     . DA  B 2 12 ? 0.077   0.017   7.528   1.00 118.78 ?  18  DA  B C8     1 
ATOM   548  N  N7     . DA  B 2 12 ? -0.354  -0.049  6.288   1.00 111.95 ?  18  DA  B N7     1 
ATOM   549  C  C5     . DA  B 2 12 ? 0.803   -0.060  5.533   1.00 111.62 ?  18  DA  B C5     1 
ATOM   550  C  C6     . DA  B 2 12 ? 1.028   -0.123  4.142   1.00 116.94 ?  18  DA  B C6     1 
ATOM   551  N  N6     . DA  B 2 12 ? 0.046   -0.182  3.235   1.00 115.78 ?  18  DA  B N6     1 
ATOM   552  N  N1     . DA  B 2 12 ? 2.306   -0.115  3.716   1.00 120.53 ?  18  DA  B N1     1 
ATOM   553  C  C2     . DA  B 2 12 ? 3.288   -0.055  4.626   1.00 122.08 ?  18  DA  B C2     1 
ATOM   554  N  N3     . DA  B 2 12 ? 3.203   0.007   5.961   1.00 111.82 ?  18  DA  B N3     1 
ATOM   555  C  C4     . DA  B 2 12 ? 1.920   0.000   6.353   1.00 108.16 ?  18  DA  B C4     1 
ATOM   556  H  "H5'"  . DA  B 2 12 ? -0.721  0.418   11.746  1.00 160.47 ?  18  DA  B "H5'"  1 
ATOM   557  H  "H5''" . DA  B 2 12 ? -0.654  0.639   10.182  1.00 160.47 ?  18  DA  B "H5''" 1 
ATOM   558  H  "H4'"  . DA  B 2 12 ? 1.398   -0.436  11.786  1.00 147.70 ?  18  DA  B "H4'"  1 
ATOM   559  H  "H3'"  . DA  B 2 12 ? 1.142   2.060   11.141  1.00 156.07 ?  18  DA  B "H3'"  1 
ATOM   560  H  "H2'"  . DA  B 2 12 ? 1.607   2.110   8.990   1.00 147.45 ?  18  DA  B "H2'"  1 
ATOM   561  H  "H2''" . DA  B 2 12 ? 3.125   1.909   9.424   1.00 147.45 ?  18  DA  B "H2''" 1 
ATOM   562  H  "H1'"  . DA  B 2 12 ? 3.122   -0.153  8.701   1.00 136.03 ?  18  DA  B "H1'"  1 
ATOM   563  H  H8     . DA  B 2 12 ? -0.495  0.041   8.262   1.00 142.69 ?  18  DA  B H8     1 
ATOM   564  H  H61    . DA  B 2 12 ? 0.236   -0.215  2.397   1.00 139.09 ?  18  DA  B H61    1 
ATOM   565  H  H62    . DA  B 2 12 ? -0.775  -0.188  3.490   1.00 139.09 ?  18  DA  B H62    1 
ATOM   566  H  H2     . DA  B 2 12 ? 4.152   -0.052  4.281   1.00 146.64 ?  18  DA  B H2     1 
ATOM   567  P  P      . DC  B 2 13 ? 3.419   2.885   12.289  1.00 154.13 ?  19  DC  B P      1 
ATOM   568  O  OP1    . DC  B 2 13 ? 4.428   2.671   13.353  1.00 152.50 ?  19  DC  B OP1    1 
ATOM   569  O  OP2    . DC  B 2 13 ? 2.230   3.725   12.566  1.00 154.10 -1 19  DC  B OP2    1 
ATOM   570  O  "O5'"  . DC  B 2 13 ? 4.141   3.455   10.974  1.00 131.80 ?  19  DC  B "O5'"  1 
ATOM   571  C  "C5'"  . DC  B 2 13 ? 5.301   2.796   10.484  1.00 129.66 ?  19  DC  B "C5'"  1 
ATOM   572  C  "C4'"  . DC  B 2 13 ? 5.637   3.200   9.047   1.00 130.66 ?  19  DC  B "C4'"  1 
ATOM   573  O  "O4'"  . DC  B 2 13 ? 4.697   2.641   8.107   1.00 123.91 ?  19  DC  B "O4'"  1 
ATOM   574  C  "C3'"  . DC  B 2 13 ? 5.589   4.688   8.740   1.00 139.13 ?  19  DC  B "C3'"  1 
ATOM   575  O  "O3'"  . DC  B 2 13 ? 6.800   5.338   9.133   1.00 150.39 ?  19  DC  B "O3'"  1 
ATOM   576  C  "C2'"  . DC  B 2 13 ? 5.369   4.715   7.216   1.00 119.09 ?  19  DC  B "C2'"  1 
ATOM   577  C  "C1'"  . DC  B 2 13 ? 4.932   3.285   6.872   1.00 118.25 ?  19  DC  B "C1'"  1 
ATOM   578  N  N1     . DC  B 2 13 ? 3.697   3.212   5.987   1.00 107.41 ?  19  DC  B N1     1 
ATOM   579  C  C2     . DC  B 2 13 ? 3.855   3.153   4.598   1.00 114.83 ?  19  DC  B C2     1 
ATOM   580  O  O2     . DC  B 2 13 ? 4.998   3.150   4.120   1.00 122.73 ?  19  DC  B O2     1 
ATOM   581  N  N3     . DC  B 2 13 ? 2.755   3.093   3.804   1.00 106.77 ?  19  DC  B N3     1 
ATOM   582  C  C4     . DC  B 2 13 ? 1.537   3.096   4.352   1.00 105.37 ?  19  DC  B C4     1 
ATOM   583  N  N4     . DC  B 2 13 ? 0.483   3.041   3.515   1.00 108.00 ?  19  DC  B N4     1 
ATOM   584  C  C5     . DC  B 2 13 ? 1.349   3.160   5.759   1.00 98.98  ?  19  DC  B C5     1 
ATOM   585  C  C6     . DC  B 2 13 ? 2.442   3.219   6.543   1.00 99.70  ?  19  DC  B C6     1 
ATOM   586  H  "H5'"  . DC  B 2 13 ? 5.153   1.837   10.513  1.00 155.75 ?  19  DC  B "H5'"  1 
ATOM   587  H  "H5''" . DC  B 2 13 ? 6.052   3.016   11.057  1.00 155.75 ?  19  DC  B "H5''" 1 
ATOM   588  H  "H4'"  . DC  B 2 13 ? 6.523   2.869   8.833   1.00 156.95 ?  19  DC  B "H4'"  1 
ATOM   589  H  "H3'"  . DC  B 2 13 ? 4.833   5.094   9.191   1.00 167.11 ?  19  DC  B "H3'"  1 
ATOM   590  H  "H2'"  . DC  B 2 13 ? 4.670   5.348   6.987   1.00 143.06 ?  19  DC  B "H2'"  1 
ATOM   591  H  "H2''" . DC  B 2 13 ? 6.194   4.938   6.758   1.00 143.06 ?  19  DC  B "H2''" 1 
ATOM   592  H  "H1'"  . DC  B 2 13 ? 5.664   2.836   6.421   1.00 142.05 ?  19  DC  B "H1'"  1 
ATOM   593  H  H41    . DC  B 2 13 ? -0.317  3.041   3.830   1.00 129.76 ?  19  DC  B H41    1 
ATOM   594  H  H42    . DC  B 2 13 ? 0.610   3.005   2.666   1.00 129.76 ?  19  DC  B H42    1 
ATOM   595  H  H5     . DC  B 2 13 ? 0.496   3.163   6.128   1.00 118.93 ?  19  DC  B H5     1 
ATOM   596  H  H6     . DC  B 2 13 ? 2.347   3.264   7.467   1.00 119.79 ?  19  DC  B H6     1 
ATOM   597  P  P      . DG  B 2 14 ? 6.857   6.942   9.225   1.00 157.62 ?  20  DG  B P      1 
ATOM   598  O  OP1    . DG  B 2 14 ? 8.146   7.310   9.860   1.00 162.82 ?  20  DG  B OP1    1 
ATOM   599  O  OP2    . DG  B 2 14 ? 5.582   7.415   9.816   1.00 155.24 -1 20  DG  B OP2    1 
ATOM   600  O  "O5'"  . DG  B 2 14 ? 6.896   7.407   7.695   1.00 115.91 ?  20  DG  B "O5'"  1 
ATOM   601  C  "C5'"  . DG  B 2 14 ? 8.069   7.189   6.937   1.00 115.01 ?  20  DG  B "C5'"  1 
ATOM   602  C  "C4'"  . DG  B 2 14 ? 7.762   7.059   5.457   1.00 135.77 ?  20  DG  B "C4'"  1 
ATOM   603  O  "O4'"  . DG  B 2 14 ? 6.429   6.526   5.270   1.00 131.31 ?  20  DG  B "O4'"  1 
ATOM   604  C  "C3'"  . DG  B 2 14 ? 7.793   8.370   4.651   1.00 134.67 ?  20  DG  B "C3'"  1 
ATOM   605  O  "O3'"  . DG  B 2 14 ? 8.939   8.411   3.805   1.00 135.98 ?  20  DG  B "O3'"  1 
ATOM   606  C  "C2'"  . DG  B 2 14 ? 6.493   8.345   3.847   1.00 118.21 ?  20  DG  B "C2'"  1 
ATOM   607  C  "C1'"  . DG  B 2 14 ? 6.012   6.910   3.994   1.00 122.23 ?  20  DG  B "C1'"  1 
ATOM   608  N  N9     . DG  B 2 14 ? 4.566   6.771   3.864   1.00 125.46 ?  20  DG  B N9     1 
ATOM   609  C  C8     . DG  B 2 14 ? 3.616   6.818   4.859   1.00 117.45 ?  20  DG  B C8     1 
ATOM   610  N  N7     . DG  B 2 14 ? 2.394   6.685   4.412   1.00 119.31 ?  20  DG  B N7     1 
ATOM   611  C  C5     . DG  B 2 14 ? 2.551   6.549   3.036   1.00 118.63 ?  20  DG  B C5     1 
ATOM   612  C  C6     . DG  B 2 14 ? 1.587   6.374   2.019   1.00 119.93 ?  20  DG  B C6     1 
ATOM   613  O  O6     . DG  B 2 14 ? 0.357   6.299   2.132   1.00 126.58 ?  20  DG  B O6     1 
ATOM   614  N  N1     . DG  B 2 14 ? 2.177   6.279   0.758   1.00 122.91 ?  20  DG  B N1     1 
ATOM   615  C  C2     . DG  B 2 14 ? 3.528   6.348   0.515   1.00 123.34 ?  20  DG  B C2     1 
ATOM   616  N  N2     . DG  B 2 14 ? 3.914   6.236   -0.763  1.00 124.43 ?  20  DG  B N2     1 
ATOM   617  N  N3     . DG  B 2 14 ? 4.439   6.513   1.459   1.00 115.89 ?  20  DG  B N3     1 
ATOM   618  C  C4     . DG  B 2 14 ? 3.880   6.601   2.691   1.00 117.44 ?  20  DG  B C4     1 
ATOM   619  H  "H5'"  . DG  B 2 14 ? 8.498   6.376   7.244   1.00 138.16 ?  20  DG  B "H5'"  1 
ATOM   620  H  "H5''" . DG  B 2 14 ? 8.675   7.936   7.070   1.00 138.16 ?  20  DG  B "H5''" 1 
ATOM   621  H  "H4'"  . DG  B 2 14 ? 8.399   6.442   5.064   1.00 163.07 ?  20  DG  B "H4'"  1 
ATOM   622  H  "H3'"  . DG  B 2 14 ? 7.795   9.130   5.253   1.00 161.76 ?  20  DG  B "H3'"  1 
ATOM   623  H  "H2'"  . DG  B 2 14 ? 5.846   8.961   4.223   1.00 142.00 ?  20  DG  B "H2'"  1 
ATOM   624  H  "H2''" . DG  B 2 14 ? 6.663   8.554   2.915   1.00 142.00 ?  20  DG  B "H2''" 1 
ATOM   625  H  "H1'"  . DG  B 2 14 ? 6.450   6.354   3.330   1.00 146.82 ?  20  DG  B "H1'"  1 
ATOM   626  H  H8     . DG  B 2 14 ? 3.822   6.929   5.758   1.00 141.09 ?  20  DG  B H8     1 
ATOM   627  H  H1     . DG  B 2 14 ? 1.656   6.170   0.082   1.00 147.65 ?  20  DG  B H1     1 
ATOM   628  H  H21    . DG  B 2 14 ? 4.749   6.272   -0.965  1.00 149.47 ?  20  DG  B H21    1 
ATOM   629  H  H22    . DG  B 2 14 ? 3.327   6.128   -1.383  1.00 149.47 ?  20  DG  B H22    1 
ATOM   630  P  P      . DG  B 2 15 ? 9.481   9.802   3.202   1.00 131.53 ?  21  DG  B P      1 
ATOM   631  O  OP1    . DG  B 2 15 ? 10.109  9.499   1.895   1.00 130.66 ?  21  DG  B OP1    1 
ATOM   632  O  OP2    . DG  B 2 15 ? 10.259  10.479  4.262   1.00 136.38 -1 21  DG  B OP2    1 
ATOM   633  O  "O5'"  . DG  B 2 15 ? 8.163   10.666  2.934   1.00 122.51 ?  21  DG  B "O5'"  1 
ATOM   634  C  "C5'"  . DG  B 2 15 ? 8.071   11.464  1.755   1.00 118.71 ?  21  DG  B "C5'"  1 
ATOM   635  C  "C4'"  . DG  B 2 15 ? 7.471   10.668  0.610   1.00 124.29 ?  21  DG  B "C4'"  1 
ATOM   636  O  "O4'"  . DG  B 2 15 ? 6.429   9.819   1.126   1.00 135.85 ?  21  DG  B "O4'"  1 
ATOM   637  C  "C3'"  . DG  B 2 15 ? 6.828   11.508  -0.481  1.00 137.09 ?  21  DG  B "C3'"  1 
ATOM   638  O  "O3'"  . DG  B 2 15 ? 7.713   11.651  -1.574  1.00 138.01 ?  21  DG  B "O3'"  1 
ATOM   639  C  "C2'"  . DG  B 2 15 ? 5.561   10.744  -0.875  1.00 131.59 ?  21  DG  B "C2'"  1 
ATOM   640  C  "C1'"  . DG  B 2 15 ? 5.414   9.643   0.164   1.00 131.94 ?  21  DG  B "C1'"  1 
ATOM   641  N  N9     . DG  B 2 15 ? 4.126   9.662   0.861   1.00 128.79 ?  21  DG  B N9     1 
ATOM   642  C  C8     . DG  B 2 15 ? 3.938   9.716   2.219   1.00 127.05 ?  21  DG  B C8     1 
ATOM   643  N  N7     . DG  B 2 15 ? 2.680   9.706   2.571   1.00 127.34 ?  21  DG  B N7     1 
ATOM   644  C  C5     . DG  B 2 15 ? 1.988   9.645   1.369   1.00 121.92 ?  21  DG  B C5     1 
ATOM   645  C  C6     . DG  B 2 15 ? 0.595   9.617   1.126   1.00 120.69 ?  21  DG  B C6     1 
ATOM   646  O  O6     . DG  B 2 15 ? -0.328  9.636   1.955   1.00 126.83 ?  21  DG  B O6     1 
ATOM   647  N  N1     . DG  B 2 15 ? 0.307   9.552   -0.238  1.00 116.38 ?  21  DG  B N1     1 
ATOM   648  C  C2     . DG  B 2 15 ? 1.246   9.523   -1.236  1.00 123.62 ?  21  DG  B C2     1 
ATOM   649  N  N2     . DG  B 2 15 ? 0.764   9.467   -2.493  1.00 120.11 ?  21  DG  B N2     1 
ATOM   650  N  N3     . DG  B 2 15 ? 2.563   9.553   -1.026  1.00 125.59 ?  21  DG  B N3     1 
ATOM   651  C  C4     . DG  B 2 15 ? 2.859   9.614   0.302   1.00 122.83 ?  21  DG  B C4     1 
ATOM   652  H  "H5'"  . DG  B 2 15 ? 8.959   11.765  1.502   1.00 142.61 ?  21  DG  B "H5'"  1 
ATOM   653  H  "H5''" . DG  B 2 15 ? 7.513   12.235  1.934   1.00 142.61 ?  21  DG  B "H5''" 1 
ATOM   654  H  "H4'"  . DG  B 2 15 ? 8.163   10.114  0.214   1.00 149.30 ?  21  DG  B "H4'"  1 
ATOM   655  H  "H3'"  . DG  B 2 15 ? 6.592   12.381  -0.129  1.00 164.66 ?  21  DG  B "H3'"  1 
ATOM   656  H  "H2'"  . DG  B 2 15 ? 4.791   11.335  -0.849  1.00 158.06 ?  21  DG  B "H2'"  1 
ATOM   657  H  "H2''" . DG  B 2 15 ? 5.661   10.360  -1.759  1.00 158.06 ?  21  DG  B "H2''" 1 
ATOM   658  H  "H1'"  . DG  B 2 15 ? 5.529   8.782   -0.267  1.00 158.48 ?  21  DG  B "H1'"  1 
ATOM   659  H  H8     . DG  B 2 15 ? 4.639   9.750   2.830   1.00 152.61 ?  21  DG  B H8     1 
ATOM   660  H  H1     . DG  B 2 15 ? -0.521  9.530   -0.469  1.00 139.81 ?  21  DG  B H1     1 
ATOM   661  H  H21    . DG  B 2 15 ? 1.306   9.450   -3.160  1.00 144.29 ?  21  DG  B H21    1 
ATOM   662  H  H22    . DG  B 2 15 ? -0.085  9.446   -2.628  1.00 144.29 ?  21  DG  B H22    1 
ATOM   663  P  P      . DG  B 2 16 ? 8.126   13.107  -2.102  1.00 155.58 ?  22  DG  B P      1 
ATOM   664  O  OP1    . DG  B 2 16 ? 9.411   12.943  -2.818  1.00 144.26 ?  22  DG  B OP1    1 
ATOM   665  O  OP2    . DG  B 2 16 ? 8.003   14.063  -0.977  1.00 153.56 -1 22  DG  B OP2    1 
ATOM   666  O  "O5'"  . DG  B 2 16 ? 7.007   13.446  -3.185  1.00 129.30 ?  22  DG  B "O5'"  1 
ATOM   667  C  "C5'"  . DG  B 2 16 ? 6.859   12.596  -4.295  1.00 127.92 ?  22  DG  B "C5'"  1 
ATOM   668  C  "C4'"  . DG  B 2 16 ? 5.409   12.488  -4.710  1.00 137.44 ?  22  DG  B "C4'"  1 
ATOM   669  O  "O4'"  . DG  B 2 16 ? 4.571   12.241  -3.559  1.00 139.09 ?  22  DG  B "O4'"  1 
ATOM   670  C  "C3'"  . DG  B 2 16 ? 4.835   13.738  -5.371  1.00 136.00 ?  22  DG  B "C3'"  1 
ATOM   671  O  "O3'"  . DG  B 2 16 ? 4.606   13.479  -6.741  1.00 154.77 ?  22  DG  B "O3'"  1 
ATOM   672  C  "C2'"  . DG  B 2 16 ? 3.536   14.027  -4.591  1.00 124.83 ?  22  DG  B "C2'"  1 
ATOM   673  C  "C1'"  . DG  B 2 16 ? 3.288   12.723  -3.866  1.00 125.76 ?  22  DG  B "C1'"  1 
ATOM   674  N  N9     . DG  B 2 16 ? 2.496   12.820  -2.636  1.00 124.24 ?  22  DG  B N9     1 
ATOM   675  C  C8     . DG  B 2 16 ? 2.973   12.918  -1.353  1.00 126.66 ?  22  DG  B C8     1 
ATOM   676  N  N7     . DG  B 2 16 ? 2.035   12.941  -0.444  1.00 123.09 ?  22  DG  B N7     1 
ATOM   677  C  C5     . DG  B 2 16 ? 0.857   12.846  -1.172  1.00 115.92 ?  22  DG  B C5     1 
ATOM   678  C  C6     . DG  B 2 16 ? -0.484  12.826  -0.727  1.00 104.56 ?  22  DG  B C6     1 
ATOM   679  O  O6     . DG  B 2 16 ? -0.907  12.891  0.435   1.00 102.98 ?  22  DG  B O6     1 
ATOM   680  N  N1     . DG  B 2 16 ? -1.378  12.718  -1.791  1.00 111.06 ?  22  DG  B N1     1 
ATOM   681  C  C2     . DG  B 2 16 ? -1.019  12.638  -3.117  1.00 112.00 ?  22  DG  B C2     1 
ATOM   682  N  N2     . DG  B 2 16 ? -2.026  12.536  -4.001  1.00 106.40 ?  22  DG  B N2     1 
ATOM   683  N  N3     . DG  B 2 16 ? 0.239   12.655  -3.550  1.00 123.45 ?  22  DG  B N3     1 
ATOM   684  C  C4     . DG  B 2 16 ? 1.121   12.760  -2.523  1.00 119.81 ?  22  DG  B C4     1 
ATOM   685  H  "H5'"  . DG  B 2 16 ? 7.191   11.714  -4.067  1.00 153.65 ?  22  DG  B "H5'"  1 
ATOM   686  H  "H5''" . DG  B 2 16 ? 7.376   12.949  -5.037  1.00 153.65 ?  22  DG  B "H5''" 1 
ATOM   687  H  "H4'"  . DG  B 2 16 ? 5.319   11.744  -5.325  1.00 165.08 ?  22  DG  B "H4'"  1 
ATOM   688  H  "H3'"  . DG  B 2 16 ? 5.453   14.479  -5.272  1.00 163.36 ?  22  DG  B "H3'"  1 
ATOM   689  H  "H2'"  . DG  B 2 16 ? 3.668   14.752  -3.960  1.00 149.95 ?  22  DG  B "H2'"  1 
ATOM   690  H  "H2''" . DG  B 2 16 ? 2.807   14.226  -5.199  1.00 149.95 ?  22  DG  B "H2''" 1 
ATOM   691  H  "H1'"  . DG  B 2 16 ? 2.855   12.102  -4.473  1.00 151.06 ?  22  DG  B "H1'"  1 
ATOM   692  H  H8     . DG  B 2 16 ? 3.879   12.959  -1.149  1.00 152.15 ?  22  DG  B H8     1 
ATOM   693  H  H1     . DG  B 2 16 ? -2.218  12.700  -1.605  1.00 133.43 ?  22  DG  B H1     1 
ATOM   694  H  H21    . DG  B 2 16 ? -1.856  12.483  -4.842  1.00 127.83 ?  22  DG  B H21    1 
ATOM   695  H  H22    . DG  B 2 16 ? -2.841  12.525  -3.726  1.00 127.83 ?  22  DG  B H22    1 
ATOM   696  P  P      . DG  B 2 17 ? 4.363   14.694  -7.749  1.00 166.10 ?  23  DG  B P      1 
ATOM   697  O  OP1    . DG  B 2 17 ? 3.933   14.142  -9.054  1.00 146.89 ?  23  DG  B OP1    1 
ATOM   698  O  OP2    . DG  B 2 17 ? 5.536   15.593  -7.672  1.00 153.44 -1 23  DG  B OP2    1 
ATOM   699  O  "O5'"  . DG  B 2 17 ? 3.144   15.453  -7.076  1.00 152.29 ?  23  DG  B "O5'"  1 
ATOM   700  C  "C5'"  . DG  B 2 17 ? 2.611   16.566  -7.682  1.00 143.71 ?  23  DG  B "C5'"  1 
ATOM   701  C  "C4'"  . DG  B 2 17 ? 1.183   16.307  -8.091  1.00 147.59 ?  23  DG  B "C4'"  1 
ATOM   702  O  "O4'"  . DG  B 2 17 ? 0.476   15.609  -7.032  1.00 138.18 ?  23  DG  B "O4'"  1 
ATOM   703  C  "C3'"  . DG  B 2 17 ? 0.374   17.550  -8.338  1.00 145.08 ?  23  DG  B "C3'"  1 
ATOM   704  O  "O3'"  . DG  B 2 17 ? -0.642  17.284  -9.279  1.00 162.49 ?  23  DG  B "O3'"  1 
ATOM   705  C  "C2'"  . DG  B 2 17 ? -0.167  17.892  -6.944  1.00 147.65 ?  23  DG  B "C2'"  1 
ATOM   706  C  "C1'"  . DG  B 2 17 ? -0.278  16.530  -6.252  1.00 127.41 ?  23  DG  B "C1'"  1 
ATOM   707  N  N9     . DG  B 2 17 ? 0.239   16.485  -4.878  1.00 116.84 ?  23  DG  B N9     1 
ATOM   708  C  C8     . DG  B 2 17 ? 1.560   16.516  -4.499  1.00 129.90 ?  23  DG  B C8     1 
ATOM   709  N  N7     . DG  B 2 17 ? 1.738   16.425  -3.211  1.00 129.88 ?  23  DG  B N7     1 
ATOM   710  C  C5     . DG  B 2 17 ? 0.454   16.317  -2.695  1.00 119.93 ?  23  DG  B C5     1 
ATOM   711  C  C6     . DG  B 2 17 ? 0.029   16.193  -1.356  1.00 117.31 ?  23  DG  B C6     1 
ATOM   712  O  O6     . DG  B 2 17 ? 0.726   16.152  -0.332  1.00 117.09 ?  23  DG  B O6     1 
ATOM   713  N  N1     . DG  B 2 17 ? -1.360  16.112  -1.260  1.00 109.94 ?  23  DG  B N1     1 
ATOM   714  C  C2     . DG  B 2 17 ? -2.227  16.149  -2.335  1.00 114.64 ?  23  DG  B C2     1 
ATOM   715  N  N2     . DG  B 2 17 ? -3.533  16.053  -2.042  1.00 99.54  ?  23  DG  B N2     1 
ATOM   716  N  N3     . DG  B 2 17 ? -1.839  16.264  -3.603  1.00 117.68 ?  23  DG  B N3     1 
ATOM   717  C  C4     . DG  B 2 17 ? -0.485  16.344  -3.707  1.00 120.09 ?  23  DG  B C4     1 
ATOM   718  H  "H5'"  . DG  B 2 17 ? 3.136   16.784  -8.467  1.00 172.61 ?  23  DG  B "H5'"  1 
ATOM   719  H  "H5''" . DG  B 2 17 ? 2.638   17.312  -7.062  1.00 172.61 ?  23  DG  B "H5''" 1 
ATOM   720  H  "H4'"  . DG  B 2 17 ? 1.175   15.760  -8.892  1.00 177.26 ?  23  DG  B "H4'"  1 
ATOM   721  H  "H3'"  . DG  B 2 17 ? 0.948   18.263  -8.656  1.00 174.25 ?  23  DG  B "H3'"  1 
ATOM   722  H  "H2'"  . DG  B 2 17 ? 0.455   18.465  -6.468  1.00 177.34 ?  23  DG  B "H2'"  1 
ATOM   723  H  "H2''" . DG  B 2 17 ? -1.038  18.312  -7.009  1.00 177.34 ?  23  DG  B "H2''" 1 
ATOM   724  H  "H1'"  . DG  B 2 17 ? -1.208  16.254  -6.249  1.00 153.04 ?  23  DG  B "H1'"  1 
ATOM   725  H  H8     . DG  B 2 17 ? 2.261   16.594  -5.104  1.00 156.03 ?  23  DG  B H8     1 
ATOM   726  H  H1     . DG  B 2 17 ? -1.702  16.035  -0.475  1.00 132.08 ?  23  DG  B H1     1 
ATOM   727  H  H21    . DG  B 2 17 ? -4.117  16.067  -2.674  1.00 119.60 ?  23  DG  B H21    1 
ATOM   728  H  H22    . DG  B 2 17 ? -3.787  15.978  -1.224  1.00 119.60 ?  23  DG  B H22    1 
ATOM   729  P  P      . DA  B 2 18 ? -1.402  18.495  -10.000 1.00 159.25 ?  24  DA  B P      1 
ATOM   730  O  OP1    . DA  B 2 18 ? -1.847  18.041  -11.337 1.00 168.82 ?  24  DA  B OP1    1 
ATOM   731  O  OP2    . DA  B 2 18 ? -0.542  19.695  -9.871  1.00 173.25 -1 24  DA  B OP2    1 
ATOM   732  O  "O5'"  . DA  B 2 18 ? -2.675  18.724  -9.073  1.00 155.34 ?  24  DA  B "O5'"  1 
ATOM   733  C  "C5'"  . DA  B 2 18 ? -2.782  19.907  -8.325  1.00 141.79 ?  24  DA  B "C5'"  1 
ATOM   734  C  "C4'"  . DA  B 2 18 ? -4.039  19.894  -7.491  1.00 139.36 ?  24  DA  B "C4'"  1 
ATOM   735  O  "O4'"  . DA  B 2 18 ? -3.792  19.173  -6.257  1.00 132.07 ?  24  DA  B "O4'"  1 
ATOM   736  C  "C3'"  . DA  B 2 18 ? -4.540  21.270  -7.100  1.00 140.11 ?  24  DA  B "C3'"  1 
ATOM   737  O  "O3'"  . DA  B 2 18 ? -5.935  21.341  -7.249  1.00 142.15 ?  24  DA  B "O3'"  1 
ATOM   738  C  "C2'"  . DA  B 2 18 ? -4.093  21.449  -5.649  1.00 139.02 ?  24  DA  B "C2'"  1 
ATOM   739  C  "C1'"  . DA  B 2 18 ? -3.897  20.030  -5.134  1.00 136.02 ?  24  DA  B "C1'"  1 
ATOM   740  N  N9     . DA  B 2 18 ? -2.689  19.869  -4.324  1.00 127.29 ?  24  DA  B N9     1 
ATOM   741  C  C8     . DA  B 2 18 ? -1.396  19.873  -4.763  1.00 117.35 ?  24  DA  B C8     1 
ATOM   742  N  N7     . DA  B 2 18 ? -0.508  19.703  -3.813  1.00 105.74 ?  24  DA  B N7     1 
ATOM   743  C  C5     . DA  B 2 18 ? -1.273  19.579  -2.668  1.00 112.73 ?  24  DA  B C5     1 
ATOM   744  C  C6     . DA  B 2 18 ? -0.931  19.377  -1.319  1.00 110.31 ?  24  DA  B C6     1 
ATOM   745  N  N6     . DA  B 2 18 ? 0.330   19.267  -0.891  1.00 115.59 ?  24  DA  B N6     1 
ATOM   746  N  N1     . DA  B 2 18 ? -1.938  19.299  -0.426  1.00 102.83 ?  24  DA  B N1     1 
ATOM   747  C  C2     . DA  B 2 18 ? -3.198  19.415  -0.868  1.00 108.17 ?  24  DA  B C2     1 
ATOM   748  N  N3     . DA  B 2 18 ? -3.643  19.606  -2.107  1.00 117.47 ?  24  DA  B N3     1 
ATOM   749  C  C4     . DA  B 2 18 ? -2.621  19.679  -2.967  1.00 115.90 ?  24  DA  B C4     1 
ATOM   750  H  "H5'"  . DA  B 2 18 ? -2.805  20.665  -8.928  1.00 170.30 ?  24  DA  B "H5'"  1 
ATOM   751  H  "H5''" . DA  B 2 18 ? -2.010  19.986  -7.741  1.00 170.30 ?  24  DA  B "H5''" 1 
ATOM   752  H  "H4'"  . DA  B 2 18 ? -4.737  19.437  -7.985  1.00 167.39 ?  24  DA  B "H4'"  1 
ATOM   753  H  "H3'"  . DA  B 2 18 ? -4.116  21.942  -7.657  1.00 168.29 ?  24  DA  B "H3'"  1 
ATOM   754  H  "H2'"  . DA  B 2 18 ? -3.258  21.942  -5.611  1.00 166.97 ?  24  DA  B "H2'"  1 
ATOM   755  H  "H2''" . DA  B 2 18 ? -4.781  21.903  -5.137  1.00 166.97 ?  24  DA  B "H2''" 1 
ATOM   756  H  "H1'"  . DA  B 2 18 ? -4.670  19.772  -4.608  1.00 163.38 ?  24  DA  B "H1'"  1 
ATOM   757  H  H8     . DA  B 2 18 ? -1.165  19.986  -5.658  1.00 140.97 ?  24  DA  B H8     1 
ATOM   758  H  H61    . DA  B 2 18 ? 0.492   19.147  -0.055  1.00 138.86 ?  24  DA  B H61    1 
ATOM   759  H  H62    . DA  B 2 18 ? 0.980   19.315  -1.453  1.00 138.86 ?  24  DA  B H62    1 
ATOM   760  H  H2     . DA  B 2 18 ? -3.857  19.353  -0.214  1.00 129.96 ?  24  DA  B H2     1 
ATOM   761  P  P      . DC  B 2 19 ? -6.633  22.769  -7.450  1.00 161.58 ?  25  DC  B P      1 
ATOM   762  O  OP1    . DC  B 2 19 ? -7.998  22.523  -7.969  1.00 157.62 ?  25  DC  B OP1    1 
ATOM   763  O  OP2    . DC  B 2 19 ? -5.693  23.635  -8.199  1.00 179.75 -1 25  DC  B OP2    1 
ATOM   764  O  "O5'"  . DC  B 2 19 ? -6.744  23.323  -5.960  1.00 133.14 ?  25  DC  B "O5'"  1 
ATOM   765  C  "C5'"  . DC  B 2 19 ? -7.467  22.572  -5.014  1.00 141.20 ?  25  DC  B "C5'"  1 
ATOM   766  C  "C4'"  . DC  B 2 19 ? -7.115  22.969  -3.592  1.00 140.24 ?  25  DC  B "C4'"  1 
ATOM   767  O  "O4'"  . DC  B 2 19 ? -5.850  22.406  -3.203  1.00 139.16 ?  25  DC  B "O4'"  1 
ATOM   768  C  "C3'"  . DC  B 2 19 ? -6.945  24.458  -3.346  1.00 144.89 ?  25  DC  B "C3'"  1 
ATOM   769  O  "O3'"  . DC  B 2 19 ? -8.200  25.045  -3.029  1.00 144.92 ?  25  DC  B "O3'"  1 
ATOM   770  C  "C2'"  . DC  B 2 19 ? -5.945  24.514  -2.174  1.00 135.00 ?  25  DC  B "C2'"  1 
ATOM   771  C  "C1'"  . DC  B 2 19 ? -5.462  23.067  -2.025  1.00 121.19 ?  25  DC  B "C1'"  1 
ATOM   772  N  N1     . DC  B 2 19 ? -3.976  22.920  -1.828  1.00 106.59 ?  25  DC  B N1     1 
ATOM   773  C  C2     . DC  B 2 19 ? -3.491  22.636  -0.553  1.00 106.01 ?  25  DC  B C2     1 
ATOM   774  O  O2     . DC  B 2 19 ? -4.290  22.517  0.380   1.00 114.74 ?  25  DC  B O2     1 
ATOM   775  N  N3     . DC  B 2 19 ? -2.157  22.500  -0.364  1.00 100.25 ?  25  DC  B N3     1 
ATOM   776  C  C4     . DC  B 2 19 ? -1.318  22.635  -1.389  1.00 109.08 ?  25  DC  B C4     1 
ATOM   777  N  N4     . DC  B 2 19 ? -0.005  22.499  -1.148  1.00 116.45 ?  25  DC  B N4     1 
ATOM   778  C  C5     . DC  B 2 19 ? -1.788  22.927  -2.707  1.00 108.87 ?  25  DC  B C5     1 
ATOM   779  C  C6     . DC  B 2 19 ? -3.114  23.059  -2.880  1.00 111.16 ?  25  DC  B C6     1 
ATOM   780  H  "H5'"  . DC  B 2 19 ? -7.268  21.632  -5.137  1.00 169.60 ?  25  DC  B "H5'"  1 
ATOM   781  H  "H5''" . DC  B 2 19 ? -8.416  22.716  -5.155  1.00 169.60 ?  25  DC  B "H5''" 1 
ATOM   782  H  "H4'"  . DC  B 2 19 ? -7.802  22.631  -2.996  1.00 168.44 ?  25  DC  B "H4'"  1 
ATOM   783  H  "H3'"  . DC  B 2 19 ? -6.564  24.883  -4.131  1.00 174.03 ?  25  DC  B "H3'"  1 
ATOM   784  H  "H2'"  . DC  B 2 19 ? -5.203  25.100  -2.390  1.00 162.16 ?  25  DC  B "H2'"  1 
ATOM   785  H  "H2''" . DC  B 2 19 ? -6.388  24.809  -1.364  1.00 162.16 ?  25  DC  B "H2''" 1 
ATOM   786  H  "H1'"  . DC  B 2 19 ? -5.919  22.660  -1.273  1.00 145.58 ?  25  DC  B "H1'"  1 
ATOM   787  H  H41    . DC  B 2 19 ? 0.560   22.581  -1.791  1.00 139.89 ?  25  DC  B H41    1 
ATOM   788  H  H42    . DC  B 2 19 ? 0.271   22.331  -0.351  1.00 139.89 ?  25  DC  B H42    1 
ATOM   789  H  H5     . DC  B 2 19 ? -1.197  23.024  -3.419  1.00 130.80 ?  25  DC  B H5     1 
ATOM   790  H  H6     . DC  B 2 19 ? -3.449  23.251  -3.726  1.00 133.55 ?  25  DC  B H6     1 
ATOM   791  P  P      . DT  B 2 20 ? -8.305  26.605  -2.665  1.00 162.75 ?  26  DT  B P      1 
ATOM   792  O  OP1    . DT  B 2 20 ? -9.723  26.988  -2.844  1.00 165.43 ?  26  DT  B OP1    1 
ATOM   793  O  OP2    . DT  B 2 20 ? -7.244  27.332  -3.400  1.00 145.92 -1 26  DT  B OP2    1 
ATOM   794  O  "O5'"  . DT  B 2 20 ? -7.970  26.648  -1.103  1.00 141.81 ?  26  DT  B "O5'"  1 
ATOM   795  C  "C5'"  . DT  B 2 20 ? -8.648  25.773  -0.226  1.00 140.26 ?  26  DT  B "C5'"  1 
ATOM   796  C  "C4'"  . DT  B 2 20 ? -8.061  25.826  1.174   1.00 147.94 ?  26  DT  B "C4'"  1 
ATOM   797  O  "O4'"  . DT  B 2 20 ? -6.672  25.423  1.129   1.00 149.04 ?  26  DT  B "O4'"  1 
ATOM   798  C  "C3'"  . DT  B 2 20 ? -8.081  27.204  1.846   1.00 160.35 ?  26  DT  B "C3'"  1 
ATOM   799  O  "O3'"  . DT  B 2 20 ? -8.624  27.085  3.156   1.00 176.82 ?  26  DT  B "O3'"  1 
ATOM   800  C  "C2'"  . DT  B 2 20 ? -6.611  27.632  1.861   1.00 152.90 ?  26  DT  B "C2'"  1 
ATOM   801  C  "C1'"  . DT  B 2 20 ? -5.898  26.294  1.926   1.00 134.20 ?  26  DT  B "C1'"  1 
ATOM   802  N  N1     . DT  B 2 20 ? -4.494  26.258  1.397   1.00 123.19 ?  26  DT  B N1     1 
ATOM   803  C  C2     . DT  B 2 20 ? -3.475  25.852  2.234   1.00 122.50 ?  26  DT  B C2     1 
ATOM   804  O  O2     . DT  B 2 20 ? -3.643  25.570  3.408   1.00 119.50 ?  26  DT  B O2     1 
ATOM   805  N  N3     . DT  B 2 20 ? -2.238  25.803  1.648   1.00 112.57 ?  26  DT  B N3     1 
ATOM   806  C  C4     . DT  B 2 20 ? -1.922  26.097  0.336   1.00 116.76 ?  26  DT  B C4     1 
ATOM   807  O  O4     . DT  B 2 20 ? -0.776  26.024  -0.095  1.00 116.09 ?  26  DT  B O4     1 
ATOM   808  C  C5     . DT  B 2 20 ? -3.034  26.499  -0.495  1.00 116.43 ?  26  DT  B C5     1 
ATOM   809  C  C7     . DT  B 2 20 ? -2.804  26.841  -1.937  1.00 103.24 ?  26  DT  B C7     1 
ATOM   810  C  C6     . DT  B 2 20 ? -4.256  26.550  0.066   1.00 118.91 ?  26  DT  B C6     1 
ATOM   811  H  "H5'"  . DT  B 2 20 ? -8.578  24.867  -0.564  1.00 168.46 ?  26  DT  B "H5'"  1 
ATOM   812  H  "H5''" . DT  B 2 20 ? -9.584  26.025  -0.187  1.00 168.46 ?  26  DT  B "H5''" 1 
ATOM   813  H  "H4'"  . DT  B 2 20 ? -8.546  25.202  1.736   1.00 177.68 ?  26  DT  B "H4'"  1 
ATOM   814  H  "H3'"  . DT  B 2 20 ? -8.605  27.826  1.318   1.00 192.58 ?  26  DT  B "H3'"  1 
ATOM   815  H  "H2'"  . DT  B 2 20 ? -6.380  28.107  1.047   1.00 183.63 ?  26  DT  B "H2'"  1 
ATOM   816  H  "H2''" . DT  B 2 20 ? -6.414  28.166  2.646   1.00 183.63 ?  26  DT  B "H2''" 1 
ATOM   817  H  "H1'"  . DT  B 2 20 ? -5.903  25.975  2.842   1.00 161.19 ?  26  DT  B "H1'"  1 
ATOM   818  H  H3     . DT  B 2 20 ? -1.586  25.560  2.154   1.00 135.24 ?  26  DT  B H3     1 
ATOM   819  H  H71    . DT  B 2 20 ? -1.862  26.741  -2.147  1.00 124.04 ?  26  DT  B H71    1 
ATOM   820  H  H72    . DT  B 2 20 ? -3.324  26.245  -2.497  1.00 124.04 ?  26  DT  B H72    1 
ATOM   821  H  H73    . DT  B 2 20 ? -3.076  27.757  -2.100  1.00 124.04 ?  26  DT  B H73    1 
ATOM   822  H  H6     . DT  B 2 20 ? -4.976  26.809  -0.465  1.00 142.84 ?  26  DT  B H6     1 
ATOM   823  P  P      . DC  B 2 21 ? -9.390  28.315  3.845   1.00 178.60 ?  27  DC  B P      1 
ATOM   824  O  OP1    . DC  B 2 21 ? -10.410 27.750  4.757   1.00 153.78 ?  27  DC  B OP1    1 
ATOM   825  O  OP2    . DC  B 2 21 ? -9.790  29.261  2.777   1.00 162.01 -1 27  DC  B OP2    1 
ATOM   826  O  "O5'"  . DC  B 2 21 ? -8.258  29.001  4.734   1.00 153.36 ?  27  DC  B "O5'"  1 
ATOM   827  C  "C5'"  . DC  B 2 21 ? -7.555  28.229  5.694   1.00 153.25 ?  27  DC  B "C5'"  1 
ATOM   828  C  "C4'"  . DC  B 2 21 ? -6.486  29.060  6.375   1.00 152.37 ?  27  DC  B "C4'"  1 
ATOM   829  O  "O4'"  . DC  B 2 21 ? -5.174  28.531  6.064   1.00 147.26 ?  27  DC  B "O4'"  1 
ATOM   830  C  "C3'"  . DC  B 2 21 ? -6.420  30.508  5.937   1.00 166.59 ?  27  DC  B "C3'"  1 
ATOM   831  O  "O3'"  . DC  B 2 21 ? -7.404  31.295  6.602   1.00 168.54 ?  27  DC  B "O3'"  1 
ATOM   832  C  "C2'"  . DC  B 2 21 ? -4.995  30.885  6.324   1.00 167.62 ?  27  DC  B "C2'"  1 
ATOM   833  C  "C1'"  . DC  B 2 21 ? -4.220  29.588  6.069   1.00 152.05 ?  27  DC  B "C1'"  1 
ATOM   834  N  N1     . DC  B 2 21 ? -3.475  29.571  4.765   1.00 138.66 ?  27  DC  B N1     1 
ATOM   835  C  C2     . DC  B 2 21 ? -2.190  29.012  4.705   1.00 127.91 ?  27  DC  B C2     1 
ATOM   836  O  O2     . DC  B 2 21 ? -1.689  28.533  5.727   1.00 121.66 ?  27  DC  B O2     1 
ATOM   837  N  N3     . DC  B 2 21 ? -1.532  29.009  3.521   1.00 118.32 ?  27  DC  B N3     1 
ATOM   838  C  C4     . DC  B 2 21 ? -2.103  29.535  2.435   1.00 122.33 ?  27  DC  B C4     1 
ATOM   839  N  N4     . DC  B 2 21 ? -1.411  29.507  1.290   1.00 110.74 ?  27  DC  B N4     1 
ATOM   840  C  C5     . DC  B 2 21 ? -3.406  30.112  2.475   1.00 130.38 ?  27  DC  B C5     1 
ATOM   841  C  C6     . DC  B 2 21 ? -4.050  30.110  3.648   1.00 125.44 ?  27  DC  B C6     1 
ATOM   842  H  "H5'"  . DC  B 2 21 ? -7.138  27.473  5.253   1.00 184.05 ?  27  DC  B "H5'"  1 
ATOM   843  H  "H5''" . DC  B 2 21 ? -8.180  27.904  6.362   1.00 184.05 ?  27  DC  B "H5''" 1 
ATOM   844  H  "H4'"  . DC  B 2 21 ? -6.622  29.026  7.335   1.00 182.99 ?  27  DC  B "H4'"  1 
ATOM   845  H  "H3'"  . DC  B 2 21 ? -6.533  30.572  4.975   1.00 200.06 ?  27  DC  B "H3'"  1 
ATOM   846  H  "HO3'" . DC  B 2 21 ? -7.990  31.699  6.156   1.00 202.40 ?  27  DC  B "HO3'" 1 
ATOM   847  H  "H2'"  . DC  B 2 21 ? -4.663  31.599  5.759   1.00 201.30 ?  27  DC  B "H2'"  1 
ATOM   848  H  "H2''" . DC  B 2 21 ? -4.948  31.134  7.261   1.00 201.30 ?  27  DC  B "H2''" 1 
ATOM   849  H  "H1'"  . DC  B 2 21 ? -3.594  29.445  6.796   1.00 182.61 ?  27  DC  B "H1'"  1 
ATOM   850  H  H41    . DC  B 2 21 ? -1.752  29.840  0.574   1.00 133.04 ?  27  DC  B H41    1 
ATOM   851  H  H42    . DC  B 2 21 ? -0.626  29.159  1.271   1.00 133.04 ?  27  DC  B H42    1 
ATOM   852  H  H5     . DC  B 2 21 ? -3.796  30.476  1.714   1.00 156.61 ?  27  DC  B H5     1 
ATOM   853  H  H6     . DC  B 2 21 ? -4.901  30.479  3.703   1.00 150.68 ?  27  DC  B H6     1 
ATOM   854  O  "O5'"  . DT  C 3 1  ? 5.160   34.693  -6.000  1.00 159.42 ?  28  DT  C "O5'"  1 
ATOM   855  C  "C5'"  . DT  C 3 1  ? 6.407   34.013  -6.149  1.00 159.14 ?  28  DT  C "C5'"  1 
ATOM   856  C  "C4'"  . DT  C 3 1  ? 7.249   34.133  -4.889  1.00 157.89 ?  28  DT  C "C4'"  1 
ATOM   857  O  "O4'"  . DT  C 3 1  ? 6.588   35.010  -3.953  1.00 149.73 ?  28  DT  C "O4'"  1 
ATOM   858  C  "C3'"  . DT  C 3 1  ? 7.461   32.836  -4.125  1.00 172.86 ?  28  DT  C "C3'"  1 
ATOM   859  O  "O3'"  . DT  C 3 1  ? 8.595   32.130  -4.610  1.00 174.39 ?  28  DT  C "O3'"  1 
ATOM   860  C  "C2'"  . DT  C 3 1  ? 7.658   33.306  -2.686  1.00 155.34 ?  28  DT  C "C2'"  1 
ATOM   861  C  "C1'"  . DT  C 3 1  ? 6.963   34.667  -2.633  1.00 142.13 ?  28  DT  C "C1'"  1 
ATOM   862  N  N1     . DT  C 3 1  ? 5.744   34.702  -1.765  1.00 138.32 ?  28  DT  C N1     1 
ATOM   863  C  C2     . DT  C 3 1  ? 5.895   34.646  -0.398  1.00 139.63 ?  28  DT  C C2     1 
ATOM   864  O  O2     . DT  C 3 1  ? 6.977   34.538  0.149   1.00 144.69 ?  28  DT  C O2     1 
ATOM   865  N  N3     . DT  C 3 1  ? 4.727   34.708  0.314   1.00 136.10 ?  28  DT  C N3     1 
ATOM   866  C  C4     . DT  C 3 1  ? 3.446   34.827  -0.192  1.00 133.30 ?  28  DT  C C4     1 
ATOM   867  O  O4     . DT  C 3 1  ? 2.458   34.875  0.537   1.00 126.28 ?  28  DT  C O4     1 
ATOM   868  C  C5     . DT  C 3 1  ? 3.354   34.894  -1.637  1.00 131.06 ?  28  DT  C C5     1 
ATOM   869  C  C7     . DT  C 3 1  ? 2.015   35.026  -2.307  1.00 124.34 ?  28  DT  C C7     1 
ATOM   870  C  C6     . DT  C 3 1  ? 4.496   34.835  -2.347  1.00 135.18 ?  28  DT  C C6     1 
ATOM   871  H  "H5'"  . DT  C 3 1  ? 6.893   34.400  -6.894  1.00 191.12 ?  28  DT  C "H5'"  1 
ATOM   872  H  "H5''" . DT  C 3 1  ? 6.239   33.076  -6.331  1.00 191.12 ?  28  DT  C "H5''" 1 
ATOM   873  H  "H4'"  . DT  C 3 1  ? 8.114   34.508  -5.121  1.00 189.62 ?  28  DT  C "H4'"  1 
ATOM   874  H  "H3'"  . DT  C 3 1  ? 6.669   32.280  -4.187  1.00 207.58 ?  28  DT  C "H3'"  1 
ATOM   875  H  "H2'"  . DT  C 3 1  ? 7.239   32.687  -2.068  1.00 186.56 ?  28  DT  C "H2'"  1 
ATOM   876  H  "H2''" . DT  C 3 1  ? 8.603   33.399  -2.486  1.00 186.56 ?  28  DT  C "H2''" 1 
ATOM   877  H  "H1'"  . DT  C 3 1  ? 7.596   35.327  -2.308  1.00 170.70 ?  28  DT  C "H1'"  1 
ATOM   878  H  H3     . DT  C 3 1  ? 4.798   34.668  1.170   1.00 163.48 ?  28  DT  C H3     1 
ATOM   879  H  H71    . DT  C 3 1  ? 1.320   35.068  -1.633  1.00 149.36 ?  28  DT  C H71    1 
ATOM   880  H  H72    . DT  C 3 1  ? 1.998   35.836  -2.840  1.00 149.36 ?  28  DT  C H72    1 
ATOM   881  H  H73    . DT  C 3 1  ? 1.864   34.258  -2.880  1.00 149.36 ?  28  DT  C H73    1 
ATOM   882  H  H6     . DT  C 3 1  ? 4.442   34.875  -3.274  1.00 162.37 ?  28  DT  C H6     1 
ATOM   883  H  "HO5'" . DT  C 3 1  ? 4.864   34.865  -5.233  1.00 191.45 ?  28  DT  C "HO5'" 1 
ATOM   884  P  P      . DC  C 3 2  ? 8.693   30.535  -4.432  1.00 187.42 ?  29  DC  C P      1 
ATOM   885  O  OP1    . DC  C 3 2  ? 9.974   30.106  -5.034  1.00 177.31 ?  29  DC  C OP1    1 
ATOM   886  O  OP2    . DC  C 3 2  ? 7.425   29.948  -4.922  1.00 173.07 -1 29  DC  C OP2    1 
ATOM   887  O  "O5'"  . DC  C 3 2  ? 8.764   30.315  -2.845  1.00 174.23 ?  29  DC  C "O5'"  1 
ATOM   888  C  "C5'"  . DC  C 3 2  ? 9.994   30.495  -2.141  1.00 168.24 ?  29  DC  C "C5'"  1 
ATOM   889  C  "C4'"  . DC  C 3 2  ? 9.761   30.490  -0.638  1.00 164.73 ?  29  DC  C "C4'"  1 
ATOM   890  O  "O4'"  . DC  C 3 2  ? 8.573   31.274  -0.351  1.00 150.84 ?  29  DC  C "O4'"  1 
ATOM   891  C  "C3'"  . DC  C 3 2  ? 9.516   29.097  -0.035  1.00 172.04 ?  29  DC  C "C3'"  1 
ATOM   892  O  "O3'"  . DC  C 3 2  ? 10.506  28.742  0.944   1.00 177.55 ?  29  DC  C "O3'"  1 
ATOM   893  C  "C2'"  . DC  C 3 2  ? 8.126   29.178  0.586   1.00 161.81 ?  29  DC  C "C2'"  1 
ATOM   894  C  "C1'"  . DC  C 3 2  ? 7.853   30.666  0.695   1.00 146.58 ?  29  DC  C "C1'"  1 
ATOM   895  N  N1     . DC  C 3 2  ? 6.415   30.984  0.558   1.00 136.13 ?  29  DC  C N1     1 
ATOM   896  C  C2     . DC  C 3 2  ? 5.638   31.171  1.706   1.00 132.53 ?  29  DC  C C2     1 
ATOM   897  O  O2     . DC  C 3 2  ? 6.175   31.100  2.820   1.00 125.23 ?  29  DC  C O2     1 
ATOM   898  N  N3     . DC  C 3 2  ? 4.316   31.438  1.563   1.00 127.37 ?  29  DC  C N3     1 
ATOM   899  C  C4     . DC  C 3 2  ? 3.778   31.506  0.343   1.00 132.52 ?  29  DC  C C4     1 
ATOM   900  N  N4     . DC  C 3 2  ? 2.470   31.769  0.251   1.00 133.74 ?  29  DC  C N4     1 
ATOM   901  C  C5     . DC  C 3 2  ? 4.554   31.303  -0.837  1.00 125.00 ?  29  DC  C C5     1 
ATOM   902  C  C6     . DC  C 3 2  ? 5.852   31.037  -0.679  1.00 133.11 ?  29  DC  C C6     1 
ATOM   903  H  "H5'"  . DC  C 3 2  ? 10.389  31.342  -2.400  1.00 202.04 ?  29  DC  C "H5'"  1 
ATOM   904  H  "H5''" . DC  C 3 2  ? 10.602  29.775  -2.372  1.00 202.04 ?  29  DC  C "H5''" 1 
ATOM   905  H  "H4'"  . DC  C 3 2  ? 10.523  30.896  -0.197  1.00 197.82 ?  29  DC  C "H4'"  1 
ATOM   906  H  "H3'"  . DC  C 3 2  ? 9.513   28.436  -0.744  1.00 206.60 ?  29  DC  C "H3'"  1 
ATOM   907  H  "H2'"  . DC  C 3 2  ? 7.471   28.756  0.008   1.00 194.32 ?  29  DC  C "H2'"  1 
ATOM   908  H  "H2''" . DC  C 3 2  ? 8.122   28.768  1.464   1.00 194.32 ?  29  DC  C "H2''" 1 
ATOM   909  H  "H1'"  . DC  C 3 2  ? 8.180   30.994  1.547   1.00 176.05 ?  29  DC  C "H1'"  1 
ATOM   910  H  H41    . DC  C 3 2  ? 2.095   31.818  -0.521  1.00 160.65 ?  29  DC  C H41    1 
ATOM   911  H  H42    . DC  C 3 2  ? 2.005   31.888  0.964   1.00 160.65 ?  29  DC  C H42    1 
ATOM   912  H  H5     . DC  C 3 2  ? 4.169   31.353  -1.682  1.00 150.16 ?  29  DC  C H5     1 
ATOM   913  H  H6     . DC  C 3 2  ? 6.385   30.905  -1.430  1.00 159.89 ?  29  DC  C H6     1 
ATOM   914  P  P      . DG  C 3 3  ? 10.565  27.222  1.473   1.00 187.90 ?  30  DG  C P      1 
ATOM   915  O  OP1    . DG  C 3 3  ? 11.862  26.647  1.050   1.00 184.96 ?  30  DG  C OP1    1 
ATOM   916  O  OP2    . DG  C 3 3  ? 9.313   26.558  1.040   1.00 165.50 -1 30  DG  C OP2    1 
ATOM   917  O  "O5'"  . DG  C 3 3  ? 10.532  27.332  3.079   1.00 175.82 ?  30  DG  C "O5'"  1 
ATOM   918  C  "C5'"  . DG  C 3 3  ? 9.803   28.379  3.742   1.00 164.88 ?  30  DG  C "C5'"  1 
ATOM   919  C  "C4'"  . DG  C 3 3  ? 8.663   27.835  4.612   1.00 161.09 ?  30  DG  C "C4'"  1 
ATOM   920  O  "O4'"  . DG  C 3 3  ? 7.406   28.341  4.107   1.00 151.66 ?  30  DG  C "O4'"  1 
ATOM   921  C  "C3'"  . DG  C 3 3  ? 8.527   26.307  4.672   1.00 154.58 ?  30  DG  C "C3'"  1 
ATOM   922  O  "O3'"  . DG  C 3 3  ? 8.853   25.833  5.984   1.00 166.42 ?  30  DG  C "O3'"  1 
ATOM   923  C  "C2'"  . DG  C 3 3  ? 7.065   26.014  4.302   1.00 147.11 ?  30  DG  C "C2'"  1 
ATOM   924  C  "C1'"  . DG  C 3 3  ? 6.388   27.381  4.263   1.00 122.37 ?  30  DG  C "C1'"  1 
ATOM   925  N  N9     . DG  C 3 3  ? 5.449   27.552  3.156   1.00 106.04 ?  30  DG  C N9     1 
ATOM   926  C  C8     . DG  C 3 3  ? 5.750   27.504  1.820   1.00 119.25 ?  30  DG  C C8     1 
ATOM   927  N  N7     . DG  C 3 3  ? 4.723   27.720  1.042   1.00 109.33 ?  30  DG  C N7     1 
ATOM   928  C  C5     . DG  C 3 3  ? 3.671   27.929  1.924   1.00 118.72 ?  30  DG  C C5     1 
ATOM   929  C  C6     . DG  C 3 3  ? 2.310   28.208  1.662   1.00 112.89 ?  30  DG  C C6     1 
ATOM   930  O  O6     . DG  C 3 3  ? 1.750   28.328  0.562   1.00 106.79 ?  30  DG  C O6     1 
ATOM   931  N  N1     . DG  C 3 3  ? 1.577   28.351  2.842   1.00 105.63 ?  30  DG  C N1     1 
ATOM   932  C  C2     . DG  C 3 3  ? 2.100   28.238  4.114   1.00 114.82 ?  30  DG  C C2     1 
ATOM   933  N  N2     . DG  C 3 3  ? 1.238   28.411  5.123   1.00 121.17 ?  30  DG  C N2     1 
ATOM   934  N  N3     . DG  C 3 3  ? 3.379   27.976  4.374   1.00 108.64 ?  30  DG  C N3     1 
ATOM   935  C  C4     . DG  C 3 3  ? 4.103   27.835  3.233   1.00 107.22 ?  30  DG  C C4     1 
ATOM   936  H  "H5'"  . DG  C 3 3  ? 9.432   28.974  3.073   1.00 198.01 ?  30  DG  C "H5'"  1 
ATOM   937  H  "H5''" . DG  C 3 3  ? 10.415  28.880  4.304   1.00 198.01 ?  30  DG  C "H5''" 1 
ATOM   938  H  "H4'"  . DG  C 3 3  ? 8.785   28.166  5.515   1.00 193.47 ?  30  DG  C "H4'"  1 
ATOM   939  H  "H3'"  . DG  C 3 3  ? 9.118   25.899  4.020   1.00 185.65 ?  30  DG  C "H3'"  1 
ATOM   940  H  "H2'"  . DG  C 3 3  ? 7.017   25.590  3.430   1.00 176.69 ?  30  DG  C "H2'"  1 
ATOM   941  H  "H2''" . DG  C 3 3  ? 6.652   25.452  4.976   1.00 176.69 ?  30  DG  C "H2''" 1 
ATOM   942  H  "H1'"  . DG  C 3 3  ? 5.927   27.534  5.103   1.00 147.00 ?  30  DG  C "H1'"  1 
ATOM   943  H  H8     . DG  C 3 3  ? 6.605   27.335  1.498   1.00 143.26 ?  30  DG  C H8     1 
ATOM   944  H  H1     . DG  C 3 3  ? 0.736   28.523  2.771   1.00 126.91 ?  30  DG  C H1     1 
ATOM   945  H  H21    . DG  C 3 3  ? 1.511   28.352  5.937   1.00 145.56 ?  30  DG  C H21    1 
ATOM   946  H  H22    . DG  C 3 3  ? 0.411   28.579  4.958   1.00 145.56 ?  30  DG  C H22    1 
ATOM   947  P  P      . DA  C 3 4  ? 8.730   24.271  6.347   1.00 182.76 ?  31  DA  C P      1 
ATOM   948  O  OP1    . DA  C 3 4  ? 9.671   23.993  7.453   1.00 180.03 ?  31  DA  C OP1    1 
ATOM   949  O  OP2    . DA  C 3 4  ? 8.824   23.496  5.089   1.00 170.39 -1 31  DA  C OP2    1 
ATOM   950  O  "O5'"  . DA  C 3 4  ? 7.237   24.122  6.901   1.00 158.91 ?  31  DA  C "O5'"  1 
ATOM   951  C  "C5'"  . DA  C 3 4  ? 6.802   24.914  7.995   1.00 162.22 ?  31  DA  C "C5'"  1 
ATOM   952  C  "C4'"  . DA  C 3 4  ? 5.369   24.588  8.369   1.00 155.62 ?  31  DA  C "C4'"  1 
ATOM   953  O  "O4'"  . DA  C 3 4  ? 4.472   25.010  7.300   1.00 149.31 ?  31  DA  C "O4'"  1 
ATOM   954  C  "C3'"  . DA  C 3 4  ? 5.087   23.110  8.600   1.00 151.86 ?  31  DA  C "C3'"  1 
ATOM   955  O  "O3'"  . DA  C 3 4  ? 4.218   22.963  9.728   1.00 171.08 ?  31  DA  C "O3'"  1 
ATOM   956  C  "C2'"  . DA  C 3 4  ? 4.457   22.664  7.274   1.00 134.22 ?  31  DA  C "C2'"  1 
ATOM   957  C  "C1'"  . DA  C 3 4  ? 3.708   23.913  6.829   1.00 124.81 ?  31  DA  C "C1'"  1 
ATOM   958  N  N9     . DA  C 3 4  ? 3.545   24.062  5.376   1.00 109.14 ?  31  DA  C N9     1 
ATOM   959  C  C8     . DA  C 3 4  ? 4.506   23.912  4.412   1.00 111.67 ?  31  DA  C C8     1 
ATOM   960  N  N7     . DA  C 3 4  ? 4.075   24.137  3.189   1.00 101.78 ?  31  DA  C N7     1 
ATOM   961  C  C5     . DA  C 3 4  ? 2.742   24.469  3.360   1.00 101.53 ?  31  DA  C C5     1 
ATOM   962  C  C6     . DA  C 3 4  ? 1.726   24.821  2.446   1.00 102.63 ?  31  DA  C C6     1 
ATOM   963  N  N6     . DA  C 3 4  ? 1.913   24.887  1.125   1.00 102.89 ?  31  DA  C N6     1 
ATOM   964  N  N1     . DA  C 3 4  ? 0.503   25.090  2.947   1.00 108.14 ?  31  DA  C N1     1 
ATOM   965  C  C2     . DA  C 3 4  ? 0.317   25.017  4.273   1.00 110.35 ?  31  DA  C C2     1 
ATOM   966  N  N3     . DA  C 3 4  ? 1.193   24.700  5.231   1.00 104.94 ?  31  DA  C N3     1 
ATOM   967  C  C4     . DA  C 3 4  ? 2.399   24.434  4.703   1.00 107.94 ?  31  DA  C C4     1 
ATOM   968  H  "H5'"  . DA  C 3 4  ? 6.863   25.852  7.752   1.00 194.82 ?  31  DA  C "H5'"  1 
ATOM   969  H  "H5''" . DA  C 3 4  ? 7.377   24.746  8.757   1.00 194.82 ?  31  DA  C "H5''" 1 
ATOM   970  H  "H4'"  . DA  C 3 4  ? 5.141   25.077  9.176   1.00 186.90 ?  31  DA  C "H4'"  1 
ATOM   971  H  "H3'"  . DA  C 3 4  ? 5.918   22.633  8.752   1.00 182.38 ?  31  DA  C "H3'"  1 
ATOM   972  H  "H2'"  . DA  C 3 4  ? 5.143   22.426  6.630   1.00 161.22 ?  31  DA  C "H2'"  1 
ATOM   973  H  "H2''" . DA  C 3 4  ? 3.844   21.926  7.415   1.00 161.22 ?  31  DA  C "H2''" 1 
ATOM   974  H  "H1'"  . DA  C 3 4  ? 2.836   23.929  7.251   1.00 149.93 ?  31  DA  C "H1'"  1 
ATOM   975  H  H8     . DA  C 3 4  ? 5.383   23.669  4.604   1.00 134.16 ?  31  DA  C H8     1 
ATOM   976  H  H61    . DA  C 3 4  ? 1.258   25.099  0.609   1.00 123.62 ?  31  DA  C H61    1 
ATOM   977  H  H62    . DA  C 3 4  ? 2.687   24.719  0.791   1.00 123.62 ?  31  DA  C H62    1 
ATOM   978  H  H2     . DA  C 3 4  ? -0.544  25.212  4.566   1.00 132.58 ?  31  DA  C H2     1 
ATOM   979  P  P      . DG  C 3 5  ? 3.997   21.539  10.439  1.00 172.37 ?  32  DG  C P      1 
ATOM   980  O  OP1    . DG  C 3 5  ? 4.283   21.688  11.885  1.00 161.16 ?  32  DG  C OP1    1 
ATOM   981  O  OP2    . DG  C 3 5  ? 4.700   20.502  9.651   1.00 164.74 -1 32  DG  C OP2    1 
ATOM   982  O  "O5'"  . DG  C 3 5  ? 2.432   21.308  10.256  1.00 155.20 ?  32  DG  C "O5'"  1 
ATOM   983  C  "C5'"  . DG  C 3 5  ? 1.848   21.662  9.027   1.00 141.88 ?  32  DG  C "C5'"  1 
ATOM   984  C  "C4'"  . DG  C 3 5  ? 0.345   21.707  9.113   1.00 131.75 ?  32  DG  C "C4'"  1 
ATOM   985  O  "O4'"  . DG  C 3 5  ? -0.167  22.281  7.886   1.00 119.79 ?  32  DG  C "O4'"  1 
ATOM   986  C  "C3'"  . DG  C 3 5  ? -0.322  20.352  9.212   1.00 133.20 ?  32  DG  C "C3'"  1 
ATOM   987  O  "O3'"  . DG  C 3 5  ? -1.618  20.464  9.800   1.00 131.54 ?  32  DG  C "O3'"  1 
ATOM   988  C  "C2'"  . DG  C 3 5  ? -0.368  19.920  7.756   1.00 129.62 ?  32  DG  C "C2'"  1 
ATOM   989  C  "C1'"  . DG  C 3 5  ? -0.558  21.240  7.006   1.00 114.98 ?  32  DG  C "C1'"  1 
ATOM   990  N  N9     . DG  C 3 5  ? 0.230   21.318  5.775   1.00 108.22 ?  32  DG  C N9     1 
ATOM   991  C  C8     . DG  C 3 5  ? 1.574   21.066  5.628   1.00 108.59 ?  32  DG  C C8     1 
ATOM   992  N  N7     . DG  C 3 5  ? 2.000   21.195  4.398   1.00 98.41  ?  32  DG  C N7     1 
ATOM   993  C  C5     . DG  C 3 5  ? 0.860   21.551  3.686   1.00 97.61  ?  32  DG  C C5     1 
ATOM   994  C  C6     . DG  C 3 5  ? 0.696   21.824  2.309   1.00 106.82 ?  32  DG  C C6     1 
ATOM   995  O  O6     . DG  C 3 5  ? 1.556   21.813  1.415   1.00 115.46 ?  32  DG  C O6     1 
ATOM   996  N  N1     . DG  C 3 5  ? -0.632  22.147  2.007   1.00 105.26 ?  32  DG  C N1     1 
ATOM   997  C  C2     . DG  C 3 5  ? -1.660  22.188  2.927   1.00 108.09 ?  32  DG  C C2     1 
ATOM   998  N  N2     . DG  C 3 5  ? -2.865  22.522  2.462   1.00 110.92 ?  32  DG  C N2     1 
ATOM   999  N  N3     . DG  C 3 5  ? -1.515  21.935  4.217   1.00 96.02  ?  32  DG  C N3     1 
ATOM   1000 C  C4     . DG  C 3 5  ? -0.236  21.625  4.523   1.00 96.78  ?  32  DG  C C4     1 
ATOM   1001 H  "H5'"  . DG  C 3 5  ? 2.105   21.012  8.355   1.00 170.40 ?  32  DG  C "H5'"  1 
ATOM   1002 H  "H5''" . DG  C 3 5  ? 2.175   22.536  8.762   1.00 170.40 ?  32  DG  C "H5''" 1 
ATOM   1003 H  "H4'"  . DG  C 3 5  ? 0.078   22.257  9.866   1.00 158.25 ?  32  DG  C "H4'"  1 
ATOM   1004 H  "H3'"  . DG  C 3 5  ? 0.230   19.743  9.726   1.00 159.99 ?  32  DG  C "H3'"  1 
ATOM   1005 H  "H2'"  . DG  C 3 5  ? 0.465   19.496  7.497   1.00 155.69 ?  32  DG  C "H2'"  1 
ATOM   1006 H  "H2''" . DG  C 3 5  ? -1.119  19.326  7.598   1.00 155.69 ?  32  DG  C "H2''" 1 
ATOM   1007 H  "H1'"  . DG  C 3 5  ? -1.497  21.347  6.787   1.00 138.13 ?  32  DG  C "H1'"  1 
ATOM   1008 H  H8     . DG  C 3 5  ? 2.128   20.828  6.336   1.00 130.46 ?  32  DG  C H8     1 
ATOM   1009 H  H1     . DG  C 3 5  ? -0.822  22.331  1.189   1.00 126.46 ?  32  DG  C H1     1 
ATOM   1010 H  H21    . DG  C 3 5  ? -3.536  22.569  3.000   1.00 133.26 ?  32  DG  C H21    1 
ATOM   1011 H  H22    . DG  C 3 5  ? -2.972  22.690  1.626   1.00 133.26 ?  32  DG  C H22    1 
ATOM   1012 P  P      . DT  C 3 6  ? -2.345  19.166  10.409  1.00 144.70 ?  33  DT  C P      1 
ATOM   1013 O  OP1    . DT  C 3 6  ? -2.731  19.483  11.804  1.00 130.64 ?  33  DT  C OP1    1 
ATOM   1014 O  OP2    . DT  C 3 6  ? -1.479  17.994  10.130  1.00 132.11 -1 33  DT  C OP2    1 
ATOM   1015 O  "O5'"  . DT  C 3 6  ? -3.661  19.028  9.511   1.00 118.90 ?  33  DT  C "O5'"  1 
ATOM   1016 C  "C5'"  . DT  C 3 6  ? -3.564  19.262  8.122   1.00 106.67 ?  33  DT  C "C5'"  1 
ATOM   1017 C  "C4'"  . DT  C 3 6  ? -4.923  19.353  7.470   1.00 107.61 ?  33  DT  C "C4'"  1 
ATOM   1018 O  "O4'"  . DT  C 3 6  ? -4.769  19.909  6.141   1.00 115.44 ?  33  DT  C "O4'"  1 
ATOM   1019 C  "C3'"  . DT  C 3 6  ? -5.631  18.021  7.296   1.00 113.47 ?  33  DT  C "C3'"  1 
ATOM   1020 O  "O3'"  . DT  C 3 6  ? -7.030  18.160  7.504   1.00 118.39 ?  33  DT  C "O3'"  1 
ATOM   1021 C  "C2'"  . DT  C 3 6  ? -5.297  17.609  5.866   1.00 116.37 ?  33  DT  C "C2'"  1 
ATOM   1022 C  "C1'"  . DT  C 3 6  ? -4.964  18.915  5.153   1.00 95.34  ?  33  DT  C "C1'"  1 
ATOM   1023 N  N1     . DT  C 3 6  ? -3.733  18.824  4.291   1.00 91.94  ?  33  DT  C N1     1 
ATOM   1024 C  C2     . DT  C 3 6  ? -3.847  19.034  2.933   1.00 95.98  ?  33  DT  C C2     1 
ATOM   1025 O  O2     . DT  C 3 6  ? -4.896  19.316  2.385   1.00 98.22  ?  33  DT  C O2     1 
ATOM   1026 N  N3     . DT  C 3 6  ? -2.676  18.913  2.235   1.00 93.10  ?  33  DT  C N3     1 
ATOM   1027 C  C4     . DT  C 3 6  ? -1.432  18.603  2.734   1.00 96.71  ?  33  DT  C C4     1 
ATOM   1028 O  O4     . DT  C 3 6  ? -0.439  18.518  2.016   1.00 95.94  ?  33  DT  C O4     1 
ATOM   1029 C  C5     . DT  C 3 6  ? -1.376  18.380  4.157   1.00 85.60  ?  33  DT  C C5     1 
ATOM   1030 C  C7     . DT  C 3 6  ? -0.070  18.033  4.803   1.00 80.31  ?  33  DT  C C7     1 
ATOM   1031 C  C6     . DT  C 3 6  ? -2.516  18.497  4.863   1.00 88.97  ?  33  DT  C C6     1 
ATOM   1032 H  "H5'"  . DT  C 3 6  ? -3.067  18.535  7.714   1.00 128.15 ?  33  DT  C "H5'"  1 
ATOM   1033 H  "H5''" . DT  C 3 6  ? -3.087  20.093  7.974   1.00 128.15 ?  33  DT  C "H5''" 1 
ATOM   1034 H  "H4'"  . DT  C 3 6  ? -5.486  19.943  7.996   1.00 129.29 ?  33  DT  C "H4'"  1 
ATOM   1035 H  "H3'"  . DT  C 3 6  ? -5.267  17.372  7.917   1.00 136.32 ?  33  DT  C "H3'"  1 
ATOM   1036 H  "H2'"  . DT  C 3 6  ? -4.530  17.015  5.857   1.00 139.80 ?  33  DT  C "H2'"  1 
ATOM   1037 H  "H2''" . DT  C 3 6  ? -6.061  17.183  5.450   1.00 139.80 ?  33  DT  C "H2''" 1 
ATOM   1038 H  "H1'"  . DT  C 3 6  ? -5.717  19.169  4.597   1.00 114.56 ?  33  DT  C "H1'"  1 
ATOM   1039 H  H3     . DT  C 3 6  ? -2.723  19.045  1.387   1.00 111.87 ?  33  DT  C H3     1 
ATOM   1040 H  H71    . DT  C 3 6  ? 0.154   18.707  5.464   1.00 96.52  ?  33  DT  C H71    1 
ATOM   1041 H  H72    . DT  C 3 6  ? -0.144  17.167  5.235   1.00 96.52  ?  33  DT  C H72    1 
ATOM   1042 H  H73    . DT  C 3 6  ? 0.626   17.999  4.127   1.00 96.52  ?  33  DT  C H73    1 
ATOM   1043 H  H6     . DT  C 3 6  ? -2.484  18.357  5.781   1.00 106.92 ?  33  DT  C H6     1 
ATOM   1044 P  P      . DC  C 3 7  ? -7.942  16.860  7.751   1.00 139.06 ?  34  DC  C P      1 
ATOM   1045 O  OP1    . DC  C 3 7  ? -9.205  17.321  8.376   1.00 128.18 ?  34  DC  C OP1    1 
ATOM   1046 O  OP2    . DC  C 3 7  ? -7.116  15.841  8.436   1.00 122.87 -1 34  DC  C OP2    1 
ATOM   1047 O  "O5'"  . DC  C 3 7  ? -8.253  16.335  6.273   1.00 121.33 ?  34  DC  C "O5'"  1 
ATOM   1048 C  "C5'"  . DC  C 3 7  ? -9.023  17.141  5.396   1.00 116.61 ?  34  DC  C "C5'"  1 
ATOM   1049 C  "C4'"  . DC  C 3 7  ? -8.789  16.769  3.943   1.00 116.69 ?  34  DC  C "C4'"  1 
ATOM   1050 O  "O4'"  . DC  C 3 7  ? -7.384  16.847  3.619   1.00 114.12 ?  34  DC  C "O4'"  1 
ATOM   1051 C  "C3'"  . DC  C 3 7  ? -9.220  15.363  3.551   1.00 122.04 ?  34  DC  C "C3'"  1 
ATOM   1052 O  "O3'"  . DC  C 3 7  ? -10.464 15.453  2.854   1.00 125.84 ?  34  DC  C "O3'"  1 
ATOM   1053 C  "C2'"  . DC  C 3 7  ? -8.054  14.832  2.678   1.00 97.70  ?  34  DC  C "C2'"  1 
ATOM   1054 C  "C1'"  . DC  C 3 7  ? -7.164  16.055  2.482   1.00 91.91  ?  34  DC  C "C1'"  1 
ATOM   1055 N  N1     . DC  C 3 7  ? -5.678  15.769  2.358   1.00 87.84  ?  34  DC  C N1     1 
ATOM   1056 C  C2     . DC  C 3 7  ? -5.069  15.755  1.091   1.00 94.55  ?  34  DC  C C2     1 
ATOM   1057 O  O2     . DC  C 3 7  ? -5.762  15.953  0.084   1.00 101.94 ?  34  DC  C O2     1 
ATOM   1058 N  N3     . DC  C 3 7  ? -3.736  15.516  1.003   1.00 96.86  ?  34  DC  C N3     1 
ATOM   1059 C  C4     . DC  C 3 7  ? -3.016  15.308  2.108   1.00 98.04  ?  34  DC  C C4     1 
ATOM   1060 N  N4     . DC  C 3 7  ? -1.705  15.070  1.966   1.00 102.48 ?  34  DC  C N4     1 
ATOM   1061 C  C5     . DC  C 3 7  ? -3.613  15.325  3.404   1.00 85.42  ?  34  DC  C C5     1 
ATOM   1062 C  C6     . DC  C 3 7  ? -4.930  15.559  3.483   1.00 86.63  ?  34  DC  C C6     1 
ATOM   1063 H  "H5'"  . DC  C 3 7  ? -8.781  18.071  5.527   1.00 140.08 ?  34  DC  C "H5'"  1 
ATOM   1064 H  "H5''" . DC  C 3 7  ? -9.963  17.026  5.604   1.00 140.08 ?  34  DC  C "H5''" 1 
ATOM   1065 H  "H4'"  . DC  C 3 7  ? -9.268  17.402  3.386   1.00 140.18 ?  34  DC  C "H4'"  1 
ATOM   1066 H  "H3'"  . DC  C 3 7  ? -9.320  14.813  4.345   1.00 146.60 ?  34  DC  C "H3'"  1 
ATOM   1067 H  "H2'"  . DC  C 3 7  ? -7.571  14.131  3.145   1.00 117.39 ?  34  DC  C "H2'"  1 
ATOM   1068 H  "H2''" . DC  C 3 7  ? -8.385  14.511  1.825   1.00 117.39 ?  34  DC  C "H2''" 1 
ATOM   1069 H  "H1'"  . DC  C 3 7  ? -7.461  16.539  1.696   1.00 110.45 ?  34  DC  C "H1'"  1 
ATOM   1070 H  H41    . DC  C 3 7  ? -1.215  14.931  2.659   1.00 123.13 ?  34  DC  C H41    1 
ATOM   1071 H  H42    . DC  C 3 7  ? -1.354  15.054  1.181   1.00 123.13 ?  34  DC  C H42    1 
ATOM   1072 H  H5     . DC  C 3 7  ? -3.104  15.180  4.168   1.00 102.66 ?  34  DC  C H5     1 
ATOM   1073 H  H6     . DC  C 3 7  ? -5.342  15.581  4.317   1.00 104.10 ?  34  DC  C H6     1 
ATOM   1074 P  P      . DC  C 3 8  ? -11.189 14.163  2.241   1.00 118.05 ?  35  DC  C P      1 
ATOM   1075 O  OP1    . DC  C 3 8  ? -12.511 14.600  1.730   1.00 99.19  ?  35  DC  C OP1    1 
ATOM   1076 O  OP2    . DC  C 3 8  ? -11.102 13.104  3.273   1.00 123.71 -1 35  DC  C OP2    1 
ATOM   1077 O  "O5'"  . DC  C 3 8  ? -10.288 13.809  0.974   1.00 99.56  ?  35  DC  C "O5'"  1 
ATOM   1078 C  "C5'"  . DC  C 3 8  ? -10.650 12.780  0.083   1.00 111.72 ?  35  DC  C "C5'"  1 
ATOM   1079 C  "C4'"  . DC  C 3 8  ? -9.562  12.631  -0.954  1.00 108.51 ?  35  DC  C "C4'"  1 
ATOM   1080 O  "O4'"  . DC  C 3 8  ? -8.283  12.974  -0.338  1.00 97.52  ?  35  DC  C "O4'"  1 
ATOM   1081 C  "C3'"  . DC  C 3 8  ? -9.391  11.225  -1.539  1.00 93.11  ?  35  DC  C "C3'"  1 
ATOM   1082 O  "O3'"  . DC  C 3 8  ? -9.461  11.260  -2.960  1.00 98.31  ?  35  DC  C "O3'"  1 
ATOM   1083 C  "C2'"  . DC  C 3 8  ? -8.010  10.798  -1.040  1.00 89.98  ?  35  DC  C "C2'"  1 
ATOM   1084 C  "C1'"  . DC  C 3 8  ? -7.303  12.122  -0.856  1.00 87.04  ?  35  DC  C "C1'"  1 
ATOM   1085 N  N1     . DC  C 3 8  ? -6.118  12.054  0.068   1.00 77.43  ?  35  DC  C N1     1 
ATOM   1086 C  C2     . DC  C 3 8  ? -4.830  12.010  -0.477  1.00 85.87  ?  35  DC  C C2     1 
ATOM   1087 O  O2     . DC  C 3 8  ? -4.696  12.049  -1.709  1.00 90.53  ?  35  DC  C O2     1 
ATOM   1088 N  N3     . DC  C 3 8  ? -3.763  11.936  0.358   1.00 88.38  ?  35  DC  C N3     1 
ATOM   1089 C  C4     . DC  C 3 8  ? -3.949  11.898  1.679   1.00 93.12  ?  35  DC  C C4     1 
ATOM   1090 N  N4     . DC  C 3 8  ? -2.866  11.815  2.462   1.00 97.68  ?  35  DC  C N4     1 
ATOM   1091 C  C5     . DC  C 3 8  ? -5.252  11.931  2.254   1.00 87.42  ?  35  DC  C C5     1 
ATOM   1092 C  C6     . DC  C 3 8  ? -6.300  12.005  1.420   1.00 81.04  ?  35  DC  C C6     1 
ATOM   1093 H  "H5'"  . DC  C 3 8  ? -11.486 13.007  -0.352  1.00 134.22 ?  35  DC  C "H5'"  1 
ATOM   1094 H  "H5''" . DC  C 3 8  ? -10.751 11.948  0.571   1.00 134.22 ?  35  DC  C "H5''" 1 
ATOM   1095 H  "H4'"  . DC  C 3 8  ? -9.736  13.252  -1.679  1.00 130.36 ?  35  DC  C "H4'"  1 
ATOM   1096 H  "H3'"  . DC  C 3 8  ? -10.072 10.632  -1.185  1.00 111.89 ?  35  DC  C "H3'"  1 
ATOM   1097 H  "HO3'" . DC  C 3 8  ? -8.808  10.998  -3.420  1.00 118.13 ?  35  DC  C "HO3'" 1 
ATOM   1098 H  "H2'"  . DC  C 3 8  ? -8.081  10.325  -0.196  1.00 108.13 ?  35  DC  C "H2'"  1 
ATOM   1099 H  "H2''" . DC  C 3 8  ? -7.557  10.256  -1.705  1.00 108.13 ?  35  DC  C "H2''" 1 
ATOM   1100 H  "H1'"  . DC  C 3 8  ? -7.016  12.454  -1.721  1.00 104.60 ?  35  DC  C "H1'"  1 
ATOM   1101 H  H41    . DC  C 3 8  ? -2.956  11.790  3.318   1.00 117.37 ?  35  DC  C H41    1 
ATOM   1102 H  H42    . DC  C 3 8  ? -2.082  11.787  2.111   1.00 117.37 ?  35  DC  C H42    1 
ATOM   1103 H  H5     . DC  C 3 8  ? -5.372  11.902  3.176   1.00 105.05 ?  35  DC  C H5     1 
ATOM   1104 H  H6     . DC  C 3 8  ? -7.162  12.030  1.768   1.00 97.41  ?  35  DC  C H6     1 
ATOM   1105 P  P      . DG  D 4 1  ? 7.860   -13.997 4.649   1.00 128.97 ?  36  DG  D P      1 
ATOM   1106 O  OP1    . DG  D 4 1  ? 8.122   -14.047 3.202   1.00 99.94  ?  36  DG  D OP1    1 
ATOM   1107 O  OP2    . DG  D 4 1  ? 8.843   -14.623 5.554   1.00 126.53 -1 36  DG  D OP2    1 
ATOM   1108 O  "O5'"  . DG  D 4 1  ? 7.758   -12.468 5.067   1.00 96.00  ?  36  DG  D "O5'"  1 
ATOM   1109 C  "C5'"  . DG  D 4 1  ? 7.534   -12.120 6.416   1.00 100.64 ?  36  DG  D "C5'"  1 
ATOM   1110 C  "C4'"  . DG  D 4 1  ? 6.130   -11.594 6.607   1.00 95.82  ?  36  DG  D "C4'"  1 
ATOM   1111 O  "O4'"  . DG  D 4 1  ? 5.830   -10.655 5.554   1.00 96.23  ?  36  DG  D "O4'"  1 
ATOM   1112 C  "C3'"  . DG  D 4 1  ? 5.048   -12.648 6.528   1.00 106.36 ?  36  DG  D "C3'"  1 
ATOM   1113 O  "O3'"  . DG  D 4 1  ? 4.788   -13.178 7.820   1.00 109.05 ?  36  DG  D "O3'"  1 
ATOM   1114 C  "C2'"  . DG  D 4 1  ? 3.848   -11.894 5.959   1.00 107.95 ?  36  DG  D "C2'"  1 
ATOM   1115 C  "C1'"  . DG  D 4 1  ? 4.448   -10.664 5.282   1.00 86.68  ?  36  DG  D "C1'"  1 
ATOM   1116 N  N9     . DG  D 4 1  ? 4.268   -10.621 3.832   1.00 83.46  ?  36  DG  D N9     1 
ATOM   1117 C  C8     . DG  D 4 1  ? 5.247   -10.737 2.877   1.00 97.83  ?  36  DG  D C8     1 
ATOM   1118 N  N7     . DG  D 4 1  ? 4.799   -10.630 1.656   1.00 94.25  ?  36  DG  D N7     1 
ATOM   1119 C  C5     . DG  D 4 1  ? 3.434   -10.422 1.814   1.00 90.89  ?  36  DG  D C5     1 
ATOM   1120 C  C6     . DG  D 4 1  ? 2.423   -10.236 0.845   1.00 94.67  ?  36  DG  D C6     1 
ATOM   1121 O  O6     . DG  D 4 1  ? 2.534   -10.218 -0.389  1.00 103.45 ?  36  DG  D O6     1 
ATOM   1122 N  N1     . DG  D 4 1  ? 1.175   -10.057 1.434   1.00 101.00 ?  36  DG  D N1     1 
ATOM   1123 C  C2     . DG  D 4 1  ? 0.935   -10.058 2.789   1.00 104.32 ?  36  DG  D C2     1 
ATOM   1124 N  N2     . DG  D 4 1  ? -0.336  -9.873  3.163   1.00 106.37 ?  36  DG  D N2     1 
ATOM   1125 N  N3     . DG  D 4 1  ? 1.872   -10.233 3.707   1.00 89.06  ?  36  DG  D N3     1 
ATOM   1126 C  C4     . DG  D 4 1  ? 3.092   -10.408 3.148   1.00 86.21  ?  36  DG  D C4     1 
ATOM   1127 H  "H5'"  . DG  D 4 1  ? 8.170   -11.435 6.679   1.00 120.92 ?  36  DG  D "H5'"  1 
ATOM   1128 H  "H5''" . DG  D 4 1  ? 7.661   -12.904 6.974   1.00 120.92 ?  36  DG  D "H5''" 1 
ATOM   1129 H  "H4'"  . DG  D 4 1  ? 6.073   -11.142 7.463   1.00 115.13 ?  36  DG  D "H4'"  1 
ATOM   1130 H  "H3'"  . DG  D 4 1  ? 5.316   -13.356 5.922   1.00 127.79 ?  36  DG  D "H3'"  1 
ATOM   1131 H  "H2'"  . DG  D 4 1  ? 3.381   -12.443 5.311   1.00 129.69 ?  36  DG  D "H2'"  1 
ATOM   1132 H  "H2''" . DG  D 4 1  ? 3.248   -11.626 6.673   1.00 129.69 ?  36  DG  D "H2''" 1 
ATOM   1133 H  "H1'"  . DG  D 4 1  ? 4.049   -9.871  5.670   1.00 104.16 ?  36  DG  D "H1'"  1 
ATOM   1134 H  H8     . DG  D 4 1  ? 6.143   -10.882 3.081   1.00 117.54 ?  36  DG  D H8     1 
ATOM   1135 H  H1     . DG  D 4 1  ? 0.503   -9.936  0.911   1.00 121.35 ?  36  DG  D H1     1 
ATOM   1136 H  H21    . DG  D 4 1  ? -0.567  -10.005 3.982   1.00 127.79 ?  36  DG  D H21    1 
ATOM   1137 P  P      . DT  D 4 2  ? 4.526   -14.746 8.016   1.00 117.74 ?  37  DT  D P      1 
ATOM   1138 O  OP1    . DT  D 4 2  ? 4.701   -15.050 9.451   1.00 101.16 ?  37  DT  D OP1    1 
ATOM   1139 O  OP2    . DT  D 4 2  ? 5.379   -15.456 7.040   1.00 104.07 -1 37  DT  D OP2    1 
ATOM   1140 O  "O5'"  . DT  D 4 2  ? 2.979   -14.908 7.646   1.00 95.92  ?  37  DT  D "O5'"  1 
ATOM   1141 C  "C5'"  . DT  D 4 2  ? 1.995   -14.400 8.527   1.00 89.64  ?  37  DT  D "C5'"  1 
ATOM   1142 C  "C4'"  . DT  D 4 2  ? 0.717   -14.061 7.778   1.00 84.30  ?  37  DT  D "C4'"  1 
ATOM   1143 O  "O4'"  . DT  D 4 2  ? 1.044   -13.531 6.468   1.00 93.97  ?  37  DT  D "O4'"  1 
ATOM   1144 C  "C3'"  . DT  D 4 2  ? -0.235  -15.237 7.527   1.00 114.38 ?  37  DT  D "C3'"  1 
ATOM   1145 O  "O3'"  . DT  D 4 2  ? -1.561  -14.886 7.945   1.00 120.73 ?  37  DT  D "O3'"  1 
ATOM   1146 C  "C2'"  . DT  D 4 2  ? -0.158  -15.442 6.008   1.00 114.89 ?  37  DT  D "C2'"  1 
ATOM   1147 C  "C1'"  . DT  D 4 2  ? 0.112   -14.027 5.545   1.00 87.80  ?  37  DT  D "C1'"  1 
ATOM   1148 N  N1     . DT  D 4 2  ? 0.697   -13.924 4.180   1.00 93.15  ?  37  DT  D N1     1 
ATOM   1149 C  C2     . DT  D 4 2  ? -0.118  -13.559 3.133   1.00 109.06 ?  37  DT  D C2     1 
ATOM   1150 O  O2     . DT  D 4 2  ? -1.308  -13.331 3.265   1.00 111.49 ?  37  DT  D O2     1 
ATOM   1151 N  N3     . DT  D 4 2  ? 0.511   -13.479 1.920   1.00 104.58 ?  37  DT  D N3     1 
ATOM   1152 C  C4     . DT  D 4 2  ? 1.850   -13.719 1.663   1.00 102.03 ?  37  DT  D C4     1 
ATOM   1153 O  O4     . DT  D 4 2  ? 2.327   -13.623 0.544   1.00 101.80 ?  37  DT  D O4     1 
ATOM   1154 C  C5     . DT  D 4 2  ? 2.651   -14.090 2.810   1.00 96.00  ?  37  DT  D C5     1 
ATOM   1155 C  C7     . DT  D 4 2  ? 4.119   -14.372 2.654   1.00 106.48 ?  37  DT  D C7     1 
ATOM   1156 C  C6     . DT  D 4 2  ? 2.041   -14.173 3.998   1.00 90.03  ?  37  DT  D C6     1 
ATOM   1157 P  P      . DG  D 4 3  ? -2.674  -16.024 8.177   1.00 146.39 ?  38  DG  D P      1 
ATOM   1158 O  OP1    . DG  D 4 3  ? -3.240  -15.812 9.534   1.00 135.02 ?  38  DG  D OP1    1 
ATOM   1159 O  OP2    . DG  D 4 3  ? -2.072  -17.323 7.786   1.00 131.76 -1 38  DG  D OP2    1 
ATOM   1160 O  "O5'"  . DG  D 4 3  ? -3.792  -15.702 7.078   1.00 118.40 ?  38  DG  D "O5'"  1 
ATOM   1161 C  "C5'"  . DG  D 4 3  ? -3.491  -15.864 5.702   1.00 104.22 ?  38  DG  D "C5'"  1 
ATOM   1162 C  "C4'"  . DG  D 4 3  ? -4.659  -15.458 4.838   1.00 124.73 ?  38  DG  D "C4'"  1 
ATOM   1163 O  "O4'"  . DG  D 4 3  ? -4.157  -14.968 3.577   1.00 124.66 ?  38  DG  D "O4'"  1 
ATOM   1164 C  "C3'"  . DG  D 4 3  ? -5.592  -16.583 4.453   1.00 133.97 ?  38  DG  D "C3'"  1 
ATOM   1165 O  "O3'"  . DG  D 4 3  ? -6.865  -16.067 4.052   1.00 149.37 ?  38  DG  D "O3'"  1 
ATOM   1166 C  "C2'"  . DG  D 4 3  ? -4.828  -17.228 3.301   1.00 140.41 ?  38  DG  D "C2'"  1 
ATOM   1167 C  "C1'"  . DG  D 4 3  ? -4.119  -16.034 2.645   1.00 120.84 ?  38  DG  D "C1'"  1 
ATOM   1168 N  N9     . DG  D 4 3  ? -2.727  -16.295 2.285   1.00 115.15 ?  38  DG  D N9     1 
ATOM   1169 C  C8     . DG  D 4 3  ? -1.710  -16.680 3.127   1.00 116.23 ?  38  DG  D C8     1 
ATOM   1170 N  N7     . DG  D 4 3  ? -0.566  -16.841 2.518   1.00 109.09 ?  38  DG  D N7     1 
ATOM   1171 C  C5     . DG  D 4 3  ? -0.846  -16.544 1.188   1.00 103.47 ?  38  DG  D C5     1 
ATOM   1172 C  C6     . DG  D 4 3  ? 0.001   -16.545 0.058   1.00 108.90 ?  38  DG  D C6     1 
ATOM   1173 O  O6     . DG  D 4 3  ? 1.207   -16.819 0.007   1.00 110.71 ?  38  DG  D O6     1 
ATOM   1174 N  N1     . DG  D 4 3  ? -0.685  -16.180 -1.101  1.00 100.52 ?  38  DG  D N1     1 
ATOM   1175 C  C2     . DG  D 4 3  ? -2.021  -15.861 -1.157  1.00 104.06 ?  38  DG  D C2     1 
ATOM   1176 N  N2     . DG  D 4 3  ? -2.503  -15.533 -2.362  1.00 104.17 ?  38  DG  D N2     1 
ATOM   1177 N  N3     . DG  D 4 3  ? -2.827  -15.853 -0.103  1.00 108.30 ?  38  DG  D N3     1 
ATOM   1178 C  C4     . DG  D 4 3  ? -2.172  -16.205 1.031   1.00 106.29 ?  38  DG  D C4     1 
ATOM   1179 H  "H5'"  . DG  D 4 3  ? -3.277  -16.794 5.531   1.00 125.21 ?  38  DG  D "H5'"  1 
ATOM   1180 H  "H5''" . DG  D 4 3  ? -2.723  -15.315 5.478   1.00 125.21 ?  38  DG  D "H5''" 1 
ATOM   1181 H  "H4'"  . DG  D 4 3  ? -5.162  -14.756 5.281   1.00 149.83 ?  38  DG  D "H4'"  1 
ATOM   1182 H  "H3'"  . DG  D 4 3  ? -5.691  -17.208 5.187   1.00 160.92 ?  38  DG  D "H3'"  1 
ATOM   1183 H  "H2'"  . DG  D 4 3  ? -4.182  -17.870 3.635   1.00 168.64 ?  38  DG  D "H2'"  1 
ATOM   1184 H  "H2''" . DG  D 4 3  ? -5.440  -17.649 2.677   1.00 168.64 ?  38  DG  D "H2''" 1 
ATOM   1185 H  "H1'"  . DG  D 4 3  ? -4.608  -15.773 1.848   1.00 145.16 ?  38  DG  D "H1'"  1 
ATOM   1186 H  H8     . DG  D 4 3  ? -1.825  -16.816 4.040   1.00 139.63 ?  38  DG  D H8     1 
ATOM   1187 H  H1     . DG  D 4 3  ? -0.239  -16.156 -1.835  1.00 120.78 ?  38  DG  D H1     1 
ATOM   1188 H  H21    . DG  D 4 3  ? -3.332  -15.318 -2.450  1.00 125.16 ?  38  DG  D H21    1 
ATOM   1189 H  H22    . DG  D 4 3  ? -1.985  -15.537 -3.048  1.00 125.16 ?  38  DG  D H22    1 
ATOM   1190 P  P      . DT  D 4 4  ? -8.109  -17.050 3.773   1.00 174.06 ?  39  DT  D P      1 
ATOM   1191 O  OP1    . DT  D 4 4  ? -9.315  -16.207 3.606   1.00 173.66 ?  39  DT  D OP1    1 
ATOM   1192 O  OP2    . DT  D 4 4  ? -8.085  -18.114 4.802   1.00 157.20 -1 39  DT  D OP2    1 
ATOM   1193 O  "O5'"  . DT  D 4 4  ? -7.766  -17.720 2.361   1.00 135.18 ?  39  DT  D "O5'"  1 
ATOM   1194 C  "C5'"  . DT  D 4 4  ? -8.786  -17.934 1.403   1.00 134.44 ?  39  DT  D "C5'"  1 
ATOM   1195 C  "C4'"  . DT  D 4 4  ? -8.235  -17.769 -0.002  1.00 153.63 ?  39  DT  D "C4'"  1 
ATOM   1196 O  "O4'"  . DT  D 4 4  ? -6.802  -17.690 0.053   1.00 140.37 ?  39  DT  D "O4'"  1 
ATOM   1197 C  "C3'"  . DT  D 4 4  ? -8.535  -18.922 -0.955  1.00 158.66 ?  39  DT  D "C3'"  1 
ATOM   1198 O  "O3'"  . DT  D 4 4  ? -9.628  -18.582 -1.784  1.00 168.14 ?  39  DT  D "O3'"  1 
ATOM   1199 C  "C2'"  . DT  D 4 4  ? -7.246  -19.087 -1.780  1.00 153.31 ?  39  DT  D "C2'"  1 
ATOM   1200 C  "C1'"  . DT  D 4 4  ? -6.296  -18.042 -1.203  1.00 144.36 ?  39  DT  D "C1'"  1 
ATOM   1201 N  N1     . DT  D 4 4  ? -4.887  -18.520 -1.034  1.00 139.10 ?  39  DT  D N1     1 
ATOM   1202 C  C2     . DT  D 4 4  ? -4.033  -18.488 -2.117  1.00 130.13 ?  39  DT  D C2     1 
ATOM   1203 O  O2     . DT  D 4 4  ? -4.371  -18.100 -3.222  1.00 124.40 ?  39  DT  D O2     1 
ATOM   1204 N  N3     . DT  D 4 4  ? -2.765  -18.930 -1.859  1.00 113.89 ?  39  DT  D N3     1 
ATOM   1205 C  C4     . DT  D 4 4  ? -2.273  -19.392 -0.652  1.00 111.79 ?  39  DT  D C4     1 
ATOM   1206 O  O4     . DT  D 4 4  ? -1.117  -19.767 -0.520  1.00 104.62 ?  39  DT  D O4     1 
ATOM   1207 C  C5     . DT  D 4 4  ? -3.217  -19.400 0.445   1.00 118.16 ?  39  DT  D C5     1 
ATOM   1208 C  C7     . DT  D 4 4  ? -2.787  -19.882 1.805   1.00 107.29 ?  39  DT  D C7     1 
ATOM   1209 C  C6     . DT  D 4 4  ? -4.465  -18.967 0.206   1.00 122.04 ?  39  DT  D C6     1 
ATOM   1210 P  P      . DC  D 4 5  ? -10.943 -19.501 -1.803  1.00 198.05 ?  40  DC  D P      1 
ATOM   1211 O  OP1    . DC  D 4 5  ? -12.121 -18.602 -1.841  1.00 186.78 ?  40  DC  D OP1    1 
ATOM   1212 O  OP2    . DC  D 4 5  ? -10.784 -20.498 -0.718  1.00 188.76 -1 40  DC  D OP2    1 
ATOM   1213 O  "O5'"  . DC  D 4 5  ? -10.836 -20.298 -3.184  1.00 187.83 ?  40  DC  D "O5'"  1 
ATOM   1214 C  "C5'"  . DC  D 4 5  ? -9.850  -21.306 -3.342  1.00 176.77 ?  40  DC  D "C5'"  1 
ATOM   1215 C  "C4'"  . DC  D 4 5  ? -9.121  -21.148 -4.657  1.00 182.74 ?  40  DC  D "C4'"  1 
ATOM   1216 O  "O4'"  . DC  D 4 5  ? -7.910  -20.367 -4.447  1.00 168.50 ?  40  DC  D "O4'"  1 
ATOM   1217 C  "C3'"  . DC  D 4 5  ? -8.653  -22.448 -5.284  1.00 185.91 ?  40  DC  D "C3'"  1 
ATOM   1218 O  "O3'"  . DC  D 4 5  ? -9.711  -23.052 -6.077  1.00 184.63 ?  40  DC  D "O3'"  1 
ATOM   1219 C  "C2'"  . DC  D 4 5  ? -7.438  -21.994 -6.089  1.00 178.12 ?  40  DC  D "C2'"  1 
ATOM   1220 C  "C1'"  . DC  D 4 5  ? -6.831  -20.931 -5.184  1.00 169.11 ?  40  DC  D "C1'"  1 
ATOM   1221 N  N1     . DC  D 4 5  ? -5.802  -21.438 -4.209  1.00 151.94 ?  40  DC  D N1     1 
ATOM   1222 C  C2     . DC  D 4 5  ? -4.477  -21.612 -4.623  1.00 147.50 ?  40  DC  D C2     1 
ATOM   1223 O  O2     . DC  D 4 5  ? -4.175  -21.372 -5.799  1.00 145.77 ?  40  DC  D O2     1 
ATOM   1224 N  N3     . DC  D 4 5  ? -3.558  -22.049 -3.721  1.00 129.79 ?  40  DC  D N3     1 
ATOM   1225 C  C4     . DC  D 4 5  ? -3.921  -22.298 -2.463  1.00 130.39 ?  40  DC  D C4     1 
ATOM   1226 N  N4     . DC  D 4 5  ? -2.982  -22.729 -1.610  1.00 129.54 ?  40  DC  D N4     1 
ATOM   1227 C  C5     . DC  D 4 5  ? -5.264  -22.119 -2.021  1.00 143.49 ?  40  DC  D C5     1 
ATOM   1228 C  C6     . DC  D 4 5  ? -6.162  -21.693 -2.918  1.00 148.32 ?  40  DC  D C6     1 
ATOM   1229 H  "H5'"  . DC  D 4 5  ? -10.278 -22.177 -3.319  1.00 212.27 ?  40  DC  D "H5'"  1 
ATOM   1230 H  "H5''" . DC  D 4 5  ? -9.212  -21.246 -2.614  1.00 212.27 ?  40  DC  D "H5''" 1 
ATOM   1231 H  "H4'"  . DC  D 4 5  ? -9.695  -20.681 -5.284  1.00 219.44 ?  40  DC  D "H4'"  1 
ATOM   1232 H  "H3'"  . DC  D 4 5  ? -8.374  -23.064 -4.589  1.00 223.24 ?  40  DC  D "H3'"  1 
ATOM   1233 H  "H2'"  . DC  D 4 5  ? -6.818  -22.728 -6.222  1.00 213.90 ?  40  DC  D "H2'"  1 
ATOM   1234 H  "H2''" . DC  D 4 5  ? -7.710  -21.610 -6.938  1.00 213.90 ?  40  DC  D "H2''" 1 
ATOM   1235 H  "H1'"  . DC  D 4 5  ? -6.431  -20.240 -5.734  1.00 203.09 ?  40  DC  D "H1'"  1 
ATOM   1236 H  H41    . DC  D 4 5  ? -3.188  -22.896 -0.792  1.00 155.60 ?  40  DC  D H41    1 
ATOM   1237 H  H42    . DC  D 4 5  ? -2.173  -22.837 -1.881  1.00 155.60 ?  40  DC  D H42    1 
ATOM   1238 H  H5     . DC  D 4 5  ? -5.510  -22.296 -1.141  1.00 172.34 ?  40  DC  D H5     1 
ATOM   1239 H  H6     . DC  D 4 5  ? -7.045  -21.563 -2.655  1.00 178.14 ?  40  DC  D H6     1 
ATOM   1240 P  P      . DG  D 4 6  ? -9.812  -22.829 -7.668  1.00 188.16 ?  41  DG  D P      1 
ATOM   1241 O  OP1    . DG  D 4 6  ? -9.800  -21.370 -7.926  1.00 186.57 ?  41  DG  D OP1    1 
ATOM   1242 O  OP2    . DG  D 4 6  ? -10.934 -23.650 -8.172  1.00 191.43 -1 41  DG  D OP2    1 
ATOM   1243 O  "O5'"  . DG  D 4 6  ? -8.466  -23.481 -8.230  1.00 172.67 ?  41  DG  D "O5'"  1 
ATOM   1244 C  "C5'"  . DG  D 4 6  ? -7.873  -22.971 -9.414  1.00 174.82 ?  41  DG  D "C5'"  1 
ATOM   1245 C  "C4'"  . DG  D 4 6  ? -6.472  -23.523 -9.605  1.00 176.67 ?  41  DG  D "C4'"  1 
ATOM   1246 O  "O4'"  . DG  D 4 6  ? -5.755  -23.466 -8.337  1.00 172.04 ?  41  DG  D "O4'"  1 
ATOM   1247 C  "C3'"  . DG  D 4 6  ? -6.412  -24.985 -10.065 1.00 175.43 ?  41  DG  D "C3'"  1 
ATOM   1248 O  "O3'"  . DG  D 4 6  ? -5.534  -25.126 -11.180 1.00 188.27 ?  41  DG  D "O3'"  1 
ATOM   1249 C  "C2'"  . DG  D 4 6  ? -5.909  -25.729 -8.838  1.00 163.37 ?  41  DG  D "C2'"  1 
ATOM   1250 C  "C1'"  . DG  D 4 6  ? -5.065  -24.677 -8.145  1.00 154.77 ?  41  DG  D "C1'"  1 
ATOM   1251 N  N9     . DG  D 4 6  ? -4.875  -24.924 -6.717  1.00 145.76 ?  41  DG  D N9     1 
ATOM   1252 C  C8     . DG  D 4 6  ? -5.843  -24.980 -5.742  1.00 149.95 ?  41  DG  D C8     1 
ATOM   1253 N  N7     . DG  D 4 6  ? -5.372  -25.237 -4.553  1.00 141.63 ?  41  DG  D N7     1 
ATOM   1254 C  C5     . DG  D 4 6  ? -4.004  -25.375 -4.758  1.00 146.97 ?  41  DG  D C5     1 
ATOM   1255 C  C6     . DG  D 4 6  ? -2.972  -25.661 -3.838  1.00 146.22 ?  41  DG  D C6     1 
ATOM   1256 O  O6     . DG  D 4 6  ? -3.064  -25.857 -2.619  1.00 149.71 ?  41  DG  D O6     1 
ATOM   1257 N  N1     . DG  D 4 6  ? -1.723  -25.712 -4.467  1.00 129.39 ?  41  DG  D N1     1 
ATOM   1258 C  C2     . DG  D 4 6  ? -1.509  -25.510 -5.813  1.00 133.45 ?  41  DG  D C2     1 
ATOM   1259 N  N2     . DG  D 4 6  ? -0.240  -25.599 -6.236  1.00 131.00 ?  41  DG  D N2     1 
ATOM   1260 N  N3     . DG  D 4 6  ? -2.471  -25.242 -6.683  1.00 136.02 ?  41  DG  D N3     1 
ATOM   1261 C  C4     . DG  D 4 6  ? -3.687  -25.189 -6.086  1.00 143.81 ?  41  DG  D C4     1 
ATOM   1262 H  "H5'"  . DG  D 4 6  ? -7.829  -22.004 -9.358  1.00 209.94 ?  41  DG  D "H5'"  1 
ATOM   1263 H  "H5''" . DG  D 4 6  ? -8.419  -23.220 -10.176 1.00 209.94 ?  41  DG  D "H5''" 1 
ATOM   1264 H  "H4'"  . DG  D 4 6  ? -6.005  -22.973 -10.252 1.00 212.15 ?  41  DG  D "H4'"  1 
ATOM   1265 H  "H3'"  . DG  D 4 6  ? -7.301  -25.295 -10.300 1.00 210.66 ?  41  DG  D "H3'"  1 
ATOM   1266 H  "H2'"  . DG  D 4 6  ? -6.649  -26.003 -8.274  1.00 196.20 ?  41  DG  D "H2'"  1 
ATOM   1267 H  "H2''" . DG  D 4 6  ? -5.367  -26.491 -9.095  1.00 196.20 ?  41  DG  D "H2''" 1 
ATOM   1268 H  "H1'"  . DG  D 4 6  ? -4.199  -24.624 -8.579  1.00 185.88 ?  41  DG  D "H1'"  1 
ATOM   1269 H  H8     . DG  D 4 6  ? -6.746  -24.836 -5.911  1.00 180.10 ?  41  DG  D H8     1 
ATOM   1270 H  H1     . DG  D 4 6  ? -1.036  -25.880 -3.978  1.00 155.42 ?  41  DG  D H1     1 
ATOM   1271 H  H21    . DG  D 4 6  ? -0.053  -25.484 -7.067  1.00 157.36 ?  41  DG  D H21    1 
ATOM   1272 H  H22    . DG  D 4 6  ? 0.390   -25.773 -5.674  1.00 157.36 ?  41  DG  D H22    1 
ATOM   1273 P  P      . DT  D 4 7  ? -5.723  -26.336 -12.221 1.00 190.43 ?  42  DT  D P      1 
ATOM   1274 O  OP1    . DT  D 4 7  ? -5.604  -25.768 -13.583 1.00 189.82 ?  42  DT  D OP1    1 
ATOM   1275 O  OP2    . DT  D 4 7  ? -6.940  -27.087 -11.842 1.00 187.30 -1 42  DT  D OP2    1 
ATOM   1276 O  "O5'"  . DT  D 4 7  ? -4.458  -27.278 -11.943 1.00 173.54 ?  42  DT  D "O5'"  1 
ATOM   1277 C  "C5'"  . DT  D 4 7  ? -3.139  -26.768 -12.112 1.00 173.80 ?  42  DT  D "C5'"  1 
ATOM   1278 C  "C4'"  . DT  D 4 7  ? -2.138  -27.542 -11.267 1.00 174.81 ?  42  DT  D "C4'"  1 
ATOM   1279 O  "O4'"  . DT  D 4 7  ? -2.432  -27.356 -9.865  1.00 159.21 ?  42  DT  D "O4'"  1 
ATOM   1280 C  "C3'"  . DT  D 4 7  ? -2.146  -29.052 -11.475 1.00 163.75 ?  42  DT  D "C3'"  1 
ATOM   1281 O  "O3'"  . DT  D 4 7  ? -1.137  -29.440 -12.404 1.00 165.20 ?  42  DT  D "O3'"  1 
ATOM   1282 C  "C2'"  . DT  D 4 7  ? -1.896  -29.636 -10.074 1.00 149.01 ?  42  DT  D "C2'"  1 
ATOM   1283 C  "C1'"  . DT  D 4 7  ? -1.847  -28.415 -9.150  1.00 137.27 ?  42  DT  D "C1'"  1 
ATOM   1284 N  N1     . DT  D 4 7  ? -2.577  -28.604 -7.849  1.00 136.27 ?  42  DT  D N1     1 
ATOM   1285 C  C2     . DT  D 4 7  ? -1.858  -28.929 -6.720  1.00 140.44 ?  42  DT  D C2     1 
ATOM   1286 O  O2     . DT  D 4 7  ? -0.650  -29.074 -6.717  1.00 144.98 ?  42  DT  D O2     1 
ATOM   1287 N  N3     . DT  D 4 7  ? -2.606  -29.081 -5.584  1.00 137.60 ?  42  DT  D N3     1 
ATOM   1288 C  C4     . DT  D 4 7  ? -3.973  -28.946 -5.461  1.00 134.99 ?  42  DT  D C4     1 
ATOM   1289 O  O4     . DT  D 4 7  ? -4.554  -29.104 -4.389  1.00 139.19 ?  42  DT  D O4     1 
ATOM   1290 C  C5     . DT  D 4 7  ? -4.674  -28.605 -6.678  1.00 132.32 ?  42  DT  D C5     1 
ATOM   1291 C  C7     . DT  D 4 7  ? -6.164  -28.430 -6.661  1.00 130.59 ?  42  DT  D C7     1 
ATOM   1292 C  C6     . DT  D 4 7  ? -3.951  -28.450 -7.805  1.00 138.63 ?  42  DT  D C6     1 
ATOM   1293 H  "H5'"  . DT  D 4 7  ? -3.123  -25.834 -11.847 1.00 208.71 ?  42  DT  D "H5'"  1 
ATOM   1294 H  "H5''" . DT  D 4 7  ? -2.889  -26.838 -13.046 1.00 208.71 ?  42  DT  D "H5''" 1 
ATOM   1295 H  "H4'"  . DT  D 4 7  ? -1.247  -27.204 -11.449 1.00 209.93 ?  42  DT  D "H4'"  1 
ATOM   1296 H  "H3'"  . DT  D 4 7  ? -3.016  -29.335 -11.798 1.00 196.66 ?  42  DT  D "H3'"  1 
ATOM   1297 H  "HO3'" . DT  D 4 7  ? -0.535  -29.978 -12.170 1.00 198.40 ?  42  DT  D "HO3'" 1 
ATOM   1298 H  "H2'"  . DT  D 4 7  ? -2.624  -30.224 -9.818  1.00 178.96 ?  42  DT  D "H2'"  1 
ATOM   1299 H  "H2''" . DT  D 4 7  ? -1.051  -30.111 -10.051 1.00 178.96 ?  42  DT  D "H2''" 1 
ATOM   1300 H  "H1'"  . DT  D 4 7  ? -0.920  -28.197 -8.964  1.00 164.88 ?  42  DT  D "H1'"  1 
ATOM   1301 H  H3     . DT  D 4 7  ? -2.176  -29.285 -4.868  1.00 165.28 ?  42  DT  D H3     1 
ATOM   1302 H  H71    . DT  D 4 7  ? -6.495  -28.575 -5.760  1.00 156.87 ?  42  DT  D H71    1 
ATOM   1303 H  H72    . DT  D 4 7  ? -6.387  -27.531 -6.947  1.00 156.87 ?  42  DT  D H72    1 
ATOM   1304 H  H73    . DT  D 4 7  ? -6.571  -29.072 -7.263  1.00 156.87 ?  42  DT  D H73    1 
ATOM   1305 H  H6     . DT  D 4 7  ? -4.398  -28.231 -8.591  1.00 166.51 ?  42  DT  D H6     1 
HETATM 1306 AS AS     . CAC E 5 .  ? 5.379   -8.936  -2.275  1.00 310.49 ?  101 CAC A AS     1 
HETATM 1307 AS AS     . CAC F 5 .  ? 7.325   5.362   -1.952  1.00 286.68 ?  102 CAC A AS     1 
# 
loop_
_pdbx_poly_seq_scheme.asym_id 
_pdbx_poly_seq_scheme.entity_id 
_pdbx_poly_seq_scheme.seq_id 
_pdbx_poly_seq_scheme.mon_id 
_pdbx_poly_seq_scheme.ndb_seq_num 
_pdbx_poly_seq_scheme.pdb_seq_num 
_pdbx_poly_seq_scheme.auth_seq_num 
_pdbx_poly_seq_scheme.pdb_mon_id 
_pdbx_poly_seq_scheme.auth_mon_id 
_pdbx_poly_seq_scheme.pdb_strand_id 
_pdbx_poly_seq_scheme.pdb_ins_code 
_pdbx_poly_seq_scheme.hetero 
A 1 1  DC 1  1  1  DC DC A . n 
A 1 2  DC 2  2  2  DC DC A . n 
A 1 3  DG 3  3  3  DG DG A . n 
A 1 4  DT 4  4  4  DT DT A . n 
A 1 5  DC 5  5  5  DC DC A . n 
A 1 6  DG 6  6  6  DG DG A . n 
B 2 1  DG 1  7  7  DG DG B . n 
B 2 2  DA 2  8  8  DA DA B . n 
B 2 3  DA 3  9  9  DA DA B . n 
B 2 4  DC 4  10 10 DC DC B . n 
B 2 5  DG 5  11 11 DG DG B . n 
B 2 6  DA 6  12 12 DA DA B . n 
B 2 7  DC 7  13 13 DC DC B . n 
B 2 8  DA 8  14 14 DA DA B . n 
B 2 9  DC 9  15 15 DC DC B . n 
B 2 10 DC 10 16 16 DC DC B . n 
B 2 11 DG 11 17 17 DG DG B . n 
B 2 12 DA 12 18 18 DA DA B . n 
B 2 13 DC 13 19 19 DC DC B . n 
B 2 14 DG 14 20 20 DG DG B . n 
B 2 15 DG 15 21 21 DG DG B . n 
B 2 16 DG 16 22 22 DG DG B . n 
B 2 17 DG 17 23 23 DG DG B . n 
B 2 18 DA 18 24 24 DA DA B . n 
B 2 19 DC 19 25 25 DC DC B . n 
B 2 20 DT 20 26 26 DT DT B . n 
B 2 21 DC 21 27 27 DC DC B . n 
C 3 1  DT 1  28 28 DT DT C . n 
C 3 2  DC 2  29 29 DC DC C . n 
C 3 3  DG 3  30 30 DG DG C . n 
C 3 4  DA 4  31 31 DA DA C . n 
C 3 5  DG 5  32 32 DG DG C . n 
C 3 6  DT 6  33 33 DT DT C . n 
C 3 7  DC 7  34 34 DC DC C . n 
C 3 8  DC 8  35 35 DC DC C . n 
D 4 1  DG 1  36 36 DG DG D . n 
D 4 2  DT 2  37 37 DT DT D . n 
D 4 3  DG 3  38 38 DG DG D . n 
D 4 4  DT 4  39 39 DT DT D . n 
D 4 5  DC 5  40 40 DC DC D . n 
D 4 6  DG 6  41 41 DG DG D . n 
D 4 7  DT 7  42 42 DT DT D . n 
# 
loop_
_pdbx_nonpoly_scheme.asym_id 
_pdbx_nonpoly_scheme.entity_id 
_pdbx_nonpoly_scheme.mon_id 
_pdbx_nonpoly_scheme.ndb_seq_num 
_pdbx_nonpoly_scheme.pdb_seq_num 
_pdbx_nonpoly_scheme.auth_seq_num 
_pdbx_nonpoly_scheme.pdb_mon_id 
_pdbx_nonpoly_scheme.auth_mon_id 
_pdbx_nonpoly_scheme.pdb_strand_id 
_pdbx_nonpoly_scheme.pdb_ins_code 
E 5 CAC 1 101 1 CAC AS A . 
F 5 CAC 1 102 2 CAC AS A . 
# 
_pdbx_struct_assembly.id                   1 
_pdbx_struct_assembly.details              author_defined_assembly 
_pdbx_struct_assembly.method_details       ? 
_pdbx_struct_assembly.oligomeric_details   tetrameric 
_pdbx_struct_assembly.oligomeric_count     4 
# 
_pdbx_struct_assembly_gen.assembly_id       1 
_pdbx_struct_assembly_gen.oper_expression   1 
_pdbx_struct_assembly_gen.asym_id_list      A,B,C,D,E,F 
# 
_pdbx_struct_oper_list.id                   1 
_pdbx_struct_oper_list.type                 'identity operation' 
_pdbx_struct_oper_list.name                 1_555 
_pdbx_struct_oper_list.symmetry_operation   x,y,z 
_pdbx_struct_oper_list.matrix[1][1]         1.0000000000 
_pdbx_struct_oper_list.matrix[1][2]         0.0000000000 
_pdbx_struct_oper_list.matrix[1][3]         0.0000000000 
_pdbx_struct_oper_list.vector[1]            0.0000000000 
_pdbx_struct_oper_list.matrix[2][1]         0.0000000000 
_pdbx_struct_oper_list.matrix[2][2]         1.0000000000 
_pdbx_struct_oper_list.matrix[2][3]         0.0000000000 
_pdbx_struct_oper_list.vector[2]            0.0000000000 
_pdbx_struct_oper_list.matrix[3][1]         0.0000000000 
_pdbx_struct_oper_list.matrix[3][2]         0.0000000000 
_pdbx_struct_oper_list.matrix[3][3]         1.0000000000 
_pdbx_struct_oper_list.vector[3]            0.0000000000 
# 
loop_
_pdbx_audit_revision_history.ordinal 
_pdbx_audit_revision_history.data_content_type 
_pdbx_audit_revision_history.major_revision 
_pdbx_audit_revision_history.minor_revision 
_pdbx_audit_revision_history.revision_date 
1 'Structure model' 1 0 2021-07-14 
2 'Structure model' 1 1 2022-07-06 
3 'Structure model' 1 2 2023-10-18 
# 
_pdbx_audit_revision_details.ordinal             1 
_pdbx_audit_revision_details.revision_ordinal    1 
_pdbx_audit_revision_details.data_content_type   'Structure model' 
_pdbx_audit_revision_details.provider            repository 
_pdbx_audit_revision_details.type                'Initial release' 
_pdbx_audit_revision_details.description         ? 
_pdbx_audit_revision_details.details             ? 
# 
loop_
_pdbx_audit_revision_group.ordinal 
_pdbx_audit_revision_group.revision_ordinal 
_pdbx_audit_revision_group.data_content_type 
_pdbx_audit_revision_group.group 
1 2 'Structure model' 'Database references'    
2 3 'Structure model' 'Data collection'        
3 3 'Structure model' 'Refinement description' 
# 
loop_
_pdbx_audit_revision_category.ordinal 
_pdbx_audit_revision_category.revision_ordinal 
_pdbx_audit_revision_category.data_content_type 
_pdbx_audit_revision_category.category 
1 2 'Structure model' citation                      
2 2 'Structure model' citation_author               
3 2 'Structure model' database_2                    
4 3 'Structure model' chem_comp_atom                
5 3 'Structure model' chem_comp_bond                
6 3 'Structure model' pdbx_initial_refinement_model 
# 
loop_
_pdbx_audit_revision_item.ordinal 
_pdbx_audit_revision_item.revision_ordinal 
_pdbx_audit_revision_item.data_content_type 
_pdbx_audit_revision_item.item 
1  2 'Structure model' '_citation.country'                   
2  2 'Structure model' '_citation.journal_abbrev'            
3  2 'Structure model' '_citation.journal_id_CSD'            
4  2 'Structure model' '_citation.journal_id_ISSN'           
5  2 'Structure model' '_citation.journal_volume'            
6  2 'Structure model' '_citation.page_first'                
7  2 'Structure model' '_citation.page_last'                 
8  2 'Structure model' '_citation.pdbx_database_id_DOI'      
9  2 'Structure model' '_citation.pdbx_database_id_PubMed'   
10 2 'Structure model' '_citation.title'                     
11 2 'Structure model' '_citation.year'                      
12 2 'Structure model' '_database_2.pdbx_DOI'                
13 2 'Structure model' '_database_2.pdbx_database_accession' 
# 
loop_
_software.citation_id 
_software.classification 
_software.compiler_name 
_software.compiler_version 
_software.contact_author 
_software.contact_author_email 
_software.date 
_software.description 
_software.dependencies 
_software.hardware 
_software.language 
_software.location 
_software.mods 
_software.name 
_software.os 
_software.os_version 
_software.type 
_software.version 
_software.pdbx_ordinal 
? refinement        ? ? ? ? ? ? ? ? ? ? ? PHENIX      ? ? ? 1.11.1_2575 1 
? 'data reduction'  ? ? ? ? ? ? ? ? ? ? ? HKL-2000    ? ? ? .           2 
? 'data scaling'    ? ? ? ? ? ? ? ? ? ? ? HKL-2000    ? ? ? .           3 
? 'data extraction' ? ? ? ? ? ? ? ? ? ? ? PDB_EXTRACT ? ? ? 3.25        4 
? phasing           ? ? ? ? ? ? ? ? ? ? ? PHASER      ? ? ? .           5 
# 
_pdbx_entry_details.entry_id                 7JKH 
_pdbx_entry_details.nonpolymer_details       ? 
_pdbx_entry_details.sequence_details         ? 
_pdbx_entry_details.compound_details         ? 
_pdbx_entry_details.source_details           ? 
_pdbx_entry_details.has_ligand_of_interest   N 
# 
loop_
_pdbx_validate_rmsd_angle.id 
_pdbx_validate_rmsd_angle.PDB_model_num 
_pdbx_validate_rmsd_angle.auth_atom_id_1 
_pdbx_validate_rmsd_angle.auth_asym_id_1 
_pdbx_validate_rmsd_angle.auth_comp_id_1 
_pdbx_validate_rmsd_angle.auth_seq_id_1 
_pdbx_validate_rmsd_angle.PDB_ins_code_1 
_pdbx_validate_rmsd_angle.label_alt_id_1 
_pdbx_validate_rmsd_angle.auth_atom_id_2 
_pdbx_validate_rmsd_angle.auth_asym_id_2 
_pdbx_validate_rmsd_angle.auth_comp_id_2 
_pdbx_validate_rmsd_angle.auth_seq_id_2 
_pdbx_validate_rmsd_angle.PDB_ins_code_2 
_pdbx_validate_rmsd_angle.label_alt_id_2 
_pdbx_validate_rmsd_angle.auth_atom_id_3 
_pdbx_validate_rmsd_angle.auth_asym_id_3 
_pdbx_validate_rmsd_angle.auth_comp_id_3 
_pdbx_validate_rmsd_angle.auth_seq_id_3 
_pdbx_validate_rmsd_angle.PDB_ins_code_3 
_pdbx_validate_rmsd_angle.label_alt_id_3 
_pdbx_validate_rmsd_angle.angle_value 
_pdbx_validate_rmsd_angle.angle_target_value 
_pdbx_validate_rmsd_angle.angle_deviation 
_pdbx_validate_rmsd_angle.angle_standard_deviation 
_pdbx_validate_rmsd_angle.linker_flag 
1 1 "O4'" A DT 4  ? ? "C1'" A DT 4  ? ? N1 A DT 4  ? ? 110.26 108.30 1.96 0.30 N 
2 1 "O4'" B DC 19 ? ? "C1'" B DC 19 ? ? N1 B DC 19 ? ? 110.60 108.30 2.30 0.30 N 
3 1 "O4'" B DG 20 ? ? "C1'" B DG 20 ? ? N9 B DG 20 ? ? 110.58 108.30 2.28 0.30 N 
4 1 "O4'" C DC 35 ? ? "C1'" C DC 35 ? ? N1 C DC 35 ? ? 110.64 108.30 2.34 0.30 N 
# 
loop_
_pdbx_unobs_or_zero_occ_atoms.id 
_pdbx_unobs_or_zero_occ_atoms.PDB_model_num 
_pdbx_unobs_or_zero_occ_atoms.polymer_flag 
_pdbx_unobs_or_zero_occ_atoms.occupancy_flag 
_pdbx_unobs_or_zero_occ_atoms.auth_asym_id 
_pdbx_unobs_or_zero_occ_atoms.auth_comp_id 
_pdbx_unobs_or_zero_occ_atoms.auth_seq_id 
_pdbx_unobs_or_zero_occ_atoms.PDB_ins_code 
_pdbx_unobs_or_zero_occ_atoms.auth_atom_id 
_pdbx_unobs_or_zero_occ_atoms.label_alt_id 
_pdbx_unobs_or_zero_occ_atoms.label_asym_id 
_pdbx_unobs_or_zero_occ_atoms.label_comp_id 
_pdbx_unobs_or_zero_occ_atoms.label_seq_id 
_pdbx_unobs_or_zero_occ_atoms.label_atom_id 
1 1 N 1 A CAC 101 ? O1 ? E CAC 1 O1 
2 1 N 1 A CAC 101 ? O2 ? E CAC 1 O2 
3 1 N 1 A CAC 101 ? C1 ? E CAC 1 C1 
4 1 N 1 A CAC 101 ? C2 ? E CAC 1 C2 
5 1 N 1 A CAC 102 ? O1 ? F CAC 1 O1 
6 1 N 1 A CAC 102 ? O2 ? F CAC 1 O2 
7 1 N 1 A CAC 102 ? C1 ? F CAC 1 C1 
8 1 N 1 A CAC 102 ? C2 ? F CAC 1 C2 
# 
loop_
_chem_comp_atom.comp_id 
_chem_comp_atom.atom_id 
_chem_comp_atom.type_symbol 
_chem_comp_atom.pdbx_aromatic_flag 
_chem_comp_atom.pdbx_stereo_config 
_chem_comp_atom.pdbx_ordinal 
CAC AS     AS N N 1   
CAC O1     O  N N 2   
CAC O2     O  N N 3   
CAC C1     C  N N 4   
CAC C2     C  N N 5   
CAC H11    H  N N 6   
CAC H12    H  N N 7   
CAC H13    H  N N 8   
CAC H21    H  N N 9   
CAC H22    H  N N 10  
CAC H23    H  N N 11  
DA  OP3    O  N N 12  
DA  P      P  N N 13  
DA  OP1    O  N N 14  
DA  OP2    O  N N 15  
DA  "O5'"  O  N N 16  
DA  "C5'"  C  N N 17  
DA  "C4'"  C  N R 18  
DA  "O4'"  O  N N 19  
DA  "C3'"  C  N S 20  
DA  "O3'"  O  N N 21  
DA  "C2'"  C  N N 22  
DA  "C1'"  C  N R 23  
DA  N9     N  Y N 24  
DA  C8     C  Y N 25  
DA  N7     N  Y N 26  
DA  C5     C  Y N 27  
DA  C6     C  Y N 28  
DA  N6     N  N N 29  
DA  N1     N  Y N 30  
DA  C2     C  Y N 31  
DA  N3     N  Y N 32  
DA  C4     C  Y N 33  
DA  HOP3   H  N N 34  
DA  HOP2   H  N N 35  
DA  "H5'"  H  N N 36  
DA  "H5''" H  N N 37  
DA  "H4'"  H  N N 38  
DA  "H3'"  H  N N 39  
DA  "HO3'" H  N N 40  
DA  "H2'"  H  N N 41  
DA  "H2''" H  N N 42  
DA  "H1'"  H  N N 43  
DA  H8     H  N N 44  
DA  H61    H  N N 45  
DA  H62    H  N N 46  
DA  H2     H  N N 47  
DC  OP3    O  N N 48  
DC  P      P  N N 49  
DC  OP1    O  N N 50  
DC  OP2    O  N N 51  
DC  "O5'"  O  N N 52  
DC  "C5'"  C  N N 53  
DC  "C4'"  C  N R 54  
DC  "O4'"  O  N N 55  
DC  "C3'"  C  N S 56  
DC  "O3'"  O  N N 57  
DC  "C2'"  C  N N 58  
DC  "C1'"  C  N R 59  
DC  N1     N  N N 60  
DC  C2     C  N N 61  
DC  O2     O  N N 62  
DC  N3     N  N N 63  
DC  C4     C  N N 64  
DC  N4     N  N N 65  
DC  C5     C  N N 66  
DC  C6     C  N N 67  
DC  HOP3   H  N N 68  
DC  HOP2   H  N N 69  
DC  "H5'"  H  N N 70  
DC  "H5''" H  N N 71  
DC  "H4'"  H  N N 72  
DC  "H3'"  H  N N 73  
DC  "HO3'" H  N N 74  
DC  "H2'"  H  N N 75  
DC  "H2''" H  N N 76  
DC  "H1'"  H  N N 77  
DC  H41    H  N N 78  
DC  H42    H  N N 79  
DC  H5     H  N N 80  
DC  H6     H  N N 81  
DG  OP3    O  N N 82  
DG  P      P  N N 83  
DG  OP1    O  N N 84  
DG  OP2    O  N N 85  
DG  "O5'"  O  N N 86  
DG  "C5'"  C  N N 87  
DG  "C4'"  C  N R 88  
DG  "O4'"  O  N N 89  
DG  "C3'"  C  N S 90  
DG  "O3'"  O  N N 91  
DG  "C2'"  C  N N 92  
DG  "C1'"  C  N R 93  
DG  N9     N  Y N 94  
DG  C8     C  Y N 95  
DG  N7     N  Y N 96  
DG  C5     C  Y N 97  
DG  C6     C  N N 98  
DG  O6     O  N N 99  
DG  N1     N  N N 100 
DG  C2     C  N N 101 
DG  N2     N  N N 102 
DG  N3     N  N N 103 
DG  C4     C  Y N 104 
DG  HOP3   H  N N 105 
DG  HOP2   H  N N 106 
DG  "H5'"  H  N N 107 
DG  "H5''" H  N N 108 
DG  "H4'"  H  N N 109 
DG  "H3'"  H  N N 110 
DG  "HO3'" H  N N 111 
DG  "H2'"  H  N N 112 
DG  "H2''" H  N N 113 
DG  "H1'"  H  N N 114 
DG  H8     H  N N 115 
DG  H1     H  N N 116 
DG  H21    H  N N 117 
DG  H22    H  N N 118 
DT  OP3    O  N N 119 
DT  P      P  N N 120 
DT  OP1    O  N N 121 
DT  OP2    O  N N 122 
DT  "O5'"  O  N N 123 
DT  "C5'"  C  N N 124 
DT  "C4'"  C  N R 125 
DT  "O4'"  O  N N 126 
DT  "C3'"  C  N S 127 
DT  "O3'"  O  N N 128 
DT  "C2'"  C  N N 129 
DT  "C1'"  C  N R 130 
DT  N1     N  N N 131 
DT  C2     C  N N 132 
DT  O2     O  N N 133 
DT  N3     N  N N 134 
DT  C4     C  N N 135 
DT  O4     O  N N 136 
DT  C5     C  N N 137 
DT  C7     C  N N 138 
DT  C6     C  N N 139 
DT  HOP3   H  N N 140 
DT  HOP2   H  N N 141 
DT  "H5'"  H  N N 142 
DT  "H5''" H  N N 143 
DT  "H4'"  H  N N 144 
DT  "H3'"  H  N N 145 
DT  "HO3'" H  N N 146 
DT  "H2'"  H  N N 147 
DT  "H2''" H  N N 148 
DT  "H1'"  H  N N 149 
DT  H3     H  N N 150 
DT  H71    H  N N 151 
DT  H72    H  N N 152 
DT  H73    H  N N 153 
DT  H6     H  N N 154 
# 
loop_
_chem_comp_bond.comp_id 
_chem_comp_bond.atom_id_1 
_chem_comp_bond.atom_id_2 
_chem_comp_bond.value_order 
_chem_comp_bond.pdbx_aromatic_flag 
_chem_comp_bond.pdbx_stereo_config 
_chem_comp_bond.pdbx_ordinal 
CAC AS    O1     doub N N 1   
CAC AS    O2     sing N N 2   
CAC AS    C1     sing N N 3   
CAC AS    C2     sing N N 4   
CAC C1    H11    sing N N 5   
CAC C1    H12    sing N N 6   
CAC C1    H13    sing N N 7   
CAC C2    H21    sing N N 8   
CAC C2    H22    sing N N 9   
CAC C2    H23    sing N N 10  
DA  OP3   P      sing N N 11  
DA  OP3   HOP3   sing N N 12  
DA  P     OP1    doub N N 13  
DA  P     OP2    sing N N 14  
DA  P     "O5'"  sing N N 15  
DA  OP2   HOP2   sing N N 16  
DA  "O5'" "C5'"  sing N N 17  
DA  "C5'" "C4'"  sing N N 18  
DA  "C5'" "H5'"  sing N N 19  
DA  "C5'" "H5''" sing N N 20  
DA  "C4'" "O4'"  sing N N 21  
DA  "C4'" "C3'"  sing N N 22  
DA  "C4'" "H4'"  sing N N 23  
DA  "O4'" "C1'"  sing N N 24  
DA  "C3'" "O3'"  sing N N 25  
DA  "C3'" "C2'"  sing N N 26  
DA  "C3'" "H3'"  sing N N 27  
DA  "O3'" "HO3'" sing N N 28  
DA  "C2'" "C1'"  sing N N 29  
DA  "C2'" "H2'"  sing N N 30  
DA  "C2'" "H2''" sing N N 31  
DA  "C1'" N9     sing N N 32  
DA  "C1'" "H1'"  sing N N 33  
DA  N9    C8     sing Y N 34  
DA  N9    C4     sing Y N 35  
DA  C8    N7     doub Y N 36  
DA  C8    H8     sing N N 37  
DA  N7    C5     sing Y N 38  
DA  C5    C6     sing Y N 39  
DA  C5    C4     doub Y N 40  
DA  C6    N6     sing N N 41  
DA  C6    N1     doub Y N 42  
DA  N6    H61    sing N N 43  
DA  N6    H62    sing N N 44  
DA  N1    C2     sing Y N 45  
DA  C2    N3     doub Y N 46  
DA  C2    H2     sing N N 47  
DA  N3    C4     sing Y N 48  
DC  OP3   P      sing N N 49  
DC  OP3   HOP3   sing N N 50  
DC  P     OP1    doub N N 51  
DC  P     OP2    sing N N 52  
DC  P     "O5'"  sing N N 53  
DC  OP2   HOP2   sing N N 54  
DC  "O5'" "C5'"  sing N N 55  
DC  "C5'" "C4'"  sing N N 56  
DC  "C5'" "H5'"  sing N N 57  
DC  "C5'" "H5''" sing N N 58  
DC  "C4'" "O4'"  sing N N 59  
DC  "C4'" "C3'"  sing N N 60  
DC  "C4'" "H4'"  sing N N 61  
DC  "O4'" "C1'"  sing N N 62  
DC  "C3'" "O3'"  sing N N 63  
DC  "C3'" "C2'"  sing N N 64  
DC  "C3'" "H3'"  sing N N 65  
DC  "O3'" "HO3'" sing N N 66  
DC  "C2'" "C1'"  sing N N 67  
DC  "C2'" "H2'"  sing N N 68  
DC  "C2'" "H2''" sing N N 69  
DC  "C1'" N1     sing N N 70  
DC  "C1'" "H1'"  sing N N 71  
DC  N1    C2     sing N N 72  
DC  N1    C6     sing N N 73  
DC  C2    O2     doub N N 74  
DC  C2    N3     sing N N 75  
DC  N3    C4     doub N N 76  
DC  C4    N4     sing N N 77  
DC  C4    C5     sing N N 78  
DC  N4    H41    sing N N 79  
DC  N4    H42    sing N N 80  
DC  C5    C6     doub N N 81  
DC  C5    H5     sing N N 82  
DC  C6    H6     sing N N 83  
DG  OP3   P      sing N N 84  
DG  OP3   HOP3   sing N N 85  
DG  P     OP1    doub N N 86  
DG  P     OP2    sing N N 87  
DG  P     "O5'"  sing N N 88  
DG  OP2   HOP2   sing N N 89  
DG  "O5'" "C5'"  sing N N 90  
DG  "C5'" "C4'"  sing N N 91  
DG  "C5'" "H5'"  sing N N 92  
DG  "C5'" "H5''" sing N N 93  
DG  "C4'" "O4'"  sing N N 94  
DG  "C4'" "C3'"  sing N N 95  
DG  "C4'" "H4'"  sing N N 96  
DG  "O4'" "C1'"  sing N N 97  
DG  "C3'" "O3'"  sing N N 98  
DG  "C3'" "C2'"  sing N N 99  
DG  "C3'" "H3'"  sing N N 100 
DG  "O3'" "HO3'" sing N N 101 
DG  "C2'" "C1'"  sing N N 102 
DG  "C2'" "H2'"  sing N N 103 
DG  "C2'" "H2''" sing N N 104 
DG  "C1'" N9     sing N N 105 
DG  "C1'" "H1'"  sing N N 106 
DG  N9    C8     sing Y N 107 
DG  N9    C4     sing Y N 108 
DG  C8    N7     doub Y N 109 
DG  C8    H8     sing N N 110 
DG  N7    C5     sing Y N 111 
DG  C5    C6     sing N N 112 
DG  C5    C4     doub Y N 113 
DG  C6    O6     doub N N 114 
DG  C6    N1     sing N N 115 
DG  N1    C2     sing N N 116 
DG  N1    H1     sing N N 117 
DG  C2    N2     sing N N 118 
DG  C2    N3     doub N N 119 
DG  N2    H21    sing N N 120 
DG  N2    H22    sing N N 121 
DG  N3    C4     sing N N 122 
DT  OP3   P      sing N N 123 
DT  OP3   HOP3   sing N N 124 
DT  P     OP1    doub N N 125 
DT  P     OP2    sing N N 126 
DT  P     "O5'"  sing N N 127 
DT  OP2   HOP2   sing N N 128 
DT  "O5'" "C5'"  sing N N 129 
DT  "C5'" "C4'"  sing N N 130 
DT  "C5'" "H5'"  sing N N 131 
DT  "C5'" "H5''" sing N N 132 
DT  "C4'" "O4'"  sing N N 133 
DT  "C4'" "C3'"  sing N N 134 
DT  "C4'" "H4'"  sing N N 135 
DT  "O4'" "C1'"  sing N N 136 
DT  "C3'" "O3'"  sing N N 137 
DT  "C3'" "C2'"  sing N N 138 
DT  "C3'" "H3'"  sing N N 139 
DT  "O3'" "HO3'" sing N N 140 
DT  "C2'" "C1'"  sing N N 141 
DT  "C2'" "H2'"  sing N N 142 
DT  "C2'" "H2''" sing N N 143 
DT  "C1'" N1     sing N N 144 
DT  "C1'" "H1'"  sing N N 145 
DT  N1    C2     sing N N 146 
DT  N1    C6     sing N N 147 
DT  C2    O2     doub N N 148 
DT  C2    N3     sing N N 149 
DT  N3    C4     sing N N 150 
DT  N3    H3     sing N N 151 
DT  C4    O4     doub N N 152 
DT  C4    C5     sing N N 153 
DT  C5    C7     sing N N 154 
DT  C5    C6     doub N N 155 
DT  C7    H71    sing N N 156 
DT  C7    H72    sing N N 157 
DT  C7    H73    sing N N 158 
DT  C6    H6     sing N N 159 
# 
loop_
_ndb_struct_conf_na.entry_id 
_ndb_struct_conf_na.feature 
7JKH 'double helix'         
7JKH 'a-form double helix'  
7JKH 'b-form double helix'  
7JKH 'mismatched base pair' 
# 
loop_
_ndb_struct_na_base_pair.model_number 
_ndb_struct_na_base_pair.i_label_asym_id 
_ndb_struct_na_base_pair.i_label_comp_id 
_ndb_struct_na_base_pair.i_label_seq_id 
_ndb_struct_na_base_pair.i_symmetry 
_ndb_struct_na_base_pair.j_label_asym_id 
_ndb_struct_na_base_pair.j_label_comp_id 
_ndb_struct_na_base_pair.j_label_seq_id 
_ndb_struct_na_base_pair.j_symmetry 
_ndb_struct_na_base_pair.shear 
_ndb_struct_na_base_pair.stretch 
_ndb_struct_na_base_pair.stagger 
_ndb_struct_na_base_pair.buckle 
_ndb_struct_na_base_pair.propeller 
_ndb_struct_na_base_pair.opening 
_ndb_struct_na_base_pair.pair_number 
_ndb_struct_na_base_pair.pair_name 
_ndb_struct_na_base_pair.i_auth_asym_id 
_ndb_struct_na_base_pair.i_auth_seq_id 
_ndb_struct_na_base_pair.i_PDB_ins_code 
_ndb_struct_na_base_pair.j_auth_asym_id 
_ndb_struct_na_base_pair.j_auth_seq_id 
_ndb_struct_na_base_pair.j_PDB_ins_code 
_ndb_struct_na_base_pair.hbond_type_28 
_ndb_struct_na_base_pair.hbond_type_12 
1 B DA 3  1_555 D DT 7 1_555 -0.257 -0.037 0.645  7.882   -9.817  2.533   1  B_DA9:DT42_D  B 9  ? D 42 ? 20 1 
1 B DC 4  1_555 D DG 6 1_555 -0.935 0.058  0.033  2.758   -5.738  -4.255  2  B_DC10:DG41_D B 10 ? D 41 ? 19 1 
1 B DG 5  1_555 D DC 5 1_555 0.687  0.300  0.447  4.685   -13.253 -1.426  3  B_DG11:DC40_D B 11 ? D 40 ? 19 1 
1 B DA 6  1_555 D DT 4 1_555 0.747  0.020  0.096  5.147   -16.096 -2.514  4  B_DA12:DT39_D B 12 ? D 39 ? 20 1 
1 B DC 7  1_555 D DG 3 1_555 -0.758 -0.051 0.249  2.221   -15.364 -0.660  5  B_DC13:DG38_D B 13 ? D 38 ? 19 1 
1 B DA 8  1_555 D DT 2 1_555 0.258  -0.108 0.174  -8.638  -11.193 -13.610 6  B_DA14:DT37_D B 14 ? D 37 ? 20 1 
1 B DC 9  1_555 D DG 1 1_555 -0.133 -0.225 0.934  -13.464 -10.942 -5.779  7  B_DC15:DG36_D B 15 ? D 36 ? 19 1 
1 B DC 10 1_555 A DG 6 1_555 -1.960 0.621  0.143  -6.216  -5.396  10.258  8  B_DC16:DG6_A  B 16 ? A 6  ? ?  1 
1 B DG 11 1_555 A DC 5 1_555 1.029  0.090  0.731  10.363  -3.650  4.272   9  B_DG17:DC5_A  B 17 ? A 5  ? 19 1 
1 B DA 12 1_555 A DT 4 1_555 1.001  0.141  1.241  10.845  -6.425  -5.493  10 B_DA18:DT4_A  B 18 ? A 4  ? 20 1 
1 B DC 13 1_555 A DG 3 1_555 -0.531 -0.005 0.446  1.018   -8.143  -9.651  11 B_DC19:DG3_A  B 19 ? A 3  ? 19 1 
1 B DG 14 1_555 A DC 2 1_555 0.205  -0.271 0.508  6.984   -12.401 -16.675 12 B_DG20:DC2_A  B 20 ? A 2  ? 19 1 
1 B DG 15 1_555 A DC 1 1_555 0.511  -0.057 0.344  -4.319  -10.602 -20.608 13 B_DG21:DC1_A  B 21 ? A 1  ? 19 1 
1 B DG 16 1_555 C DC 8 1_555 -1.242 -0.376 0.918  3.734   -6.709  -11.475 14 B_DG22:DC35_C B 22 ? C 35 ? 19 1 
1 B DG 17 1_555 C DC 7 1_555 0.997  0.248  0.790  7.584   -10.869 1.411   15 B_DG23:DC34_C B 23 ? C 34 ? 19 1 
1 B DA 18 1_555 C DT 6 1_555 1.020  -0.216 0.166  -0.392  -8.343  4.147   16 B_DA24:DT33_C B 24 ? C 33 ? 20 1 
1 B DC 19 1_555 C DG 5 1_555 -0.570 -0.113 -0.180 -1.957  -6.827  6.661   17 B_DC25:DG32_C B 25 ? C 32 ? 19 1 
1 B DT 20 1_555 C DA 4 1_555 -0.691 0.145  -0.027 0.277   -10.541 -2.526  18 B_DT26:DA31_C B 26 ? C 31 ? 20 1 
1 B DC 21 1_555 C DG 3 1_555 -0.540 0.306  -0.262 10.891  -13.883 4.894   19 B_DC27:DG30_C B 27 ? C 30 ? 19 1 
# 
loop_
_ndb_struct_na_base_pair_step.model_number 
_ndb_struct_na_base_pair_step.i_label_asym_id_1 
_ndb_struct_na_base_pair_step.i_label_comp_id_1 
_ndb_struct_na_base_pair_step.i_label_seq_id_1 
_ndb_struct_na_base_pair_step.i_symmetry_1 
_ndb_struct_na_base_pair_step.j_label_asym_id_1 
_ndb_struct_na_base_pair_step.j_label_comp_id_1 
_ndb_struct_na_base_pair_step.j_label_seq_id_1 
_ndb_struct_na_base_pair_step.j_symmetry_1 
_ndb_struct_na_base_pair_step.i_label_asym_id_2 
_ndb_struct_na_base_pair_step.i_label_comp_id_2 
_ndb_struct_na_base_pair_step.i_label_seq_id_2 
_ndb_struct_na_base_pair_step.i_symmetry_2 
_ndb_struct_na_base_pair_step.j_label_asym_id_2 
_ndb_struct_na_base_pair_step.j_label_comp_id_2 
_ndb_struct_na_base_pair_step.j_label_seq_id_2 
_ndb_struct_na_base_pair_step.j_symmetry_2 
_ndb_struct_na_base_pair_step.shift 
_ndb_struct_na_base_pair_step.slide 
_ndb_struct_na_base_pair_step.rise 
_ndb_struct_na_base_pair_step.tilt 
_ndb_struct_na_base_pair_step.roll 
_ndb_struct_na_base_pair_step.twist 
_ndb_struct_na_base_pair_step.x_displacement 
_ndb_struct_na_base_pair_step.y_displacement 
_ndb_struct_na_base_pair_step.helical_rise 
_ndb_struct_na_base_pair_step.inclination 
_ndb_struct_na_base_pair_step.tip 
_ndb_struct_na_base_pair_step.helical_twist 
_ndb_struct_na_base_pair_step.step_number 
_ndb_struct_na_base_pair_step.step_name 
_ndb_struct_na_base_pair_step.i_auth_asym_id_1 
_ndb_struct_na_base_pair_step.i_auth_seq_id_1 
_ndb_struct_na_base_pair_step.i_PDB_ins_code_1 
_ndb_struct_na_base_pair_step.j_auth_asym_id_1 
_ndb_struct_na_base_pair_step.j_auth_seq_id_1 
_ndb_struct_na_base_pair_step.j_PDB_ins_code_1 
_ndb_struct_na_base_pair_step.i_auth_asym_id_2 
_ndb_struct_na_base_pair_step.i_auth_seq_id_2 
_ndb_struct_na_base_pair_step.i_PDB_ins_code_2 
_ndb_struct_na_base_pair_step.j_auth_asym_id_2 
_ndb_struct_na_base_pair_step.j_auth_seq_id_2 
_ndb_struct_na_base_pair_step.j_PDB_ins_code_2 
1 B DA 3  1_555 D DT 7 1_555 B DC 4  1_555 D DG 6 1_555 -0.662 -0.695 3.420 1.162  1.612  33.794 -1.463 1.330  3.360 2.771  -1.996 
33.850 1  BB_DA9DC10:DG41DT42_DD  B 9  ? D 42 ? B 10 ? D 41 ? 
1 B DC 4  1_555 D DG 6 1_555 B DG 5  1_555 D DC 5 1_555 0.164  -0.246 3.505 -1.713 1.331  37.172 -0.574 -0.501 3.484 2.086  2.684 
37.233 2  BB_DC10DG11:DC40DG41_DD B 10 ? D 41 ? B 11 ? D 40 ? 
1 B DG 5  1_555 D DC 5 1_555 B DA 6  1_555 D DT 4 1_555 -0.238 0.007  3.294 0.946  1.885  35.277 -0.268 0.532  3.283 3.107  -1.559 
35.338 3  BB_DG11DA12:DT39DC40_DD B 11 ? D 40 ? B 12 ? D 39 ? 
1 B DA 6  1_555 D DT 4 1_555 B DC 7  1_555 D DG 3 1_555 0.654  -0.829 3.223 -0.158 -3.979 24.020 -0.710 -1.601 3.310 -9.477 0.375 
24.343 4  BB_DA12DC13:DG38DT39_DD B 12 ? D 39 ? B 13 ? D 38 ? 
1 B DC 7  1_555 D DG 3 1_555 B DA 8  1_555 D DT 2 1_555 -0.411 -0.828 3.454 0.472  -0.570 46.652 -0.995 0.561  3.459 -0.720 -0.596 
46.657 5  BB_DC13DA14:DT37DG38_DD B 13 ? D 38 ? B 14 ? D 37 ? 
1 B DA 8  1_555 D DT 2 1_555 B DC 9  1_555 D DG 1 1_555 0.474  -1.157 3.419 -7.169 0.066  34.536 -1.920 -1.880 3.256 0.110  11.916 
35.250 6  BB_DA14DC15:DG36DT37_DD B 14 ? D 37 ? B 15 ? D 36 ? 
1 B DC 9  1_555 D DG 1 1_555 B DC 10 1_555 A DG 6 1_555 -1.036 -1.583 2.789 4.727  -1.908 17.585 -4.086 5.461  2.579 -6.077 
-15.056 18.303 7  BB_DC15DC16:DG6DG36_AD  B 15 ? D 36 ? B 16 ? A 6  ? 
1 B DC 10 1_555 A DG 6 1_555 B DG 11 1_555 A DC 5 1_555 -0.210 0.316  2.997 -4.023 7.257  47.777 -0.135 -0.033 3.018 8.881  4.923 
48.450 8  BB_DC16DG17:DC5DG6_AA   B 16 ? A 6  ? B 17 ? A 5  ? 
1 B DG 11 1_555 A DC 5 1_555 B DA 12 1_555 A DT 4 1_555 -0.630 -0.298 3.177 -4.079 2.735  38.092 -0.787 0.461  3.197 4.169  6.218 
38.396 9  BB_DG17DA18:DT4DC5_AA   B 17 ? A 5  ? B 18 ? A 4  ? 
1 B DA 12 1_555 A DT 4 1_555 B DC 13 1_555 A DG 3 1_555 0.196  -1.525 3.478 3.351  -0.486 24.716 -3.376 0.619  3.502 -1.130 -7.782 
24.943 10 BB_DA18DC19:DG3DT4_AA   B 18 ? A 4  ? B 19 ? A 3  ? 
1 B DC 13 1_555 A DG 3 1_555 B DG 14 1_555 A DC 2 1_555 -0.057 -0.937 3.288 -1.489 2.373  31.465 -2.160 -0.170 3.210 4.365  2.739 
31.586 11 BB_DC19DG20:DC2DG3_AA   B 19 ? A 3  ? B 20 ? A 2  ? 
1 B DG 14 1_555 A DC 2 1_555 B DG 15 1_555 A DC 1 1_555 0.208  -1.739 3.587 -2.919 0.084  38.077 -2.670 -0.721 3.558 0.128  4.466 
38.184 12 BB_DG20DG21:DC1DC2_AA   B 20 ? A 2  ? B 21 ? A 1  ? 
1 B DG 15 1_555 A DC 1 1_555 B DG 16 1_555 C DC 8 1_555 -0.336 -1.136 2.933 -4.276 -3.272 23.555 -1.745 -0.464 3.072 -7.883 10.303 
24.154 13 BB_DG21DG22:DC35DC1_CA  B 21 ? A 1  ? B 22 ? C 35 ? 
1 B DG 16 1_555 C DC 8 1_555 B DG 17 1_555 C DC 7 1_555 -0.178 0.056  3.407 -0.088 6.248  47.698 -0.443 0.212  3.388 7.687  0.109 
48.082 14 BB_DG22DG23:DC34DC35_CC B 22 ? C 35 ? B 23 ? C 34 ? 
1 B DG 17 1_555 C DC 7 1_555 B DA 18 1_555 C DT 6 1_555 -0.401 -0.263 3.498 2.747  4.027  33.202 -1.156 1.173  3.401 7.000  -4.775 
33.548 15 BB_DG23DA24:DT33DC34_CC B 23 ? C 34 ? B 24 ? C 33 ? 
1 B DA 18 1_555 C DT 6 1_555 B DC 19 1_555 C DG 5 1_555 0.700  -1.029 3.248 2.529  0.542  25.295 -2.495 -0.862 3.278 1.235  -5.755 
25.425 16 BB_DA24DC25:DG32DT33_CC B 24 ? C 33 ? B 25 ? C 32 ? 
1 B DC 19 1_555 C DG 5 1_555 B DT 20 1_555 C DA 4 1_555 -0.291 -0.403 3.269 2.524  3.392  33.151 -1.257 0.920  3.183 5.914  -4.400 
33.412 17 BB_DC25DT26:DA31DG32_CC B 25 ? C 32 ? B 26 ? C 31 ? 
1 B DT 20 1_555 C DA 4 1_555 B DC 21 1_555 C DG 3 1_555 0.316  0.303  3.208 4.861  4.329  36.008 -0.109 0.161  3.235 6.934  -7.786 
36.572 18 BB_DT26DC27:DG30DA31_CC B 26 ? C 31 ? B 27 ? C 30 ? 
# 
loop_
_pdbx_audit_support.funding_organization 
_pdbx_audit_support.country 
_pdbx_audit_support.grant_number 
_pdbx_audit_support.ordinal 
'National Science Foundation (NSF, United States)'                                         'United States' 1360635     1 
'National Institutes of Health/National Institute of General Medical Sciences (NIH/NIGMS)' 'United States' R01GM104960 2 
'National Science Foundation (NSF, United States)'                                         'United States' NSF2004250  3 
# 
_pdbx_entity_nonpoly.entity_id   5 
_pdbx_entity_nonpoly.name        'CACODYLATE ION' 
_pdbx_entity_nonpoly.comp_id     CAC 
# 
_pdbx_initial_refinement_model.id               1 
_pdbx_initial_refinement_model.entity_id_list   ? 
_pdbx_initial_refinement_model.type             'experimental model' 
_pdbx_initial_refinement_model.source_name      PDB 
_pdbx_initial_refinement_model.accession_code   5VY6 
_pdbx_initial_refinement_model.details          ? 
# 
_pdbx_struct_assembly_auth_evidence.id                     1 
_pdbx_struct_assembly_auth_evidence.assembly_id            1 
_pdbx_struct_assembly_auth_evidence.experimental_support   none 
_pdbx_struct_assembly_auth_evidence.details                ? 
# 
